data_4WSK
#
_entry.id   4WSK
#
_cell.length_a   55.650
_cell.length_b   186.520
_cell.length_c   98.150
_cell.angle_alpha   90.000
_cell.angle_beta   94.200
_cell.angle_gamma   90.000
#
_symmetry.space_group_name_H-M   'P 1 21 1'
#
loop_
_entity.id
_entity.type
_entity.pdbx_description
1 polymer Alpha-L-fucosidase
2 non-polymer 'SULFATE ION'
3 non-polymer N-[(1S,2R,3R,4S,5R)-3,4,5-trihydroxy-2-methylcyclohexyl]benzamide
4 non-polymer IMIDAZOLE
5 water water
#
_entity_poly.entity_id   1
_entity_poly.type   'polypeptide(L)'
_entity_poly.pdbx_seq_one_letter_code
;MGSSHHHHHHSSGLEVLFQGPAAEIPLKYGATNEGKRQDPAMQKFRDNRLGAFIHWGLYAIPGGEWNGKVYGGAAEWLKS
WAKVPADEWLKLMDQWNPTKFDAKKWAKMAKEMGTKYVKITTKHHEGFCLWPSKYTKYTVANTPYKRDILGELVKAYNDE
GIDVHFYFSVMDWSNPDYRYDIKSKEDSIAFSRFLEFTDNQLKELATRYPTVKDFWFDGTWDASVKKNGWWTAHAEQMLK
ELVPGVAINSRLRADDKGKRHFDSNGRLMGDYESGYERRLPDPVKDLKVTQWDWEACMTIPENQWGYHKDWSLSYVKTPI
EVIDRIVHAVSMGGNMVVNFGPQADGDFRPEEKAMATAIGKWMNRYGKAVYACDYAGFEKQDWGYYTRGKNDEVYMVVFN
QPYSERLIVKTPKGITVEKATLLTTGEDITVVETTRNEYNVSVPKKNPGEPYVIQLKVRAAKGTKSIYR
;
_entity_poly.pdbx_strand_id   A,B,C,D
#
# COMPACT_ATOMS: atom_id res chain seq x y z
N GLU A 24 -62.28 -52.78 3.97
CA GLU A 24 -61.16 -52.32 4.82
C GLU A 24 -59.84 -53.17 4.79
N ILE A 25 -58.97 -52.90 3.82
CA ILE A 25 -57.80 -53.75 3.60
C ILE A 25 -56.66 -53.32 4.52
N PRO A 26 -56.06 -54.26 5.29
CA PRO A 26 -54.98 -53.72 6.11
C PRO A 26 -53.65 -53.66 5.31
N LEU A 27 -52.86 -52.63 5.59
CA LEU A 27 -51.76 -52.17 4.72
C LEU A 27 -50.65 -51.65 5.63
N LYS A 28 -49.38 -51.98 5.36
CA LYS A 28 -48.27 -51.36 6.11
C LYS A 28 -47.78 -50.01 5.49
N TYR A 29 -47.91 -49.88 4.16
CA TYR A 29 -47.34 -48.75 3.40
C TYR A 29 -48.40 -47.96 2.62
N GLY A 30 -49.62 -47.92 3.14
CA GLY A 30 -50.67 -47.06 2.61
C GLY A 30 -50.61 -45.69 3.28
N ALA A 31 -51.72 -44.93 3.25
CA ALA A 31 -51.70 -43.51 3.62
C ALA A 31 -51.35 -43.28 5.06
N THR A 32 -50.75 -42.12 5.32
CA THR A 32 -50.26 -41.78 6.65
C THR A 32 -50.97 -40.54 7.19
N ASN A 33 -51.08 -39.46 6.39
CA ASN A 33 -51.78 -38.23 6.77
C ASN A 33 -53.29 -38.41 6.93
N GLU A 34 -53.93 -37.87 7.97
CA GLU A 34 -55.39 -37.98 8.07
C GLU A 34 -56.08 -37.01 7.08
N GLY A 35 -56.18 -35.73 7.38
CA GLY A 35 -56.76 -34.85 6.33
C GLY A 35 -55.65 -34.10 5.60
N LYS A 36 -55.91 -32.87 5.20
CA LYS A 36 -54.83 -31.92 4.86
C LYS A 36 -53.91 -31.60 6.06
N ARG A 37 -52.60 -31.50 5.82
CA ARG A 37 -51.64 -30.95 6.83
C ARG A 37 -51.91 -29.47 7.07
N GLN A 38 -51.82 -29.05 8.31
CA GLN A 38 -52.14 -27.69 8.65
C GLN A 38 -50.96 -27.02 9.34
N ASP A 39 -49.85 -27.73 9.39
CA ASP A 39 -48.63 -27.14 9.87
C ASP A 39 -48.23 -26.00 8.93
N PRO A 40 -47.49 -25.02 9.45
CA PRO A 40 -47.08 -23.82 8.74
C PRO A 40 -46.33 -24.12 7.45
N ALA A 41 -45.51 -25.18 7.41
CA ALA A 41 -44.83 -25.43 6.14
C ALA A 41 -45.82 -25.91 5.03
N MET A 42 -46.81 -26.76 5.39
CA MET A 42 -47.83 -27.07 4.41
C MET A 42 -48.66 -25.82 4.04
N GLN A 43 -48.98 -24.97 5.01
CA GLN A 43 -49.72 -23.75 4.70
C GLN A 43 -48.97 -22.87 3.71
N LYS A 44 -47.65 -22.86 3.82
CA LYS A 44 -46.83 -22.06 2.94
C LYS A 44 -46.84 -22.67 1.53
N PHE A 45 -46.65 -23.98 1.45
CA PHE A 45 -46.67 -24.77 0.17
C PHE A 45 -47.97 -24.42 -0.55
N ARG A 46 -49.08 -24.48 0.18
CA ARG A 46 -50.42 -24.21 -0.37
C ARG A 46 -50.58 -22.72 -0.70
N ASP A 47 -50.27 -21.80 0.23
CA ASP A 47 -50.58 -20.37 -0.01
C ASP A 47 -49.71 -19.83 -1.15
N ASN A 48 -48.56 -20.47 -1.38
CA ASN A 48 -47.76 -20.05 -2.53
C ASN A 48 -48.58 -20.03 -3.86
N ARG A 49 -49.35 -21.12 -4.09
CA ARG A 49 -50.24 -21.31 -5.26
C ARG A 49 -49.62 -21.37 -6.64
N LEU A 50 -48.79 -20.40 -7.00
CA LEU A 50 -48.18 -20.30 -8.32
C LEU A 50 -46.71 -20.63 -8.32
N GLY A 51 -46.35 -21.68 -9.06
CA GLY A 51 -44.95 -22.08 -9.21
C GLY A 51 -44.47 -22.07 -10.63
N ALA A 52 -43.16 -22.25 -10.82
CA ALA A 52 -42.59 -22.48 -12.18
C ALA A 52 -41.84 -23.78 -12.12
N PHE A 53 -41.79 -24.48 -13.25
CA PHE A 53 -41.01 -25.73 -13.29
C PHE A 53 -39.79 -25.42 -14.16
N ILE A 54 -38.63 -25.99 -13.81
CA ILE A 54 -37.47 -25.99 -14.66
C ILE A 54 -37.12 -27.40 -15.05
N HIS A 55 -37.12 -27.69 -16.34
CA HIS A 55 -36.63 -29.02 -16.79
C HIS A 55 -35.31 -28.74 -17.48
N TRP A 56 -34.18 -29.12 -16.90
CA TRP A 56 -32.89 -28.76 -17.56
C TRP A 56 -31.95 -29.92 -17.37
N GLY A 57 -31.37 -30.36 -18.46
CA GLY A 57 -30.53 -31.55 -18.39
C GLY A 57 -29.98 -31.76 -19.80
N LEU A 58 -29.35 -32.93 -20.03
CA LEU A 58 -28.55 -33.13 -21.28
C LEU A 58 -29.39 -33.04 -22.52
N TYR A 59 -30.68 -33.33 -22.38
CA TYR A 59 -31.64 -33.25 -23.51
C TYR A 59 -31.75 -31.89 -24.08
N ALA A 60 -31.36 -30.87 -23.32
CA ALA A 60 -31.49 -29.51 -23.89
C ALA A 60 -30.44 -29.31 -24.97
N ILE A 61 -29.41 -30.18 -25.01
CA ILE A 61 -28.37 -29.96 -26.06
C ILE A 61 -28.91 -30.36 -27.45
N PRO A 62 -29.26 -31.64 -27.65
CA PRO A 62 -29.81 -31.97 -28.96
C PRO A 62 -31.22 -31.31 -29.21
N GLY A 63 -31.99 -31.06 -28.13
CA GLY A 63 -33.27 -30.22 -28.30
C GLY A 63 -34.26 -30.92 -29.22
N GLY A 64 -34.38 -32.22 -29.06
CA GLY A 64 -35.37 -32.96 -29.86
C GLY A 64 -34.88 -33.51 -31.20
N GLU A 65 -33.61 -33.28 -31.50
CA GLU A 65 -33.10 -33.77 -32.77
C GLU A 65 -31.92 -34.70 -32.56
N TRP A 66 -31.82 -35.79 -33.31
CA TRP A 66 -30.70 -36.74 -33.20
C TRP A 66 -30.39 -37.32 -34.57
N ASN A 67 -29.11 -37.33 -34.95
CA ASN A 67 -28.64 -37.86 -36.24
C ASN A 67 -29.52 -37.35 -37.36
N GLY A 68 -29.68 -36.04 -37.48
CA GLY A 68 -30.53 -35.49 -38.50
C GLY A 68 -32.04 -35.62 -38.36
N LYS A 69 -32.59 -36.51 -37.53
CA LYS A 69 -34.05 -36.59 -37.45
C LYS A 69 -34.58 -35.75 -36.28
N VAL A 70 -35.47 -34.79 -36.56
CA VAL A 70 -36.17 -34.01 -35.48
C VAL A 70 -37.32 -34.87 -34.94
N TYR A 71 -37.37 -35.20 -33.66
CA TYR A 71 -38.46 -36.05 -33.15
C TYR A 71 -39.56 -35.17 -32.52
N GLY A 72 -40.84 -35.46 -32.82
CA GLY A 72 -41.97 -34.69 -32.28
C GLY A 72 -42.29 -35.03 -30.84
N GLY A 73 -41.87 -36.20 -30.34
CA GLY A 73 -42.05 -36.57 -28.90
C GLY A 73 -41.37 -35.59 -27.88
N ALA A 74 -41.68 -35.75 -26.61
CA ALA A 74 -41.13 -34.79 -25.58
C ALA A 74 -39.57 -34.84 -25.64
N ALA A 75 -38.93 -33.66 -25.81
CA ALA A 75 -37.44 -33.54 -25.96
C ALA A 75 -36.69 -34.19 -24.87
N GLU A 76 -37.25 -34.17 -23.67
CA GLU A 76 -36.55 -34.83 -22.57
C GLU A 76 -36.52 -36.34 -22.67
N TRP A 77 -37.41 -36.92 -23.51
CA TRP A 77 -37.45 -38.37 -23.76
C TRP A 77 -36.67 -38.78 -25.03
N LEU A 78 -35.95 -37.84 -25.66
CA LEU A 78 -35.30 -38.15 -26.95
C LEU A 78 -34.36 -39.38 -26.93
N LYS A 79 -33.66 -39.62 -25.83
CA LYS A 79 -32.83 -40.86 -25.71
C LYS A 79 -33.68 -42.08 -26.10
N SER A 80 -34.96 -42.02 -25.73
CA SER A 80 -35.86 -43.12 -25.91
C SER A 80 -36.38 -43.07 -27.33
N TRP A 81 -36.90 -41.93 -27.78
CA TRP A 81 -37.35 -41.83 -29.19
C TRP A 81 -36.28 -42.21 -30.21
N ALA A 82 -35.04 -41.85 -29.97
CA ALA A 82 -34.02 -42.08 -30.97
C ALA A 82 -33.28 -43.40 -30.67
N LYS A 83 -33.72 -44.14 -29.66
CA LYS A 83 -33.10 -45.39 -29.26
C LYS A 83 -31.59 -45.21 -28.96
N VAL A 84 -31.20 -44.15 -28.27
CA VAL A 84 -29.77 -43.92 -28.05
C VAL A 84 -29.23 -44.72 -26.83
N PRO A 85 -28.13 -45.49 -27.01
CA PRO A 85 -27.54 -46.22 -25.87
C PRO A 85 -27.09 -45.28 -24.74
N ALA A 86 -27.16 -45.73 -23.52
CA ALA A 86 -26.78 -44.87 -22.39
C ALA A 86 -25.37 -44.28 -22.52
N ASP A 87 -24.38 -45.11 -22.87
CA ASP A 87 -23.01 -44.59 -23.01
C ASP A 87 -22.97 -43.44 -23.98
N GLU A 88 -23.66 -43.57 -25.12
CA GLU A 88 -23.58 -42.53 -26.09
C GLU A 88 -24.47 -41.33 -25.69
N TRP A 89 -25.62 -41.58 -25.06
CA TRP A 89 -26.41 -40.39 -24.59
C TRP A 89 -25.59 -39.54 -23.62
N LEU A 90 -25.00 -40.20 -22.63
CA LEU A 90 -24.29 -39.52 -21.52
C LEU A 90 -23.00 -38.80 -21.95
N LYS A 91 -22.44 -39.16 -23.10
CA LYS A 91 -21.30 -38.43 -23.64
C LYS A 91 -21.74 -37.04 -24.02
N LEU A 92 -23.04 -36.75 -24.03
CA LEU A 92 -23.47 -35.30 -24.17
C LEU A 92 -22.89 -34.38 -23.05
N MET A 93 -22.60 -34.96 -21.90
CA MET A 93 -21.89 -34.19 -20.86
C MET A 93 -20.70 -33.41 -21.39
N ASP A 94 -20.01 -33.98 -22.40
CA ASP A 94 -18.79 -33.30 -22.93
C ASP A 94 -19.15 -31.97 -23.57
N GLN A 95 -20.39 -31.82 -23.96
CA GLN A 95 -20.78 -30.52 -24.54
C GLN A 95 -21.59 -29.66 -23.55
N TRP A 96 -21.73 -30.11 -22.31
CA TRP A 96 -22.51 -29.29 -21.33
C TRP A 96 -21.68 -28.07 -20.87
N ASN A 97 -21.95 -26.94 -21.49
CA ASN A 97 -21.23 -25.74 -21.19
C ASN A 97 -22.08 -24.47 -21.30
N PRO A 98 -23.01 -24.27 -20.36
CA PRO A 98 -24.06 -23.21 -20.42
C PRO A 98 -23.50 -21.86 -20.05
N THR A 99 -22.67 -21.32 -20.94
CA THR A 99 -21.94 -20.10 -20.60
C THR A 99 -22.87 -18.90 -20.26
N LYS A 100 -24.08 -18.89 -20.79
CA LYS A 100 -24.98 -17.79 -20.39
C LYS A 100 -25.77 -18.04 -19.13
N PHE A 101 -25.57 -19.18 -18.49
CA PHE A 101 -26.26 -19.42 -17.23
C PHE A 101 -25.94 -18.35 -16.19
N ASP A 102 -26.97 -17.81 -15.57
CA ASP A 102 -26.75 -16.89 -14.45
C ASP A 102 -27.89 -17.08 -13.47
N ALA A 103 -27.63 -17.74 -12.33
CA ALA A 103 -28.76 -18.11 -11.40
C ALA A 103 -29.47 -16.87 -10.92
N LYS A 104 -28.76 -15.75 -10.70
CA LYS A 104 -29.46 -14.50 -10.28
C LYS A 104 -30.48 -13.99 -11.31
N LYS A 105 -30.13 -14.09 -12.58
CA LYS A 105 -31.08 -13.73 -13.64
C LYS A 105 -32.32 -14.67 -13.68
N TRP A 106 -32.08 -15.96 -13.50
CA TRP A 106 -33.19 -16.92 -13.49
C TRP A 106 -34.14 -16.58 -12.34
N ALA A 107 -33.60 -16.25 -11.16
CA ALA A 107 -34.41 -15.92 -9.97
C ALA A 107 -35.13 -14.61 -10.20
N LYS A 108 -34.47 -13.62 -10.84
CA LYS A 108 -35.19 -12.37 -11.20
C LYS A 108 -36.35 -12.65 -12.14
N MET A 109 -36.11 -13.50 -13.12
CA MET A 109 -37.26 -13.90 -14.03
C MET A 109 -38.45 -14.56 -13.31
N ALA A 110 -38.16 -15.53 -12.44
CA ALA A 110 -39.21 -16.11 -11.65
C ALA A 110 -39.92 -15.08 -10.81
N LYS A 111 -39.17 -14.15 -10.20
CA LYS A 111 -39.79 -13.17 -9.27
C LYS A 111 -40.70 -12.28 -10.04
N GLU A 112 -40.23 -11.86 -11.20
CA GLU A 112 -41.00 -10.94 -12.03
C GLU A 112 -42.27 -11.63 -12.64
N MET A 113 -42.23 -12.93 -12.85
CA MET A 113 -43.42 -13.69 -13.28
C MET A 113 -44.45 -13.82 -12.14
N GLY A 114 -44.07 -13.55 -10.90
CA GLY A 114 -45.01 -13.71 -9.79
C GLY A 114 -45.03 -15.15 -9.20
N THR A 115 -44.11 -16.04 -9.58
CA THR A 115 -44.00 -17.30 -8.90
C THR A 115 -43.52 -17.16 -7.43
N LYS A 116 -43.99 -18.01 -6.57
CA LYS A 116 -43.61 -18.02 -5.18
C LYS A 116 -42.76 -19.23 -4.94
N TYR A 117 -42.61 -20.08 -5.97
CA TYR A 117 -41.69 -21.22 -5.84
C TYR A 117 -41.27 -21.73 -7.18
N VAL A 118 -40.18 -22.48 -7.19
CA VAL A 118 -39.73 -23.12 -8.44
C VAL A 118 -39.34 -24.53 -8.14
N LYS A 119 -39.79 -25.44 -9.01
CA LYS A 119 -39.43 -26.85 -8.90
C LYS A 119 -38.37 -27.14 -9.99
N ILE A 120 -37.29 -27.86 -9.65
CA ILE A 120 -36.13 -28.00 -10.55
C ILE A 120 -35.85 -29.49 -10.70
N THR A 121 -35.61 -29.91 -11.93
CA THR A 121 -35.21 -31.30 -12.23
C THR A 121 -33.79 -31.46 -11.70
N THR A 122 -33.63 -32.14 -10.57
CA THR A 122 -32.29 -32.35 -9.99
C THR A 122 -31.61 -33.45 -10.80
N LYS A 123 -32.39 -34.43 -11.20
CA LYS A 123 -31.92 -35.54 -12.05
C LYS A 123 -33.16 -36.06 -12.85
N HIS A 124 -33.09 -36.07 -14.17
CA HIS A 124 -34.23 -36.61 -14.95
C HIS A 124 -33.97 -38.13 -15.25
N HIS A 125 -34.79 -38.75 -16.11
CA HIS A 125 -34.64 -40.19 -16.38
C HIS A 125 -33.22 -40.52 -16.92
N GLU A 126 -32.63 -39.60 -17.70
CA GLU A 126 -31.28 -39.82 -18.27
C GLU A 126 -30.25 -40.04 -17.13
N GLY A 127 -30.56 -39.63 -15.91
CA GLY A 127 -29.68 -39.91 -14.77
C GLY A 127 -28.54 -38.92 -14.52
N PHE A 128 -28.42 -37.91 -15.36
CA PHE A 128 -27.47 -36.81 -15.19
C PHE A 128 -27.86 -35.87 -14.04
N CYS A 129 -26.95 -35.64 -13.08
CA CYS A 129 -27.32 -34.85 -11.89
C CYS A 129 -26.90 -33.43 -12.01
N LEU A 130 -27.82 -32.51 -11.66
CA LEU A 130 -27.48 -31.07 -11.74
C LEU A 130 -26.74 -30.58 -10.49
N TRP A 131 -26.55 -31.48 -9.51
CA TRP A 131 -25.58 -31.30 -8.41
C TRP A 131 -24.45 -32.41 -8.45
N PRO A 132 -23.31 -32.08 -7.80
CA PRO A 132 -22.13 -32.94 -7.88
C PRO A 132 -22.30 -34.16 -7.02
N SER A 133 -23.19 -35.04 -7.40
CA SER A 133 -23.40 -36.21 -6.58
C SER A 133 -22.09 -37.04 -6.37
N LYS A 134 -21.91 -37.48 -5.15
CA LYS A 134 -20.74 -38.36 -4.93
C LYS A 134 -21.03 -39.83 -5.31
N TYR A 135 -22.24 -40.12 -5.80
CA TYR A 135 -22.66 -41.51 -6.04
C TYR A 135 -22.69 -41.92 -7.48
N THR A 136 -22.30 -41.03 -8.37
CA THR A 136 -22.28 -41.38 -9.76
C THR A 136 -21.36 -40.46 -10.47
N LYS A 137 -20.78 -40.94 -11.57
CA LYS A 137 -19.96 -40.03 -12.38
C LYS A 137 -20.75 -39.09 -13.33
N TYR A 138 -22.06 -39.31 -13.49
CA TYR A 138 -22.85 -38.54 -14.52
C TYR A 138 -23.43 -37.35 -13.83
N THR A 139 -22.58 -36.36 -13.58
CA THR A 139 -22.95 -35.13 -12.86
C THR A 139 -22.33 -33.87 -13.53
N VAL A 140 -22.85 -32.69 -13.16
CA VAL A 140 -22.33 -31.42 -13.63
C VAL A 140 -20.79 -31.30 -13.37
N ALA A 141 -20.30 -31.91 -12.26
CA ALA A 141 -18.85 -31.92 -11.90
C ALA A 141 -17.96 -32.35 -13.08
N ASN A 142 -18.43 -33.34 -13.85
CA ASN A 142 -17.64 -33.91 -14.90
C ASN A 142 -18.04 -33.43 -16.26
N THR A 143 -18.26 -32.12 -16.37
CA THR A 143 -18.61 -31.48 -17.64
C THR A 143 -17.63 -30.30 -17.76
N PRO A 144 -17.44 -29.72 -18.94
CA PRO A 144 -16.63 -28.51 -18.93
C PRO A 144 -17.09 -27.51 -17.90
N TYR A 145 -18.37 -27.48 -17.57
CA TYR A 145 -18.84 -26.34 -16.81
C TYR A 145 -18.47 -26.48 -15.34
N LYS A 146 -18.35 -27.72 -14.92
CA LYS A 146 -17.97 -28.13 -13.57
C LYS A 146 -18.88 -27.67 -12.41
N ARG A 147 -19.56 -26.54 -12.51
CA ARG A 147 -20.18 -25.95 -11.32
C ARG A 147 -21.47 -26.64 -10.84
N ASP A 148 -21.75 -26.52 -9.54
CA ASP A 148 -22.96 -27.02 -8.89
C ASP A 148 -24.13 -26.07 -9.31
N ILE A 149 -24.70 -26.27 -10.51
CA ILE A 149 -25.87 -25.49 -10.98
C ILE A 149 -26.99 -25.55 -9.94
N LEU A 150 -27.22 -26.73 -9.34
CA LEU A 150 -28.35 -26.87 -8.38
C LEU A 150 -28.19 -25.95 -7.15
N GLY A 151 -26.98 -25.97 -6.57
CA GLY A 151 -26.66 -25.09 -5.45
C GLY A 151 -26.77 -23.63 -5.80
N GLU A 152 -26.34 -23.25 -7.00
CA GLU A 152 -26.41 -21.84 -7.39
C GLU A 152 -27.88 -21.36 -7.49
N LEU A 153 -28.74 -22.23 -8.02
CA LEU A 153 -30.16 -21.87 -8.17
C LEU A 153 -30.83 -21.84 -6.82
N VAL A 154 -30.58 -22.84 -5.99
CA VAL A 154 -31.09 -22.79 -4.63
C VAL A 154 -30.83 -21.46 -3.93
N LYS A 155 -29.56 -21.04 -3.96
CA LYS A 155 -29.19 -19.77 -3.34
C LYS A 155 -29.90 -18.57 -3.96
N ALA A 156 -29.85 -18.45 -5.28
CA ALA A 156 -30.44 -17.31 -6.00
C ALA A 156 -31.97 -17.20 -5.79
N TYR A 157 -32.67 -18.34 -5.90
CA TYR A 157 -34.10 -18.26 -5.68
C TYR A 157 -34.36 -17.92 -4.24
N ASN A 158 -33.67 -18.63 -3.32
CA ASN A 158 -33.94 -18.35 -1.91
C ASN A 158 -33.65 -16.88 -1.59
N ASP A 159 -32.63 -16.31 -2.24
CA ASP A 159 -32.28 -14.87 -2.02
C ASP A 159 -33.44 -14.01 -2.53
N GLU A 160 -34.29 -14.47 -3.48
CA GLU A 160 -35.40 -13.63 -3.91
C GLU A 160 -36.64 -13.92 -3.12
N GLY A 161 -36.52 -14.79 -2.12
CA GLY A 161 -37.64 -15.17 -1.30
C GLY A 161 -38.52 -16.22 -2.01
N ILE A 162 -37.91 -16.99 -2.89
CA ILE A 162 -38.66 -18.02 -3.63
C ILE A 162 -38.29 -19.37 -3.09
N ASP A 163 -39.28 -20.20 -2.73
CA ASP A 163 -39.04 -21.56 -2.22
C ASP A 163 -38.55 -22.44 -3.36
N VAL A 164 -37.77 -23.46 -3.05
CA VAL A 164 -37.26 -24.34 -4.10
C VAL A 164 -37.73 -25.76 -3.77
N HIS A 165 -38.23 -26.46 -4.79
CA HIS A 165 -38.73 -27.81 -4.70
C HIS A 165 -37.84 -28.61 -5.67
N PHE A 166 -37.61 -29.88 -5.33
CA PHE A 166 -36.77 -30.75 -6.16
C PHE A 166 -37.59 -31.83 -6.82
N TYR A 167 -37.57 -31.80 -8.14
CA TYR A 167 -38.05 -32.94 -8.93
C TYR A 167 -36.94 -33.96 -8.87
N PHE A 168 -37.29 -35.26 -8.74
CA PHE A 168 -36.26 -36.33 -8.76
C PHE A 168 -36.84 -37.56 -9.48
N SER A 169 -36.20 -38.00 -10.56
CA SER A 169 -36.61 -39.20 -11.27
C SER A 169 -36.02 -40.46 -10.58
N VAL A 170 -36.87 -41.35 -10.11
CA VAL A 170 -36.39 -42.62 -9.52
C VAL A 170 -35.83 -43.48 -10.66
N MET A 171 -36.63 -43.68 -11.71
CA MET A 171 -36.12 -44.35 -12.89
C MET A 171 -34.86 -43.63 -13.36
N ASP A 172 -33.82 -44.43 -13.66
CA ASP A 172 -32.58 -43.87 -14.06
C ASP A 172 -31.95 -44.73 -15.18
N TRP A 173 -31.88 -44.16 -16.39
CA TRP A 173 -31.34 -44.86 -17.59
C TRP A 173 -29.80 -45.05 -17.63
N SER A 174 -29.14 -44.49 -16.62
CA SER A 174 -27.66 -44.43 -16.57
C SER A 174 -27.08 -45.49 -15.62
N ASN A 175 -27.90 -46.01 -14.71
CA ASN A 175 -27.49 -46.95 -13.67
C ASN A 175 -27.95 -48.36 -14.04
N PRO A 176 -27.00 -49.26 -14.36
CA PRO A 176 -27.25 -50.68 -14.73
C PRO A 176 -28.08 -51.46 -13.74
N ASP A 177 -28.13 -51.00 -12.49
CA ASP A 177 -28.87 -51.68 -11.44
C ASP A 177 -30.39 -51.49 -11.48
N TYR A 178 -30.82 -50.51 -12.27
CA TYR A 178 -32.24 -50.20 -12.37
C TYR A 178 -32.93 -51.45 -12.96
N ARG A 179 -34.11 -51.81 -12.45
CA ARG A 179 -34.99 -52.76 -13.14
C ARG A 179 -36.41 -52.20 -13.41
N TYR A 180 -37.01 -52.65 -14.52
CA TYR A 180 -38.38 -52.34 -14.86
C TYR A 180 -39.37 -53.26 -14.17
N ASP A 181 -38.93 -54.48 -13.89
CA ASP A 181 -39.71 -55.48 -13.13
C ASP A 181 -38.73 -56.39 -12.40
N ILE A 182 -39.21 -57.03 -11.34
CA ILE A 182 -38.47 -58.02 -10.53
C ILE A 182 -38.93 -59.43 -11.01
N LYS A 183 -38.09 -60.08 -11.81
CA LYS A 183 -38.44 -61.35 -12.48
C LYS A 183 -37.53 -62.54 -12.04
N SER A 184 -36.65 -62.28 -11.06
CA SER A 184 -35.71 -63.27 -10.51
C SER A 184 -35.07 -62.75 -9.25
N LYS A 185 -34.46 -63.64 -8.49
CA LYS A 185 -33.72 -63.28 -7.27
C LYS A 185 -32.60 -62.27 -7.60
N GLU A 186 -31.96 -62.44 -8.76
CA GLU A 186 -30.92 -61.51 -9.24
C GLU A 186 -31.44 -60.11 -9.44
N ASP A 187 -32.58 -60.00 -10.12
CA ASP A 187 -33.23 -58.72 -10.34
C ASP A 187 -33.49 -58.08 -9.01
N SER A 188 -34.00 -58.88 -8.07
CA SER A 188 -34.34 -58.36 -6.77
C SER A 188 -33.10 -57.85 -6.02
N ILE A 189 -31.98 -58.58 -6.07
CA ILE A 189 -30.73 -58.14 -5.42
C ILE A 189 -30.24 -56.83 -6.07
N ALA A 190 -30.23 -56.83 -7.40
CA ALA A 190 -29.84 -55.67 -8.22
C ALA A 190 -30.67 -54.39 -7.90
N PHE A 191 -31.98 -54.53 -7.86
CA PHE A 191 -32.85 -53.41 -7.66
C PHE A 191 -32.69 -52.91 -6.26
N SER A 192 -32.38 -53.83 -5.37
CA SER A 192 -32.14 -53.45 -4.00
C SER A 192 -30.95 -52.48 -3.82
N ARG A 193 -29.84 -52.76 -4.53
CA ARG A 193 -28.68 -51.86 -4.48
C ARG A 193 -29.07 -50.53 -5.17
N PHE A 194 -29.86 -50.62 -6.24
CA PHE A 194 -30.32 -49.40 -6.94
C PHE A 194 -31.12 -48.54 -5.97
N LEU A 195 -31.93 -49.19 -5.14
CA LEU A 195 -32.68 -48.42 -4.14
C LEU A 195 -31.79 -47.82 -3.06
N GLU A 196 -30.72 -48.55 -2.70
CA GLU A 196 -29.71 -48.05 -1.80
C GLU A 196 -29.10 -46.77 -2.43
N PHE A 197 -28.76 -46.84 -3.73
CA PHE A 197 -28.10 -45.77 -4.48
C PHE A 197 -29.06 -44.55 -4.50
N THR A 198 -30.32 -44.81 -4.81
CA THR A 198 -31.37 -43.79 -4.76
C THR A 198 -31.47 -43.15 -3.36
N ASP A 199 -31.52 -43.94 -2.28
CA ASP A 199 -31.54 -43.30 -0.95
C ASP A 199 -30.31 -42.40 -0.74
N ASN A 200 -29.17 -42.85 -1.25
CA ASN A 200 -27.94 -42.11 -1.08
C ASN A 200 -28.03 -40.72 -1.75
N GLN A 201 -28.55 -40.69 -2.99
CA GLN A 201 -28.78 -39.40 -3.65
C GLN A 201 -29.86 -38.59 -2.92
N LEU A 202 -30.92 -39.23 -2.42
CA LEU A 202 -31.93 -38.44 -1.72
C LEU A 202 -31.40 -37.79 -0.44
N LYS A 203 -30.67 -38.57 0.37
CA LYS A 203 -30.04 -38.04 1.59
C LYS A 203 -29.07 -36.92 1.26
N GLU A 204 -28.33 -37.13 0.19
CA GLU A 204 -27.39 -36.15 -0.28
C GLU A 204 -28.10 -34.84 -0.65
N LEU A 205 -29.22 -34.93 -1.38
CA LEU A 205 -29.91 -33.65 -1.74
C LEU A 205 -30.50 -33.00 -0.46
N ALA A 206 -31.01 -33.82 0.45
CA ALA A 206 -31.63 -33.27 1.69
C ALA A 206 -30.55 -32.69 2.62
N THR A 207 -29.33 -33.23 2.59
CA THR A 207 -28.30 -32.72 3.49
C THR A 207 -27.47 -31.57 2.88
N ARG A 208 -27.18 -31.60 1.58
CA ARG A 208 -26.53 -30.42 0.94
C ARG A 208 -27.44 -29.17 0.88
N TYR A 209 -28.74 -29.38 0.68
CA TYR A 209 -29.65 -28.27 0.37
C TYR A 209 -30.81 -28.26 1.33
N PRO A 210 -30.53 -28.03 2.65
CA PRO A 210 -31.61 -28.15 3.62
C PRO A 210 -32.72 -27.14 3.52
N THR A 211 -32.64 -26.15 2.64
CA THR A 211 -33.78 -25.23 2.54
C THR A 211 -34.84 -25.82 1.55
N VAL A 212 -34.59 -27.01 0.99
CA VAL A 212 -35.57 -27.64 0.09
C VAL A 212 -36.94 -27.82 0.82
N LYS A 213 -38.06 -27.57 0.12
CA LYS A 213 -39.38 -27.56 0.74
C LYS A 213 -40.23 -28.73 0.27
N ASP A 214 -39.77 -29.47 -0.76
CA ASP A 214 -40.66 -30.44 -1.42
C ASP A 214 -39.77 -31.34 -2.26
N PHE A 215 -40.13 -32.62 -2.33
CA PHE A 215 -39.52 -33.52 -3.32
C PHE A 215 -40.67 -34.06 -4.15
N TRP A 216 -40.55 -33.88 -5.46
CA TRP A 216 -41.61 -34.19 -6.39
C TRP A 216 -41.02 -35.36 -7.18
N PHE A 217 -41.48 -36.58 -6.88
CA PHE A 217 -40.92 -37.74 -7.58
C PHE A 217 -41.62 -38.06 -8.90
N ASP A 218 -40.84 -38.64 -9.81
CA ASP A 218 -41.26 -39.06 -11.17
C ASP A 218 -40.55 -40.40 -11.50
N GLY A 219 -40.99 -41.07 -12.59
CA GLY A 219 -40.40 -42.36 -13.01
C GLY A 219 -40.57 -43.39 -11.91
N THR A 220 -41.77 -43.41 -11.35
CA THR A 220 -42.07 -44.33 -10.25
C THR A 220 -43.21 -45.34 -10.60
N TRP A 221 -43.55 -45.41 -11.87
CA TRP A 221 -44.70 -46.17 -12.29
C TRP A 221 -44.33 -47.63 -12.62
N ASP A 222 -43.05 -47.95 -12.76
CA ASP A 222 -42.67 -49.28 -13.23
C ASP A 222 -43.04 -50.36 -12.21
N ALA A 223 -43.24 -51.58 -12.72
CA ALA A 223 -43.52 -52.76 -11.90
C ALA A 223 -42.53 -52.95 -10.72
N SER A 224 -41.26 -52.70 -10.99
CA SER A 224 -40.26 -52.75 -9.92
C SER A 224 -40.62 -51.86 -8.73
N VAL A 225 -41.08 -50.64 -9.00
CA VAL A 225 -41.36 -49.76 -7.88
C VAL A 225 -42.63 -50.17 -7.19
N LYS A 226 -43.68 -50.44 -7.98
CA LYS A 226 -44.98 -50.88 -7.44
C LYS A 226 -44.80 -52.11 -6.55
N LYS A 227 -43.87 -52.98 -6.94
CA LYS A 227 -43.59 -54.18 -6.12
C LYS A 227 -42.85 -53.82 -4.84
N ASN A 228 -42.25 -52.63 -4.83
CA ASN A 228 -41.52 -52.18 -3.65
C ASN A 228 -42.19 -51.03 -2.93
N GLY A 229 -43.51 -51.14 -2.72
CA GLY A 229 -44.26 -50.12 -2.01
C GLY A 229 -43.60 -49.62 -0.74
N TRP A 230 -43.06 -50.57 0.04
CA TRP A 230 -42.42 -50.27 1.30
C TRP A 230 -41.32 -49.26 1.09
N TRP A 231 -40.61 -49.37 -0.02
CA TRP A 231 -39.49 -48.48 -0.26
C TRP A 231 -40.02 -47.04 -0.44
N THR A 232 -41.13 -46.89 -1.14
CA THR A 232 -41.70 -45.54 -1.31
C THR A 232 -42.09 -44.96 0.05
N ALA A 233 -42.55 -45.79 1.02
CA ALA A 233 -43.02 -45.24 2.30
C ALA A 233 -41.81 -44.85 3.12
N HIS A 234 -40.77 -45.65 2.95
CA HIS A 234 -39.50 -45.45 3.62
C HIS A 234 -38.86 -44.14 3.12
N ALA A 235 -38.93 -43.87 1.81
CA ALA A 235 -38.28 -42.66 1.26
C ALA A 235 -38.99 -41.41 1.79
N GLU A 236 -40.32 -41.49 1.89
CA GLU A 236 -41.13 -40.41 2.39
C GLU A 236 -40.74 -40.12 3.84
N GLN A 237 -40.64 -41.18 4.66
CA GLN A 237 -40.32 -41.04 6.08
C GLN A 237 -38.88 -40.51 6.30
N MET A 238 -37.95 -41.09 5.55
CA MET A 238 -36.54 -40.73 5.59
C MET A 238 -36.32 -39.21 5.36
N LEU A 239 -36.95 -38.71 4.30
CA LEU A 239 -36.81 -37.30 3.94
C LEU A 239 -37.50 -36.42 4.95
N LYS A 240 -38.63 -36.85 5.50
CA LYS A 240 -39.31 -36.05 6.52
C LYS A 240 -38.50 -35.98 7.86
N GLU A 241 -37.77 -37.03 8.17
CA GLU A 241 -36.84 -36.96 9.29
C GLU A 241 -35.70 -36.01 8.98
N LEU A 242 -35.17 -36.04 7.75
CA LEU A 242 -34.08 -35.12 7.36
C LEU A 242 -34.43 -33.63 7.15
N VAL A 243 -35.65 -33.35 6.68
CA VAL A 243 -36.02 -31.99 6.32
C VAL A 243 -37.37 -31.72 7.00
N PRO A 244 -37.36 -31.06 8.18
CA PRO A 244 -38.61 -30.72 8.88
C PRO A 244 -39.63 -30.00 7.97
N GLY A 245 -40.86 -30.47 7.95
CA GLY A 245 -41.91 -29.74 7.21
C GLY A 245 -41.92 -30.02 5.70
N VAL A 246 -40.93 -30.74 5.19
CA VAL A 246 -40.86 -31.04 3.76
C VAL A 246 -42.15 -31.73 3.23
N ALA A 247 -42.55 -31.38 2.01
CA ALA A 247 -43.71 -31.96 1.34
C ALA A 247 -43.23 -33.02 0.37
N ILE A 248 -44.03 -34.05 0.14
CA ILE A 248 -43.66 -35.17 -0.76
C ILE A 248 -44.90 -35.44 -1.58
N ASN A 249 -44.75 -35.55 -2.89
CA ASN A 249 -45.87 -35.72 -3.83
C ASN A 249 -46.45 -37.16 -3.83
N SER A 250 -47.71 -37.27 -4.20
CA SER A 250 -48.38 -38.60 -4.20
C SER A 250 -47.74 -39.54 -5.22
N ARG A 251 -47.14 -38.97 -6.28
CA ARG A 251 -46.61 -39.73 -7.42
C ARG A 251 -45.51 -40.67 -6.98
N LEU A 252 -44.88 -40.39 -5.86
CA LEU A 252 -43.84 -41.27 -5.32
C LEU A 252 -44.44 -42.63 -4.90
N ARG A 253 -45.61 -42.56 -4.31
CA ARG A 253 -46.05 -43.58 -3.37
C ARG A 253 -46.81 -44.77 -4.02
N ALA A 254 -46.35 -45.98 -3.72
CA ALA A 254 -47.14 -47.20 -3.96
C ALA A 254 -47.35 -47.94 -2.62
N ASP A 255 -48.53 -48.56 -2.46
CA ASP A 255 -48.80 -49.29 -1.20
C ASP A 255 -48.36 -50.76 -1.34
N ASP A 256 -48.75 -51.55 -0.33
CA ASP A 256 -48.43 -52.99 -0.28
C ASP A 256 -48.91 -53.75 -1.50
N LYS A 257 -50.04 -53.35 -2.10
CA LYS A 257 -50.54 -54.03 -3.30
C LYS A 257 -49.98 -53.45 -4.62
N GLY A 258 -49.10 -52.47 -4.54
CA GLY A 258 -48.61 -51.88 -5.77
C GLY A 258 -49.50 -50.75 -6.24
N LYS A 259 -50.52 -50.37 -5.45
CA LYS A 259 -51.51 -49.32 -5.85
C LYS A 259 -50.87 -47.91 -5.66
N ARG A 260 -50.91 -47.03 -6.65
CA ARG A 260 -50.12 -45.75 -6.62
C ARG A 260 -50.97 -44.48 -6.37
N HIS A 261 -50.37 -43.46 -5.74
CA HIS A 261 -51.03 -42.18 -5.44
C HIS A 261 -52.04 -42.34 -4.32
N PHE A 262 -53.10 -43.11 -4.53
CA PHE A 262 -54.04 -43.33 -3.42
C PHE A 262 -53.95 -44.84 -3.11
N ASP A 263 -54.03 -45.18 -1.84
CA ASP A 263 -53.75 -46.57 -1.44
C ASP A 263 -55.02 -47.42 -1.73
N SER A 264 -54.96 -48.69 -1.34
CA SER A 264 -56.01 -49.65 -1.60
C SER A 264 -57.32 -49.33 -0.86
N ASN A 265 -57.26 -48.52 0.19
CA ASN A 265 -58.44 -47.97 0.86
C ASN A 265 -58.86 -46.54 0.40
N GLY A 266 -58.41 -46.15 -0.81
CA GLY A 266 -58.78 -44.90 -1.51
C GLY A 266 -58.23 -43.67 -0.84
N ARG A 267 -57.23 -43.86 0.02
CA ARG A 267 -56.72 -42.76 0.83
C ARG A 267 -55.44 -42.23 0.12
N LEU A 268 -55.32 -40.90 0.05
CA LEU A 268 -54.19 -40.25 -0.65
C LEU A 268 -52.90 -40.44 0.14
N MET A 269 -51.82 -40.85 -0.55
CA MET A 269 -50.49 -41.06 0.08
C MET A 269 -49.62 -39.87 -0.32
N GLY A 270 -48.58 -39.59 0.46
CA GLY A 270 -47.83 -38.35 0.34
C GLY A 270 -48.69 -37.18 0.83
N ASP A 271 -48.21 -35.97 0.57
CA ASP A 271 -48.79 -34.75 1.16
C ASP A 271 -49.80 -34.03 0.30
N TYR A 272 -49.76 -34.32 -0.98
CA TYR A 272 -50.60 -33.62 -1.97
C TYR A 272 -50.69 -34.51 -3.20
N GLU A 273 -51.83 -34.42 -3.92
CA GLU A 273 -51.99 -35.16 -5.20
C GLU A 273 -51.26 -34.41 -6.30
N SER A 274 -50.44 -35.13 -7.05
CA SER A 274 -49.79 -34.60 -8.22
C SER A 274 -50.27 -35.34 -9.45
N GLY A 275 -50.85 -34.60 -10.38
CA GLY A 275 -51.39 -35.17 -11.64
C GLY A 275 -51.90 -33.96 -12.44
N TYR A 276 -52.97 -34.22 -13.17
CA TYR A 276 -53.63 -33.19 -13.95
C TYR A 276 -52.75 -32.41 -14.91
N GLU A 277 -51.64 -33.01 -15.36
CA GLU A 277 -50.86 -32.46 -16.47
C GLU A 277 -51.78 -32.61 -17.68
N ARG A 278 -51.84 -31.59 -18.52
CA ARG A 278 -52.78 -31.65 -19.67
C ARG A 278 -54.30 -31.98 -19.46
N ARG A 279 -54.81 -32.08 -18.22
CA ARG A 279 -56.26 -31.90 -17.96
C ARG A 279 -56.57 -31.70 -16.48
N LEU A 280 -57.01 -30.50 -16.15
CA LEU A 280 -57.34 -30.12 -14.77
C LEU A 280 -58.67 -30.79 -14.30
N PRO A 281 -58.89 -30.90 -13.00
CA PRO A 281 -60.18 -31.45 -12.52
C PRO A 281 -61.37 -30.59 -13.01
N ASP A 282 -62.46 -31.28 -13.31
CA ASP A 282 -63.64 -30.68 -13.90
C ASP A 282 -64.29 -29.83 -12.76
N PRO A 283 -64.57 -28.55 -13.02
CA PRO A 283 -65.12 -27.67 -11.92
C PRO A 283 -66.56 -28.05 -11.43
N VAL A 284 -67.26 -28.91 -12.19
CA VAL A 284 -68.57 -29.35 -11.75
C VAL A 284 -68.46 -30.81 -11.26
N LYS A 285 -67.73 -31.65 -11.99
CA LYS A 285 -67.69 -33.11 -11.67
C LYS A 285 -66.61 -33.60 -10.72
N ASP A 286 -65.55 -32.82 -10.50
CA ASP A 286 -64.43 -33.34 -9.75
C ASP A 286 -64.25 -32.54 -8.48
N LEU A 287 -65.34 -32.14 -7.81
CA LEU A 287 -65.21 -31.35 -6.57
C LEU A 287 -64.56 -32.14 -5.42
N LYS A 288 -64.45 -33.47 -5.58
CA LYS A 288 -63.69 -34.33 -4.61
C LYS A 288 -62.30 -33.77 -4.31
N VAL A 289 -61.65 -33.17 -5.31
CA VAL A 289 -60.27 -32.68 -5.11
C VAL A 289 -60.16 -31.58 -4.08
N THR A 290 -61.25 -30.85 -3.77
CA THR A 290 -61.16 -29.83 -2.76
C THR A 290 -60.91 -30.40 -1.39
N GLN A 291 -61.00 -31.73 -1.26
CA GLN A 291 -60.77 -32.37 0.02
C GLN A 291 -59.32 -32.68 0.30
N TRP A 292 -58.42 -32.51 -0.67
CA TRP A 292 -57.01 -32.67 -0.35
C TRP A 292 -56.16 -31.61 -1.00
N ASP A 293 -54.92 -31.52 -0.55
CA ASP A 293 -53.98 -30.65 -1.27
C ASP A 293 -53.60 -31.28 -2.58
N TRP A 294 -53.34 -30.46 -3.60
CA TRP A 294 -52.99 -30.98 -4.90
C TRP A 294 -52.25 -29.88 -5.70
N GLU A 295 -51.56 -30.33 -6.73
CA GLU A 295 -50.72 -29.47 -7.55
C GLU A 295 -50.77 -29.97 -8.98
N ALA A 296 -51.17 -29.10 -9.88
CA ALA A 296 -51.00 -29.42 -11.31
C ALA A 296 -49.78 -28.78 -11.92
N CYS A 297 -49.17 -29.44 -12.90
CA CYS A 297 -48.06 -28.82 -13.59
CA CYS A 297 -48.04 -28.86 -13.61
C CYS A 297 -48.39 -28.82 -15.06
N MET A 298 -47.92 -27.80 -15.79
CA MET A 298 -48.35 -27.75 -17.22
C MET A 298 -47.22 -27.30 -18.10
N THR A 299 -47.29 -27.63 -19.36
CA THR A 299 -46.34 -27.19 -20.38
C THR A 299 -46.96 -26.10 -21.17
N ILE A 300 -46.13 -25.30 -21.81
CA ILE A 300 -46.58 -24.23 -22.66
C ILE A 300 -47.00 -24.77 -24.06
N PRO A 301 -46.12 -25.55 -24.71
CA PRO A 301 -46.60 -26.35 -25.87
C PRO A 301 -47.40 -27.51 -25.35
N GLU A 302 -47.92 -28.36 -26.26
CA GLU A 302 -48.72 -29.45 -25.81
C GLU A 302 -48.02 -30.49 -24.88
N ASN A 303 -46.81 -30.92 -25.21
CA ASN A 303 -46.14 -31.90 -24.42
C ASN A 303 -44.61 -31.75 -24.62
N GLN A 304 -44.03 -30.65 -24.17
CA GLN A 304 -42.57 -30.49 -24.27
C GLN A 304 -42.18 -30.00 -22.93
N TRP A 305 -41.41 -30.78 -22.18
CA TRP A 305 -40.98 -30.30 -20.89
C TRP A 305 -39.54 -29.80 -20.92
N GLY A 306 -38.62 -30.67 -21.38
CA GLY A 306 -37.27 -30.14 -21.63
C GLY A 306 -37.26 -29.29 -22.91
N TYR A 307 -36.20 -28.50 -23.16
CA TYR A 307 -36.07 -27.68 -24.36
C TYR A 307 -36.20 -28.44 -25.68
N HIS A 308 -37.14 -27.98 -26.50
CA HIS A 308 -37.29 -28.55 -27.87
C HIS A 308 -37.09 -27.43 -28.85
N LYS A 309 -36.24 -27.68 -29.86
CA LYS A 309 -35.85 -26.58 -30.75
C LYS A 309 -36.96 -26.09 -31.62
N ASP A 310 -37.99 -26.88 -31.83
CA ASP A 310 -39.02 -26.41 -32.80
C ASP A 310 -40.43 -26.50 -32.17
N TRP A 311 -40.93 -25.34 -31.77
CA TRP A 311 -42.23 -25.24 -31.11
C TRP A 311 -43.42 -25.17 -32.09
N SER A 312 -43.14 -25.09 -33.38
CA SER A 312 -44.22 -25.09 -34.40
C SER A 312 -44.82 -26.49 -34.53
N LEU A 313 -44.24 -27.52 -33.96
CA LEU A 313 -44.78 -28.87 -34.04
C LEU A 313 -46.09 -29.16 -33.28
N SER A 314 -46.38 -28.41 -32.21
CA SER A 314 -47.69 -28.58 -31.54
C SER A 314 -48.25 -27.22 -31.15
N TYR A 315 -49.49 -27.20 -30.72
CA TYR A 315 -50.14 -25.99 -30.22
C TYR A 315 -49.37 -25.36 -29.01
N VAL A 316 -49.17 -24.06 -29.05
CA VAL A 316 -48.48 -23.33 -28.01
C VAL A 316 -49.51 -22.38 -27.36
N LYS A 317 -49.70 -22.54 -26.07
CA LYS A 317 -50.67 -21.77 -25.32
C LYS A 317 -50.32 -20.27 -25.22
N THR A 318 -51.33 -19.42 -25.28
CA THR A 318 -51.18 -17.99 -25.11
C THR A 318 -51.18 -17.70 -23.59
N PRO A 319 -50.68 -16.51 -23.21
CA PRO A 319 -50.73 -16.11 -21.78
C PRO A 319 -52.12 -16.18 -21.14
N ILE A 320 -53.16 -15.76 -21.85
CA ILE A 320 -54.45 -15.88 -21.23
C ILE A 320 -54.87 -17.32 -21.02
N GLU A 321 -54.50 -18.20 -21.95
CA GLU A 321 -54.88 -19.60 -21.73
C GLU A 321 -54.14 -20.15 -20.54
N VAL A 322 -52.91 -19.68 -20.31
CA VAL A 322 -52.24 -20.18 -19.15
C VAL A 322 -52.84 -19.61 -17.81
N ILE A 323 -53.14 -18.33 -17.83
CA ILE A 323 -53.67 -17.67 -16.65
C ILE A 323 -55.03 -18.29 -16.27
N ASP A 324 -55.83 -18.60 -17.28
CA ASP A 324 -57.05 -19.39 -17.08
C ASP A 324 -56.80 -20.70 -16.31
N ARG A 325 -55.79 -21.48 -16.69
CA ARG A 325 -55.46 -22.70 -15.95
C ARG A 325 -55.01 -22.45 -14.51
N ILE A 326 -54.18 -21.44 -14.32
CA ILE A 326 -53.74 -21.07 -12.98
C ILE A 326 -54.95 -20.73 -12.09
N VAL A 327 -55.85 -19.89 -12.55
CA VAL A 327 -56.99 -19.50 -11.69
C VAL A 327 -57.90 -20.71 -11.46
N HIS A 328 -58.10 -21.46 -12.54
CA HIS A 328 -58.89 -22.75 -12.45
C HIS A 328 -58.38 -23.61 -11.26
N ALA A 329 -57.07 -23.84 -11.23
CA ALA A 329 -56.51 -24.66 -10.20
C ALA A 329 -56.81 -24.10 -8.80
N VAL A 330 -56.54 -22.81 -8.60
CA VAL A 330 -56.71 -22.19 -7.31
C VAL A 330 -58.20 -22.26 -6.93
N SER A 331 -59.05 -22.03 -7.89
CA SER A 331 -60.54 -22.11 -7.62
C SER A 331 -60.98 -23.46 -7.10
N MET A 332 -60.18 -24.49 -7.32
CA MET A 332 -60.55 -25.83 -6.80
C MET A 332 -59.60 -26.30 -5.77
N GLY A 333 -58.87 -25.37 -5.18
CA GLY A 333 -58.07 -25.70 -3.99
C GLY A 333 -56.70 -26.27 -4.36
N GLY A 334 -56.21 -26.02 -5.56
CA GLY A 334 -54.88 -26.56 -5.93
C GLY A 334 -53.88 -25.53 -6.40
N ASN A 335 -52.60 -25.95 -6.48
CA ASN A 335 -51.53 -25.14 -7.03
C ASN A 335 -51.37 -25.33 -8.50
N MET A 336 -50.76 -24.36 -9.19
CA MET A 336 -50.43 -24.55 -10.63
C MET A 336 -48.98 -24.21 -10.88
N VAL A 337 -48.29 -25.07 -11.62
CA VAL A 337 -46.88 -24.84 -11.88
C VAL A 337 -46.65 -24.78 -13.38
N VAL A 338 -46.08 -23.68 -13.89
CA VAL A 338 -45.91 -23.51 -15.31
C VAL A 338 -44.46 -23.93 -15.63
N ASN A 339 -44.28 -24.79 -16.61
CA ASN A 339 -42.97 -25.32 -16.95
C ASN A 339 -42.19 -24.48 -17.94
N PHE A 340 -40.85 -24.49 -17.79
CA PHE A 340 -39.87 -23.84 -18.68
C PHE A 340 -38.74 -24.85 -18.92
N GLY A 341 -38.23 -24.85 -20.12
CA GLY A 341 -37.17 -25.80 -20.59
C GLY A 341 -36.03 -24.95 -21.16
N PRO A 342 -35.15 -24.47 -20.27
CA PRO A 342 -34.06 -23.54 -20.68
C PRO A 342 -33.22 -24.09 -21.81
N GLN A 343 -32.71 -23.17 -22.63
CA GLN A 343 -31.72 -23.55 -23.70
C GLN A 343 -30.43 -24.22 -23.18
N ALA A 344 -29.68 -24.87 -24.08
CA ALA A 344 -28.44 -25.53 -23.74
C ALA A 344 -27.47 -24.48 -23.19
N ASP A 345 -27.58 -23.24 -23.67
CA ASP A 345 -26.67 -22.22 -23.25
C ASP A 345 -26.93 -21.65 -21.88
N GLY A 346 -28.05 -21.98 -21.20
CA GLY A 346 -28.35 -21.36 -19.85
C GLY A 346 -29.24 -20.11 -19.91
N ASP A 347 -29.66 -19.73 -21.10
CA ASP A 347 -30.71 -18.72 -21.27
C ASP A 347 -32.13 -19.33 -21.59
N PHE A 348 -33.16 -18.51 -21.59
CA PHE A 348 -34.52 -18.93 -21.93
C PHE A 348 -34.93 -18.42 -23.31
N ARG A 349 -35.72 -19.20 -24.03
CA ARG A 349 -36.08 -18.80 -25.38
C ARG A 349 -37.09 -17.67 -25.21
N PRO A 350 -37.28 -16.90 -26.28
CA PRO A 350 -38.07 -15.64 -26.16
C PRO A 350 -39.57 -15.87 -25.84
N GLU A 351 -40.14 -16.96 -26.35
CA GLU A 351 -41.51 -17.32 -26.02
C GLU A 351 -41.68 -17.45 -24.51
N GLU A 352 -40.76 -18.11 -23.85
CA GLU A 352 -40.82 -18.29 -22.39
C GLU A 352 -40.58 -16.98 -21.68
N LYS A 353 -39.69 -16.12 -22.21
CA LYS A 353 -39.59 -14.79 -21.57
C LYS A 353 -40.88 -13.96 -21.72
N ALA A 354 -41.48 -14.02 -22.90
CA ALA A 354 -42.74 -13.32 -23.10
C ALA A 354 -43.85 -13.87 -22.20
N MET A 355 -43.91 -15.20 -22.08
CA MET A 355 -44.91 -15.82 -21.23
C MET A 355 -44.75 -15.32 -19.76
N ALA A 356 -43.53 -15.41 -19.22
CA ALA A 356 -43.30 -15.10 -17.80
C ALA A 356 -43.68 -13.67 -17.52
N THR A 357 -43.27 -12.78 -18.43
CA THR A 357 -43.58 -11.35 -18.35
C THR A 357 -45.06 -11.06 -18.38
N ALA A 358 -45.75 -11.69 -19.32
CA ALA A 358 -47.23 -11.55 -19.43
C ALA A 358 -47.95 -12.05 -18.18
N ILE A 359 -47.53 -13.22 -17.67
CA ILE A 359 -48.10 -13.73 -16.42
C ILE A 359 -47.84 -12.75 -15.28
N GLY A 360 -46.60 -12.28 -15.23
CA GLY A 360 -46.27 -11.41 -14.07
C GLY A 360 -47.08 -10.12 -14.04
N LYS A 361 -47.32 -9.59 -15.24
CA LYS A 361 -48.10 -8.37 -15.39
C LYS A 361 -49.54 -8.56 -14.85
N TRP A 362 -50.17 -9.68 -15.18
CA TRP A 362 -51.51 -9.93 -14.74
C TRP A 362 -51.55 -10.23 -13.22
N MET A 363 -50.58 -11.03 -12.76
CA MET A 363 -50.53 -11.41 -11.36
C MET A 363 -50.30 -10.19 -10.47
N ASN A 364 -49.52 -9.23 -10.97
CA ASN A 364 -49.24 -7.97 -10.23
C ASN A 364 -50.54 -7.23 -10.03
N ARG A 365 -51.40 -7.31 -11.03
CA ARG A 365 -52.67 -6.62 -10.95
C ARG A 365 -53.76 -7.40 -10.15
N TYR A 366 -53.80 -8.73 -10.32
CA TYR A 366 -55.00 -9.48 -9.93
C TYR A 366 -54.68 -10.57 -8.92
N GLY A 367 -53.41 -10.64 -8.56
CA GLY A 367 -52.84 -11.66 -7.64
C GLY A 367 -53.47 -11.81 -6.31
N LYS A 368 -54.21 -10.81 -5.82
CA LYS A 368 -54.92 -11.01 -4.57
C LYS A 368 -56.02 -12.08 -4.67
N ALA A 369 -56.52 -12.34 -5.87
CA ALA A 369 -57.49 -13.48 -6.07
C ALA A 369 -56.77 -14.84 -6.38
N VAL A 370 -55.44 -14.88 -6.39
CA VAL A 370 -54.73 -16.17 -6.59
C VAL A 370 -53.94 -16.53 -5.33
N TYR A 371 -52.97 -15.66 -4.95
CA TYR A 371 -52.09 -16.05 -3.80
C TYR A 371 -52.90 -16.21 -2.53
N ALA A 372 -52.61 -17.30 -1.82
CA ALA A 372 -53.32 -17.66 -0.58
C ALA A 372 -54.85 -17.75 -0.71
N CYS A 373 -55.37 -18.07 -1.91
CA CYS A 373 -56.82 -18.27 -2.07
C CYS A 373 -57.14 -19.75 -2.15
N ASP A 374 -58.42 -20.06 -2.18
CA ASP A 374 -58.84 -21.43 -2.09
C ASP A 374 -60.22 -21.59 -2.68
N TYR A 375 -60.76 -22.81 -2.64
CA TYR A 375 -62.06 -23.13 -3.13
C TYR A 375 -63.12 -22.31 -2.37
N ALA A 376 -64.10 -21.75 -3.07
CA ALA A 376 -65.10 -20.88 -2.44
C ALA A 376 -66.39 -21.52 -2.08
N GLY A 377 -66.63 -22.75 -2.53
CA GLY A 377 -67.86 -23.49 -2.28
C GLY A 377 -69.11 -22.99 -2.94
N PHE A 378 -68.99 -22.27 -4.08
CA PHE A 378 -70.11 -21.79 -4.85
C PHE A 378 -70.20 -22.61 -6.11
N GLU A 379 -71.42 -22.81 -6.56
CA GLU A 379 -71.69 -23.44 -7.88
C GLU A 379 -70.99 -22.72 -9.01
N LYS A 380 -70.30 -23.49 -9.87
CA LYS A 380 -69.53 -22.92 -10.98
C LYS A 380 -70.50 -22.16 -11.94
N GLN A 381 -70.11 -20.97 -12.36
CA GLN A 381 -70.83 -20.27 -13.40
C GLN A 381 -69.95 -20.09 -14.67
N ASP A 382 -70.56 -19.73 -15.78
CA ASP A 382 -69.87 -19.69 -17.07
C ASP A 382 -68.88 -18.56 -17.28
N TRP A 383 -69.04 -17.49 -16.50
CA TRP A 383 -68.21 -16.31 -16.71
C TRP A 383 -66.77 -16.56 -16.27
N GLY A 384 -66.51 -17.58 -15.46
CA GLY A 384 -65.15 -17.79 -14.98
C GLY A 384 -65.17 -18.50 -13.67
N TYR A 385 -64.34 -18.05 -12.72
CA TYR A 385 -64.03 -18.86 -11.55
C TYR A 385 -64.19 -18.02 -10.27
N TYR A 386 -64.69 -18.62 -9.21
CA TYR A 386 -64.58 -17.99 -7.91
C TYR A 386 -63.31 -18.39 -7.20
N THR A 387 -62.71 -17.48 -6.44
CA THR A 387 -61.75 -17.95 -5.41
C THR A 387 -62.05 -17.27 -4.03
N ARG A 388 -61.51 -17.87 -2.97
CA ARG A 388 -61.83 -17.35 -1.63
C ARG A 388 -60.53 -16.98 -0.94
N GLY A 389 -60.52 -15.73 -0.45
CA GLY A 389 -59.38 -15.19 0.28
C GLY A 389 -59.32 -15.66 1.74
N LYS A 390 -58.22 -15.35 2.41
CA LYS A 390 -58.02 -15.79 3.82
C LYS A 390 -58.99 -15.11 4.81
N ASN A 391 -59.50 -13.95 4.43
CA ASN A 391 -60.47 -13.24 5.23
C ASN A 391 -61.87 -13.37 4.70
N ASP A 392 -62.18 -14.50 4.04
CA ASP A 392 -63.50 -14.71 3.41
C ASP A 392 -63.92 -13.72 2.32
N GLU A 393 -63.00 -13.01 1.70
CA GLU A 393 -63.32 -12.29 0.47
C GLU A 393 -63.74 -13.39 -0.56
N VAL A 394 -64.70 -13.09 -1.43
CA VAL A 394 -65.04 -14.03 -2.51
C VAL A 394 -64.75 -13.26 -3.83
N TYR A 395 -63.81 -13.75 -4.60
CA TYR A 395 -63.38 -13.10 -5.84
C TYR A 395 -64.03 -13.79 -7.01
N MET A 396 -64.56 -12.97 -7.90
CA MET A 396 -65.11 -13.43 -9.18
C MET A 396 -64.05 -13.15 -10.24
N VAL A 397 -63.46 -14.18 -10.86
CA VAL A 397 -62.40 -13.90 -11.87
C VAL A 397 -63.09 -14.22 -13.20
N VAL A 398 -63.35 -13.15 -13.97
CA VAL A 398 -64.17 -13.22 -15.15
C VAL A 398 -63.22 -13.41 -16.38
N PHE A 399 -63.39 -14.53 -17.09
CA PHE A 399 -62.69 -14.85 -18.36
C PHE A 399 -63.62 -14.75 -19.57
N ASN A 400 -64.95 -14.86 -19.36
CA ASN A 400 -65.91 -14.89 -20.43
C ASN A 400 -66.99 -13.88 -20.15
N GLN A 401 -66.96 -12.80 -20.92
CA GLN A 401 -67.83 -11.62 -20.67
C GLN A 401 -69.24 -11.82 -21.26
N PRO A 402 -70.27 -11.87 -20.42
CA PRO A 402 -71.65 -12.07 -20.92
C PRO A 402 -72.16 -10.88 -21.69
N TYR A 403 -72.73 -11.15 -22.85
CA TYR A 403 -73.47 -10.12 -23.61
C TYR A 403 -74.64 -9.60 -22.78
N SER A 404 -75.16 -10.40 -21.85
CA SER A 404 -76.26 -9.90 -21.03
C SER A 404 -75.84 -8.77 -20.08
N GLU A 405 -74.53 -8.58 -19.92
CA GLU A 405 -73.96 -7.57 -19.01
C GLU A 405 -74.18 -7.90 -17.56
N ARG A 406 -74.53 -9.18 -17.30
CA ARG A 406 -74.90 -9.55 -15.98
C ARG A 406 -74.12 -10.81 -15.66
N LEU A 407 -73.53 -10.89 -14.48
CA LEU A 407 -72.75 -12.07 -14.05
C LEU A 407 -73.56 -12.82 -13.01
N ILE A 408 -73.94 -14.07 -13.31
CA ILE A 408 -74.85 -14.79 -12.40
C ILE A 408 -74.09 -15.25 -11.21
N VAL A 409 -74.64 -15.03 -10.01
CA VAL A 409 -74.01 -15.52 -8.82
C VAL A 409 -75.03 -16.24 -7.99
N LYS A 410 -74.93 -17.57 -7.99
CA LYS A 410 -75.82 -18.36 -7.14
C LYS A 410 -75.09 -18.70 -5.80
N THR A 411 -75.68 -18.26 -4.69
CA THR A 411 -75.03 -18.42 -3.38
C THR A 411 -75.41 -19.74 -2.70
N PRO A 412 -74.49 -20.27 -1.90
CA PRO A 412 -74.85 -21.44 -1.07
C PRO A 412 -75.96 -21.06 -0.04
N LYS A 413 -76.57 -22.06 0.58
CA LYS A 413 -77.68 -21.83 1.52
C LYS A 413 -77.15 -20.96 2.69
N GLY A 414 -77.88 -19.92 3.01
CA GLY A 414 -77.53 -18.97 4.09
C GLY A 414 -76.45 -17.95 3.81
N ILE A 415 -76.01 -17.85 2.56
CA ILE A 415 -75.02 -16.85 2.25
C ILE A 415 -75.68 -15.77 1.39
N THR A 416 -75.38 -14.51 1.69
CA THR A 416 -75.89 -13.37 0.90
C THR A 416 -74.71 -12.55 0.41
N VAL A 417 -74.92 -11.77 -0.67
CA VAL A 417 -73.89 -10.95 -1.21
C VAL A 417 -74.23 -9.54 -0.79
N GLU A 418 -73.35 -8.89 -0.03
CA GLU A 418 -73.74 -7.55 0.51
C GLU A 418 -73.19 -6.50 -0.32
N LYS A 419 -72.05 -6.76 -0.99
CA LYS A 419 -71.39 -5.70 -1.82
C LYS A 419 -70.57 -6.37 -2.95
N ALA A 420 -70.38 -5.66 -4.06
CA ALA A 420 -69.40 -6.09 -5.05
C ALA A 420 -68.60 -4.90 -5.44
N THR A 421 -67.33 -5.13 -5.73
CA THR A 421 -66.35 -4.03 -5.99
C THR A 421 -65.37 -4.50 -7.05
N LEU A 422 -65.11 -3.64 -8.02
CA LEU A 422 -64.10 -3.96 -8.99
C LEU A 422 -62.75 -3.86 -8.31
N LEU A 423 -62.00 -4.96 -8.33
CA LEU A 423 -60.72 -5.01 -7.56
C LEU A 423 -59.74 -3.85 -7.84
N THR A 424 -59.51 -3.55 -9.11
CA THR A 424 -58.47 -2.63 -9.53
C THR A 424 -58.80 -1.20 -9.11
N THR A 425 -60.06 -0.80 -9.15
CA THR A 425 -60.38 0.57 -8.91
C THR A 425 -61.17 0.85 -7.62
N GLY A 426 -61.69 -0.17 -6.93
CA GLY A 426 -62.60 0.06 -5.80
C GLY A 426 -64.00 0.57 -6.15
N GLU A 427 -64.31 0.74 -7.43
CA GLU A 427 -65.64 1.17 -7.87
C GLU A 427 -66.70 0.14 -7.50
N ASP A 428 -67.83 0.64 -7.05
CA ASP A 428 -68.89 -0.19 -6.51
C ASP A 428 -69.62 -0.78 -7.71
N ILE A 429 -70.09 -2.00 -7.57
CA ILE A 429 -70.71 -2.69 -8.74
C ILE A 429 -72.09 -3.12 -8.32
N THR A 430 -73.12 -2.81 -9.11
CA THR A 430 -74.48 -3.17 -8.70
C THR A 430 -74.74 -4.68 -8.61
N VAL A 431 -75.46 -5.07 -7.58
CA VAL A 431 -75.88 -6.43 -7.33
C VAL A 431 -77.40 -6.47 -7.28
N VAL A 432 -78.06 -7.28 -8.11
CA VAL A 432 -79.52 -7.28 -8.11
C VAL A 432 -79.92 -8.68 -7.72
N GLU A 433 -80.76 -8.83 -6.71
CA GLU A 433 -81.26 -10.18 -6.38
C GLU A 433 -82.28 -10.66 -7.39
N THR A 434 -82.16 -11.86 -7.97
CA THR A 434 -83.09 -12.28 -9.02
C THR A 434 -84.03 -13.40 -8.54
N THR A 435 -83.60 -14.21 -7.57
CA THR A 435 -84.36 -15.29 -6.92
C THR A 435 -83.79 -15.41 -5.47
N ARG A 436 -84.38 -16.25 -4.63
CA ARG A 436 -83.76 -16.66 -3.38
C ARG A 436 -82.40 -17.26 -3.75
N ASN A 437 -81.34 -16.93 -3.06
CA ASN A 437 -80.01 -17.43 -3.48
C ASN A 437 -79.46 -17.19 -4.90
N GLU A 438 -80.00 -16.29 -5.69
CA GLU A 438 -79.26 -15.90 -6.89
C GLU A 438 -79.28 -14.41 -7.12
N TYR A 439 -78.19 -13.89 -7.68
CA TYR A 439 -78.09 -12.49 -8.04
C TYR A 439 -77.58 -12.31 -9.45
N ASN A 440 -77.77 -11.11 -10.02
CA ASN A 440 -77.02 -10.60 -11.16
C ASN A 440 -76.03 -9.60 -10.60
N VAL A 441 -74.73 -9.83 -10.79
CA VAL A 441 -73.73 -8.82 -10.49
C VAL A 441 -73.46 -8.17 -11.82
N SER A 442 -73.60 -6.84 -11.90
CA SER A 442 -73.26 -6.14 -13.10
C SER A 442 -71.82 -6.26 -13.56
N VAL A 443 -71.61 -6.26 -14.87
CA VAL A 443 -70.26 -6.12 -15.36
C VAL A 443 -69.84 -4.65 -15.08
N PRO A 444 -68.54 -4.40 -15.02
CA PRO A 444 -68.07 -2.99 -14.81
C PRO A 444 -68.64 -2.05 -15.89
N LYS A 445 -68.87 -0.79 -15.54
CA LYS A 445 -69.25 0.22 -16.53
C LYS A 445 -68.37 0.22 -17.80
N LYS A 446 -67.05 0.12 -17.64
CA LYS A 446 -66.17 0.08 -18.79
C LYS A 446 -65.56 -1.33 -18.86
N ASN A 447 -65.61 -1.95 -20.01
CA ASN A 447 -65.10 -3.32 -20.20
C ASN A 447 -63.62 -3.37 -19.89
N PRO A 448 -63.19 -4.15 -18.84
CA PRO A 448 -61.74 -4.18 -18.56
C PRO A 448 -60.85 -4.62 -19.68
N GLY A 449 -61.39 -5.27 -20.71
CA GLY A 449 -60.58 -5.66 -21.87
C GLY A 449 -59.58 -6.77 -21.61
N GLU A 450 -59.71 -7.44 -20.48
CA GLU A 450 -58.82 -8.57 -20.11
C GLU A 450 -59.55 -9.34 -18.99
N PRO A 451 -59.10 -10.53 -18.66
CA PRO A 451 -59.72 -11.21 -17.48
C PRO A 451 -59.54 -10.37 -16.25
N TYR A 452 -60.62 -10.18 -15.53
CA TYR A 452 -60.60 -9.15 -14.45
C TYR A 452 -61.29 -9.69 -13.17
N VAL A 453 -61.16 -8.96 -12.05
CA VAL A 453 -61.70 -9.47 -10.80
C VAL A 453 -62.74 -8.56 -10.15
N ILE A 454 -63.86 -9.12 -9.75
CA ILE A 454 -64.79 -8.41 -8.85
C ILE A 454 -64.72 -9.08 -7.53
N GLN A 455 -64.42 -8.27 -6.51
CA GLN A 455 -64.49 -8.78 -5.11
C GLN A 455 -65.89 -8.68 -4.48
N LEU A 456 -66.32 -9.74 -3.86
CA LEU A 456 -67.64 -9.75 -3.28
C LEU A 456 -67.44 -9.70 -1.75
N LYS A 457 -68.34 -8.98 -1.09
CA LYS A 457 -68.47 -9.12 0.38
C LYS A 457 -69.66 -10.02 0.64
N VAL A 458 -69.47 -11.15 1.31
CA VAL A 458 -70.62 -12.04 1.56
C VAL A 458 -70.93 -12.14 3.07
N ARG A 459 -72.13 -12.54 3.47
CA ARG A 459 -72.49 -12.72 4.90
C ARG A 459 -73.07 -14.12 5.09
N ALA A 460 -72.63 -14.88 6.10
CA ALA A 460 -73.21 -16.21 6.40
C ALA A 460 -74.27 -16.02 7.51
N ALA A 461 -75.52 -16.48 7.33
CA ALA A 461 -76.60 -16.22 8.35
C ALA A 461 -76.29 -17.00 9.63
N LYS A 462 -76.61 -16.38 10.78
CA LYS A 462 -76.46 -16.97 12.11
C LYS A 462 -76.82 -18.45 12.14
N GLY A 463 -75.81 -19.31 12.29
CA GLY A 463 -75.98 -20.76 12.45
C GLY A 463 -76.66 -21.62 11.38
N THR A 464 -76.65 -21.20 10.10
CA THR A 464 -76.87 -22.14 8.98
C THR A 464 -75.47 -22.68 8.76
N LYS A 465 -75.30 -24.00 8.75
CA LYS A 465 -73.97 -24.59 8.50
C LYS A 465 -73.51 -24.24 7.07
N SER A 466 -72.22 -23.90 6.98
CA SER A 466 -71.53 -23.55 5.73
C SER A 466 -70.04 -23.39 6.03
N ILE A 467 -69.24 -23.33 4.97
CA ILE A 467 -67.78 -23.23 5.13
C ILE A 467 -67.27 -21.84 5.62
N TYR A 468 -68.13 -20.81 5.54
CA TYR A 468 -67.77 -19.42 5.95
C TYR A 468 -67.75 -19.23 7.46
N GLU B 24 2.36 -50.55 19.85
CA GLU B 24 1.55 -49.31 19.61
C GLU B 24 0.03 -49.43 19.93
N ILE B 25 -0.58 -48.33 20.34
CA ILE B 25 -1.96 -48.29 20.84
C ILE B 25 -3.04 -48.38 19.73
N PRO B 26 -4.03 -49.27 19.92
CA PRO B 26 -5.21 -49.45 19.06
C PRO B 26 -6.07 -48.16 18.98
N LEU B 27 -6.24 -47.59 17.79
CA LEU B 27 -7.06 -46.36 17.72
C LEU B 27 -7.89 -46.50 16.52
N LYS B 28 -9.15 -46.07 16.62
CA LYS B 28 -9.99 -45.94 15.42
C LYS B 28 -10.02 -44.51 14.94
N TYR B 29 -9.60 -43.54 15.77
CA TYR B 29 -9.78 -42.11 15.33
C TYR B 29 -8.46 -41.35 15.37
N GLY B 30 -7.36 -42.07 15.28
CA GLY B 30 -6.07 -41.40 15.17
C GLY B 30 -5.73 -41.06 13.70
N ALA B 31 -4.44 -41.07 13.34
CA ALA B 31 -4.04 -40.50 12.02
C ALA B 31 -4.58 -41.28 10.83
N THR B 32 -4.83 -40.57 9.74
CA THR B 32 -5.31 -41.20 8.53
C THR B 32 -4.20 -41.20 7.47
N ASN B 33 -3.48 -40.08 7.34
CA ASN B 33 -2.44 -39.90 6.32
C ASN B 33 -1.19 -40.63 6.81
N GLU B 34 -0.47 -41.32 5.92
CA GLU B 34 0.82 -41.88 6.29
C GLU B 34 1.84 -40.74 6.24
N GLY B 35 2.33 -40.36 5.08
CA GLY B 35 3.31 -39.20 5.03
C GLY B 35 2.60 -37.90 4.64
N LYS B 36 3.29 -37.01 3.93
CA LYS B 36 2.68 -35.81 3.40
C LYS B 36 1.74 -36.15 2.26
N ARG B 37 0.57 -35.52 2.23
CA ARG B 37 -0.26 -35.57 1.01
C ARG B 37 0.54 -35.05 -0.17
N GLN B 38 0.44 -35.76 -1.29
CA GLN B 38 1.12 -35.29 -2.48
C GLN B 38 0.16 -35.10 -3.63
N ASP B 39 -1.14 -35.21 -3.38
CA ASP B 39 -2.09 -34.72 -4.39
C ASP B 39 -1.89 -33.23 -4.74
N PRO B 40 -2.44 -32.80 -5.86
CA PRO B 40 -2.25 -31.41 -6.35
C PRO B 40 -2.89 -30.33 -5.41
N ALA B 41 -3.99 -30.63 -4.78
CA ALA B 41 -4.62 -29.60 -3.94
C ALA B 41 -3.67 -29.36 -2.75
N MET B 42 -3.06 -30.42 -2.19
CA MET B 42 -2.15 -30.18 -1.05
C MET B 42 -0.89 -29.51 -1.56
N GLN B 43 -0.42 -29.85 -2.78
CA GLN B 43 0.73 -29.15 -3.30
C GLN B 43 0.49 -27.68 -3.41
N LYS B 44 -0.74 -27.35 -3.83
CA LYS B 44 -1.19 -25.99 -3.92
C LYS B 44 -1.18 -25.28 -2.54
N PHE B 45 -1.75 -25.93 -1.55
CA PHE B 45 -1.78 -25.42 -0.14
C PHE B 45 -0.37 -25.09 0.29
N ARG B 46 0.57 -26.00 0.03
CA ARG B 46 1.95 -25.92 0.44
C ARG B 46 2.67 -24.85 -0.37
N ASP B 47 2.57 -24.92 -1.69
CA ASP B 47 3.36 -23.98 -2.50
C ASP B 47 2.91 -22.50 -2.37
N ASN B 48 1.64 -22.27 -2.06
CA ASN B 48 1.22 -20.93 -1.75
C ASN B 48 2.18 -20.29 -0.77
N ARG B 49 2.57 -21.03 0.31
CA ARG B 49 3.50 -20.57 1.38
C ARG B 49 3.08 -19.37 2.28
N LEU B 50 2.72 -18.24 1.70
CA LEU B 50 2.39 -17.05 2.48
C LEU B 50 0.93 -16.75 2.39
N GLY B 51 0.31 -16.67 3.53
CA GLY B 51 -1.06 -16.26 3.55
C GLY B 51 -1.32 -15.09 4.48
N ALA B 52 -2.55 -14.58 4.43
CA ALA B 52 -2.96 -13.58 5.47
C ALA B 52 -4.09 -14.14 6.28
N PHE B 53 -4.21 -13.74 7.55
CA PHE B 53 -5.39 -14.12 8.41
C PHE B 53 -6.30 -12.89 8.56
N ILE B 54 -7.63 -13.08 8.61
CA ILE B 54 -8.60 -12.00 8.89
C ILE B 54 -9.34 -12.48 10.14
N HIS B 55 -9.16 -11.76 11.23
CA HIS B 55 -10.02 -11.87 12.39
C HIS B 55 -10.97 -10.69 12.36
N TRP B 56 -12.23 -10.95 12.02
CA TRP B 56 -13.21 -9.87 11.99
C TRP B 56 -14.48 -10.39 12.56
N GLY B 57 -14.97 -9.68 13.57
CA GLY B 57 -16.18 -10.12 14.27
C GLY B 57 -16.71 -8.99 15.19
N LEU B 58 -17.73 -9.28 16.04
CA LEU B 58 -18.34 -8.21 16.92
C LEU B 58 -17.34 -7.48 17.79
N TYR B 59 -16.31 -8.20 18.23
CA TYR B 59 -15.14 -7.58 18.93
C TYR B 59 -14.48 -6.40 18.28
N ALA B 60 -14.59 -6.22 16.97
CA ALA B 60 -13.94 -5.04 16.38
C ALA B 60 -14.67 -3.76 16.80
N ILE B 61 -15.94 -3.89 17.20
CA ILE B 61 -16.71 -2.71 17.64
C ILE B 61 -16.13 -2.12 18.93
N PRO B 62 -16.14 -2.86 20.05
CA PRO B 62 -15.50 -2.26 21.20
C PRO B 62 -13.97 -2.15 21.05
N GLY B 63 -13.33 -3.06 20.28
CA GLY B 63 -11.88 -2.81 20.01
C GLY B 63 -11.06 -2.91 21.28
N GLY B 64 -11.39 -3.82 22.17
CA GLY B 64 -10.63 -4.00 23.40
C GLY B 64 -11.05 -3.17 24.65
N GLU B 65 -12.04 -2.30 24.51
CA GLU B 65 -12.43 -1.39 25.61
C GLU B 65 -13.84 -1.70 25.96
N TRP B 66 -14.14 -1.78 27.24
CA TRP B 66 -15.52 -2.05 27.66
C TRP B 66 -15.83 -1.11 28.84
N ASN B 67 -16.85 -0.29 28.65
CA ASN B 67 -17.33 0.62 29.71
C ASN B 67 -16.20 1.49 30.19
N GLY B 68 -15.49 2.14 29.27
CA GLY B 68 -14.40 3.03 29.68
C GLY B 68 -13.07 2.40 30.10
N LYS B 69 -13.00 1.08 30.22
CA LYS B 69 -11.74 0.46 30.54
C LYS B 69 -11.14 -0.28 29.29
N VAL B 70 -9.89 0.03 28.96
CA VAL B 70 -9.15 -0.71 27.89
C VAL B 70 -8.51 -1.98 28.52
N TYR B 71 -8.91 -3.15 28.07
CA TYR B 71 -8.24 -4.39 28.48
C TYR B 71 -7.06 -4.77 27.59
N GLY B 72 -5.97 -5.24 28.23
CA GLY B 72 -4.69 -5.57 27.58
C GLY B 72 -4.71 -6.95 26.91
N GLY B 73 -5.56 -7.88 27.38
CA GLY B 73 -5.78 -9.18 26.71
C GLY B 73 -6.23 -9.04 25.24
N ALA B 74 -6.15 -10.15 24.51
CA ALA B 74 -6.51 -10.19 23.10
C ALA B 74 -7.96 -9.67 22.96
N ALA B 75 -8.18 -8.75 22.05
CA ALA B 75 -9.48 -8.06 21.93
C ALA B 75 -10.58 -8.99 21.55
N GLU B 76 -10.29 -9.98 20.70
CA GLU B 76 -11.34 -10.92 20.33
C GLU B 76 -11.87 -11.71 21.55
N TRP B 77 -11.16 -11.60 22.70
CA TRP B 77 -11.61 -12.28 23.93
C TRP B 77 -12.20 -11.26 24.93
N LEU B 78 -12.41 -10.02 24.51
CA LEU B 78 -13.01 -9.02 25.41
C LEU B 78 -14.24 -9.52 26.17
N LYS B 79 -15.09 -10.32 25.53
CA LYS B 79 -16.31 -10.81 26.24
C LYS B 79 -15.92 -11.47 27.58
N SER B 80 -14.80 -12.16 27.55
CA SER B 80 -14.31 -12.88 28.70
C SER B 80 -13.56 -11.92 29.67
N TRP B 81 -12.58 -11.15 29.18
CA TRP B 81 -11.89 -10.16 30.08
C TRP B 81 -12.92 -9.24 30.79
N ALA B 82 -14.01 -8.88 30.12
CA ALA B 82 -14.86 -7.84 30.75
C ALA B 82 -16.11 -8.49 31.35
N LYS B 83 -16.15 -9.82 31.33
CA LYS B 83 -17.28 -10.58 31.86
C LYS B 83 -18.64 -10.12 31.30
N VAL B 84 -18.70 -9.90 29.97
CA VAL B 84 -19.98 -9.54 29.31
C VAL B 84 -20.88 -10.77 29.14
N PRO B 85 -22.19 -10.70 29.56
CA PRO B 85 -23.00 -11.89 29.26
C PRO B 85 -23.28 -12.03 27.73
N ALA B 86 -23.60 -13.25 27.32
CA ALA B 86 -23.80 -13.55 25.91
C ALA B 86 -24.84 -12.64 25.31
N ASP B 87 -26.01 -12.53 25.96
CA ASP B 87 -27.06 -11.65 25.47
C ASP B 87 -26.54 -10.27 25.27
N GLU B 88 -25.82 -9.75 26.25
CA GLU B 88 -25.29 -8.41 26.12
C GLU B 88 -24.16 -8.24 25.07
N TRP B 89 -23.22 -9.18 25.01
CA TRP B 89 -22.19 -9.19 23.97
C TRP B 89 -22.81 -9.16 22.56
N LEU B 90 -23.72 -10.09 22.28
CA LEU B 90 -24.37 -10.22 20.99
C LEU B 90 -25.21 -9.02 20.52
N LYS B 91 -25.68 -8.23 21.46
CA LYS B 91 -26.36 -6.99 21.12
C LYS B 91 -25.44 -6.07 20.31
N LEU B 92 -24.13 -6.37 20.26
CA LEU B 92 -23.25 -5.63 19.33
C LEU B 92 -23.69 -5.74 17.90
N MET B 93 -24.48 -6.77 17.59
CA MET B 93 -25.00 -6.88 16.24
C MET B 93 -25.72 -5.62 15.80
N ASP B 94 -26.41 -4.99 16.76
CA ASP B 94 -27.10 -3.76 16.47
C ASP B 94 -26.23 -2.66 15.98
N GLN B 95 -24.92 -2.75 16.25
CA GLN B 95 -24.04 -1.70 15.75
C GLN B 95 -23.13 -2.19 14.60
N TRP B 96 -23.42 -3.37 14.03
CA TRP B 96 -22.57 -3.90 13.00
C TRP B 96 -23.00 -3.24 11.71
N ASN B 97 -22.27 -2.21 11.34
CA ASN B 97 -22.58 -1.49 10.12
C ASN B 97 -21.29 -0.99 9.39
N PRO B 98 -20.50 -1.93 8.84
CA PRO B 98 -19.18 -1.63 8.29
C PRO B 98 -19.24 -0.96 6.96
N THR B 99 -19.63 0.32 7.05
CA THR B 99 -19.95 1.15 5.95
C THR B 99 -18.82 1.22 4.94
N LYS B 100 -17.57 1.21 5.42
CA LYS B 100 -16.44 1.32 4.50
C LYS B 100 -15.96 -0.02 3.89
N PHE B 101 -16.65 -1.11 4.21
CA PHE B 101 -16.24 -2.44 3.74
C PHE B 101 -16.30 -2.51 2.24
N ASP B 102 -15.27 -3.02 1.56
CA ASP B 102 -15.38 -3.23 0.12
C ASP B 102 -14.49 -4.43 -0.15
N ALA B 103 -15.09 -5.52 -0.57
CA ALA B 103 -14.35 -6.74 -0.59
C ALA B 103 -13.35 -6.70 -1.73
N LYS B 104 -13.63 -5.96 -2.82
CA LYS B 104 -12.66 -5.86 -3.91
C LYS B 104 -11.40 -5.19 -3.44
N LYS B 105 -11.57 -4.19 -2.59
CA LYS B 105 -10.44 -3.46 -2.07
C LYS B 105 -9.62 -4.33 -1.07
N TRP B 106 -10.30 -5.12 -0.24
CA TRP B 106 -9.59 -6.07 0.62
C TRP B 106 -8.79 -7.09 -0.24
N ALA B 107 -9.36 -7.58 -1.33
CA ALA B 107 -8.65 -8.55 -2.14
C ALA B 107 -7.45 -7.96 -2.85
N LYS B 108 -7.56 -6.69 -3.25
CA LYS B 108 -6.42 -5.96 -3.81
C LYS B 108 -5.30 -5.80 -2.83
N MET B 109 -5.62 -5.46 -1.58
CA MET B 109 -4.60 -5.33 -0.53
C MET B 109 -3.87 -6.68 -0.31
N ALA B 110 -4.62 -7.77 -0.26
CA ALA B 110 -3.98 -9.10 -0.11
C ALA B 110 -3.12 -9.38 -1.34
N LYS B 111 -3.58 -9.03 -2.58
CA LYS B 111 -2.83 -9.31 -3.81
C LYS B 111 -1.52 -8.51 -3.80
N GLU B 112 -1.61 -7.24 -3.44
CA GLU B 112 -0.44 -6.39 -3.38
C GLU B 112 0.59 -6.83 -2.28
N MET B 113 0.11 -7.39 -1.17
CA MET B 113 1.03 -7.91 -0.14
C MET B 113 1.83 -9.13 -0.64
N GLY B 114 1.35 -9.79 -1.69
CA GLY B 114 1.96 -11.06 -2.14
C GLY B 114 1.39 -12.30 -1.50
N THR B 115 0.24 -12.20 -0.82
CA THR B 115 -0.36 -13.41 -0.19
C THR B 115 -1.00 -14.27 -1.27
N LYS B 116 -1.00 -15.59 -1.09
CA LYS B 116 -1.47 -16.46 -2.12
C LYS B 116 -2.75 -17.03 -1.61
N TYR B 117 -3.02 -16.76 -0.34
CA TYR B 117 -4.26 -17.24 0.32
C TYR B 117 -4.63 -16.40 1.52
N VAL B 118 -5.91 -16.40 1.87
CA VAL B 118 -6.43 -15.71 3.03
C VAL B 118 -7.30 -16.64 3.87
N LYS B 119 -7.06 -16.67 5.16
CA LYS B 119 -7.82 -17.48 6.05
C LYS B 119 -8.77 -16.52 6.78
N ILE B 120 -10.05 -16.86 6.78
CA ILE B 120 -11.05 -15.90 7.31
C ILE B 120 -11.84 -16.46 8.48
N THR B 121 -11.97 -15.68 9.56
CA THR B 121 -12.82 -16.09 10.70
C THR B 121 -14.30 -16.12 10.25
N THR B 122 -14.82 -17.31 9.99
CA THR B 122 -16.24 -17.45 9.63
C THR B 122 -17.12 -17.23 10.89
N LYS B 123 -16.63 -17.63 12.06
CA LYS B 123 -17.36 -17.60 13.38
C LYS B 123 -16.29 -17.75 14.42
N HIS B 124 -16.12 -16.78 15.27
CA HIS B 124 -15.15 -16.88 16.34
C HIS B 124 -15.86 -17.37 17.60
N HIS B 125 -15.20 -17.41 18.75
CA HIS B 125 -15.77 -18.05 19.96
C HIS B 125 -17.08 -17.37 20.34
N GLU B 126 -17.17 -16.06 20.01
CA GLU B 126 -18.42 -15.29 20.31
C GLU B 126 -19.66 -15.88 19.59
N GLY B 127 -19.45 -16.61 18.48
CA GLY B 127 -20.59 -17.28 17.81
C GLY B 127 -21.28 -16.45 16.75
N PHE B 128 -20.88 -15.19 16.57
CA PHE B 128 -21.40 -14.42 15.45
C PHE B 128 -20.87 -14.88 14.07
N CYS B 129 -21.78 -15.23 13.15
CA CYS B 129 -21.40 -15.75 11.86
C CYS B 129 -21.30 -14.69 10.78
N LEU B 130 -20.25 -14.82 9.97
N LEU B 130 -20.25 -14.81 9.98
CA LEU B 130 -20.01 -13.84 8.92
CA LEU B 130 -20.03 -13.82 8.91
C LEU B 130 -20.72 -14.24 7.65
C LEU B 130 -20.72 -14.25 7.64
N TRP B 131 -21.44 -15.36 7.68
CA TRP B 131 -22.31 -15.72 6.58
C TRP B 131 -23.70 -15.86 7.17
N PRO B 132 -24.72 -15.81 6.30
CA PRO B 132 -26.05 -15.87 6.93
C PRO B 132 -26.48 -17.29 7.21
N SER B 133 -26.01 -17.83 8.31
CA SER B 133 -26.31 -19.18 8.59
C SER B 133 -27.83 -19.38 8.87
N LYS B 134 -28.35 -20.52 8.42
CA LYS B 134 -29.73 -21.01 8.65
C LYS B 134 -29.87 -21.56 10.10
N TYR B 135 -28.76 -21.79 10.80
CA TYR B 135 -28.79 -22.48 12.09
C TYR B 135 -28.66 -21.62 13.40
N THR B 136 -28.57 -20.31 13.27
CA THR B 136 -28.57 -19.48 14.43
C THR B 136 -29.05 -18.14 13.95
N LYS B 137 -29.57 -17.34 14.89
CA LYS B 137 -29.90 -15.96 14.62
C LYS B 137 -28.72 -14.97 14.71
N TYR B 138 -27.59 -15.41 15.23
CA TYR B 138 -26.43 -14.52 15.37
C TYR B 138 -25.58 -14.44 14.10
N THR B 139 -26.10 -13.78 13.07
CA THR B 139 -25.40 -13.70 11.83
C THR B 139 -25.45 -12.29 11.27
N VAL B 140 -24.61 -12.05 10.27
CA VAL B 140 -24.58 -10.78 9.58
C VAL B 140 -25.95 -10.40 8.99
N ALA B 141 -26.75 -11.39 8.61
CA ALA B 141 -28.13 -11.15 8.08
C ALA B 141 -29.00 -10.31 9.04
N ASN B 142 -28.79 -10.52 10.33
CA ASN B 142 -29.56 -9.82 11.37
C ASN B 142 -28.85 -8.62 11.99
N THR B 143 -28.23 -7.84 11.14
CA THR B 143 -27.55 -6.65 11.58
C THR B 143 -27.97 -5.55 10.60
N PRO B 144 -27.74 -4.31 10.94
CA PRO B 144 -28.04 -3.29 9.91
C PRO B 144 -27.43 -3.56 8.57
N TYR B 145 -26.24 -4.15 8.58
CA TYR B 145 -25.51 -4.23 7.32
C TYR B 145 -26.11 -5.32 6.41
N LYS B 146 -26.68 -6.36 7.01
CA LYS B 146 -27.37 -7.48 6.32
C LYS B 146 -26.52 -8.37 5.42
N ARG B 147 -25.53 -7.80 4.74
CA ARG B 147 -24.90 -8.50 3.62
C ARG B 147 -24.06 -9.73 4.03
N ASP B 148 -23.98 -10.69 3.12
CA ASP B 148 -23.21 -11.90 3.36
C ASP B 148 -21.70 -11.55 3.17
N ILE B 149 -21.05 -11.02 4.22
CA ILE B 149 -19.63 -10.62 4.16
C ILE B 149 -18.74 -11.77 3.64
N LEU B 150 -18.93 -12.96 4.17
CA LEU B 150 -18.03 -14.07 3.83
C LEU B 150 -18.12 -14.36 2.33
N GLY B 151 -19.35 -14.42 1.83
CA GLY B 151 -19.59 -14.70 0.43
C GLY B 151 -18.99 -13.65 -0.43
N GLU B 152 -19.09 -12.41 0.03
CA GLU B 152 -18.48 -11.32 -0.72
C GLU B 152 -16.95 -11.44 -0.78
N LEU B 153 -16.39 -11.84 0.36
CA LEU B 153 -14.94 -11.98 0.38
C LEU B 153 -14.44 -13.13 -0.48
N VAL B 154 -15.16 -14.25 -0.42
CA VAL B 154 -14.78 -15.44 -1.15
C VAL B 154 -14.68 -15.13 -2.64
N LYS B 155 -15.71 -14.43 -3.14
CA LYS B 155 -15.74 -14.06 -4.54
C LYS B 155 -14.59 -13.10 -4.89
N ALA B 156 -14.38 -12.08 -4.05
CA ALA B 156 -13.36 -11.05 -4.36
C ALA B 156 -11.96 -11.65 -4.32
N TYR B 157 -11.68 -12.44 -3.28
CA TYR B 157 -10.35 -13.13 -3.24
C TYR B 157 -10.15 -14.07 -4.37
N ASN B 158 -11.16 -14.91 -4.64
CA ASN B 158 -11.03 -15.83 -5.77
C ASN B 158 -10.79 -15.10 -7.10
N ASP B 159 -11.44 -13.94 -7.23
CA ASP B 159 -11.29 -13.15 -8.44
C ASP B 159 -9.88 -12.59 -8.61
N GLU B 160 -9.13 -12.42 -7.51
CA GLU B 160 -7.72 -12.07 -7.58
C GLU B 160 -6.76 -13.27 -7.66
N GLY B 161 -7.30 -14.47 -7.82
CA GLY B 161 -6.46 -15.65 -7.90
C GLY B 161 -5.96 -16.07 -6.50
N ILE B 162 -6.72 -15.81 -5.43
CA ILE B 162 -6.19 -16.03 -4.09
C ILE B 162 -7.09 -17.09 -3.48
N ASP B 163 -6.51 -18.16 -2.94
CA ASP B 163 -7.34 -19.18 -2.27
C ASP B 163 -8.01 -18.71 -0.94
N VAL B 164 -9.11 -19.35 -0.51
CA VAL B 164 -9.70 -18.89 0.73
C VAL B 164 -9.82 -20.07 1.63
N HIS B 165 -9.44 -19.89 2.91
CA HIS B 165 -9.50 -20.96 3.90
C HIS B 165 -10.47 -20.39 4.97
N PHE B 166 -11.18 -21.26 5.65
CA PHE B 166 -12.13 -20.86 6.69
C PHE B 166 -11.65 -21.24 8.06
N TYR B 167 -11.41 -20.22 8.90
CA TYR B 167 -11.25 -20.48 10.34
C TYR B 167 -12.65 -20.74 10.87
N PHE B 168 -12.76 -21.66 11.81
CA PHE B 168 -14.09 -21.97 12.42
C PHE B 168 -13.87 -22.35 13.89
N SER B 169 -14.51 -21.63 14.80
CA SER B 169 -14.38 -21.99 16.22
C SER B 169 -15.43 -23.03 16.63
N VAL B 170 -15.01 -24.14 17.19
CA VAL B 170 -15.98 -25.14 17.64
C VAL B 170 -16.61 -24.59 18.90
N MET B 171 -15.80 -24.15 19.84
CA MET B 171 -16.33 -23.53 21.04
C MET B 171 -17.21 -22.35 20.61
N ASP B 172 -18.45 -22.31 21.14
CA ASP B 172 -19.37 -21.23 20.75
C ASP B 172 -20.07 -20.71 22.03
N TRP B 173 -19.75 -19.48 22.39
CA TRP B 173 -20.27 -18.80 23.58
C TRP B 173 -21.72 -18.37 23.42
N SER B 174 -22.27 -18.49 22.21
CA SER B 174 -23.63 -18.01 21.98
C SER B 174 -24.66 -19.15 22.10
N ASN B 175 -24.18 -20.41 22.17
CA ASN B 175 -25.04 -21.58 22.13
C ASN B 175 -24.99 -22.27 23.52
N PRO B 176 -26.10 -22.21 24.26
CA PRO B 176 -26.35 -22.88 25.56
C PRO B 176 -26.05 -24.36 25.59
N ASP B 177 -26.09 -25.03 24.45
CA ASP B 177 -25.76 -26.45 24.42
C ASP B 177 -24.29 -26.72 24.50
N TYR B 178 -23.48 -25.66 24.34
CA TYR B 178 -22.00 -25.89 24.43
C TYR B 178 -21.66 -26.39 25.80
N ARG B 179 -20.76 -27.37 25.91
CA ARG B 179 -20.16 -27.71 27.22
C ARG B 179 -18.62 -27.60 27.19
N TYR B 180 -18.04 -27.17 28.33
CA TYR B 180 -16.56 -27.18 28.52
C TYR B 180 -16.07 -28.56 28.88
N ASP B 181 -16.99 -29.35 29.41
CA ASP B 181 -16.66 -30.71 29.82
C ASP B 181 -17.94 -31.57 29.91
N ILE B 182 -17.76 -32.89 29.85
CA ILE B 182 -18.84 -33.87 30.02
C ILE B 182 -18.74 -34.50 31.44
N LYS B 183 -19.56 -33.97 32.36
CA LYS B 183 -19.50 -34.37 33.76
C LYS B 183 -20.76 -35.17 34.15
N SER B 184 -21.60 -35.49 33.17
CA SER B 184 -22.96 -35.91 33.44
C SER B 184 -23.69 -36.39 32.19
N LYS B 185 -24.90 -36.89 32.41
CA LYS B 185 -25.65 -37.41 31.31
C LYS B 185 -26.24 -36.23 30.56
N GLU B 186 -26.70 -35.19 31.28
CA GLU B 186 -27.37 -34.05 30.62
C GLU B 186 -26.33 -33.39 29.75
N ASP B 187 -25.10 -33.37 30.24
CA ASP B 187 -23.96 -32.78 29.51
C ASP B 187 -23.79 -33.45 28.15
N SER B 188 -23.64 -34.75 28.19
CA SER B 188 -23.52 -35.53 27.01
C SER B 188 -24.67 -35.32 26.02
N ILE B 189 -25.87 -35.18 26.56
CA ILE B 189 -27.00 -35.00 25.70
C ILE B 189 -26.99 -33.62 25.04
N ALA B 190 -26.74 -32.59 25.86
CA ALA B 190 -26.67 -31.18 25.38
C ALA B 190 -25.51 -31.14 24.34
N PHE B 191 -24.41 -31.79 24.66
CA PHE B 191 -23.23 -31.59 23.81
C PHE B 191 -23.42 -32.31 22.48
N SER B 192 -24.16 -33.43 22.50
CA SER B 192 -24.55 -34.12 21.29
CA SER B 192 -24.49 -34.10 21.27
C SER B 192 -25.32 -33.21 20.35
N ARG B 193 -26.28 -32.48 20.91
CA ARG B 193 -27.04 -31.57 20.06
C ARG B 193 -26.08 -30.44 19.55
N PHE B 194 -25.15 -30.05 20.42
CA PHE B 194 -24.19 -29.02 20.03
C PHE B 194 -23.35 -29.50 18.84
N LEU B 195 -22.94 -30.76 18.86
CA LEU B 195 -22.16 -31.33 17.77
C LEU B 195 -22.97 -31.42 16.48
N GLU B 196 -24.29 -31.67 16.58
CA GLU B 196 -25.14 -31.73 15.36
C GLU B 196 -25.29 -30.32 14.80
N PHE B 197 -25.51 -29.31 15.67
CA PHE B 197 -25.56 -27.89 15.29
C PHE B 197 -24.26 -27.50 14.56
N THR B 198 -23.14 -27.95 15.09
CA THR B 198 -21.84 -27.60 14.53
C THR B 198 -21.69 -28.23 13.13
N ASP B 199 -22.05 -29.49 13.03
CA ASP B 199 -22.04 -30.16 11.74
C ASP B 199 -22.89 -29.43 10.72
N ASN B 200 -24.09 -28.97 11.14
CA ASN B 200 -24.94 -28.21 10.27
C ASN B 200 -24.26 -26.97 9.75
N GLN B 201 -23.65 -26.19 10.62
CA GLN B 201 -22.90 -24.97 10.10
C GLN B 201 -21.73 -25.37 9.13
N LEU B 202 -21.02 -26.45 9.45
CA LEU B 202 -19.85 -26.88 8.66
C LEU B 202 -20.28 -27.31 7.27
N LYS B 203 -21.31 -28.15 7.19
CA LYS B 203 -21.85 -28.58 5.90
C LYS B 203 -22.34 -27.41 5.14
N GLU B 204 -22.98 -26.50 5.84
CA GLU B 204 -23.48 -25.34 5.20
C GLU B 204 -22.38 -24.45 4.58
N LEU B 205 -21.25 -24.30 5.26
CA LEU B 205 -20.13 -23.52 4.69
C LEU B 205 -19.58 -24.25 3.49
N ALA B 206 -19.44 -25.58 3.61
CA ALA B 206 -18.74 -26.38 2.59
C ALA B 206 -19.54 -26.38 1.31
N THR B 207 -20.85 -26.39 1.42
CA THR B 207 -21.74 -26.48 0.23
C THR B 207 -22.14 -25.10 -0.31
N ARG B 208 -22.29 -24.10 0.57
CA ARG B 208 -22.57 -22.72 0.08
C ARG B 208 -21.36 -22.05 -0.60
N TYR B 209 -20.13 -22.40 -0.19
CA TYR B 209 -18.92 -21.71 -0.67
C TYR B 209 -17.96 -22.86 -1.07
N PRO B 210 -18.25 -23.52 -2.19
CA PRO B 210 -17.52 -24.73 -2.57
C PRO B 210 -16.10 -24.53 -3.00
N THR B 211 -15.68 -23.29 -3.21
CA THR B 211 -14.23 -23.01 -3.55
C THR B 211 -13.30 -22.94 -2.29
N VAL B 212 -13.91 -23.14 -1.12
CA VAL B 212 -13.14 -23.23 0.14
C VAL B 212 -12.03 -24.29 0.01
N LYS B 213 -10.81 -23.96 0.43
CA LYS B 213 -9.68 -24.91 0.23
C LYS B 213 -9.16 -25.57 1.50
N ASP B 214 -9.67 -25.12 2.66
CA ASP B 214 -9.10 -25.46 3.96
C ASP B 214 -10.11 -25.10 5.06
N PHE B 215 -10.25 -25.95 6.08
CA PHE B 215 -10.90 -25.55 7.33
C PHE B 215 -9.88 -25.60 8.44
N TRP B 216 -9.73 -24.47 9.11
CA TRP B 216 -8.76 -24.29 10.21
C TRP B 216 -9.56 -24.12 11.52
N PHE B 217 -9.61 -25.19 12.29
CA PHE B 217 -10.41 -25.24 13.49
C PHE B 217 -9.69 -24.63 14.68
N ASP B 218 -10.46 -23.97 15.52
CA ASP B 218 -9.99 -23.45 16.79
C ASP B 218 -11.09 -23.74 17.83
N GLY B 219 -10.80 -23.49 19.11
CA GLY B 219 -11.78 -23.68 20.18
C GLY B 219 -12.05 -25.20 20.33
N THR B 220 -10.99 -26.01 20.28
CA THR B 220 -11.16 -27.47 20.28
C THR B 220 -10.34 -28.09 21.37
N TRP B 221 -9.86 -27.28 22.30
CA TRP B 221 -8.96 -27.78 23.37
C TRP B 221 -9.80 -28.29 24.60
N ASP B 222 -11.08 -27.89 24.72
CA ASP B 222 -11.86 -28.23 25.93
C ASP B 222 -12.01 -29.74 26.12
N ALA B 223 -12.03 -30.19 27.37
CA ALA B 223 -12.24 -31.62 27.67
C ALA B 223 -13.46 -32.23 26.95
N SER B 224 -14.55 -31.45 26.73
CA SER B 224 -15.72 -31.96 26.02
C SER B 224 -15.31 -32.48 24.65
N VAL B 225 -14.51 -31.69 23.94
CA VAL B 225 -13.99 -32.08 22.61
C VAL B 225 -13.04 -33.27 22.61
N LYS B 226 -12.13 -33.27 23.60
CA LYS B 226 -11.15 -34.33 23.82
C LYS B 226 -11.85 -35.67 24.07
N LYS B 227 -12.97 -35.60 24.82
CA LYS B 227 -13.75 -36.85 25.10
C LYS B 227 -14.45 -37.34 23.83
N ASN B 228 -14.55 -36.47 22.82
CA ASN B 228 -15.29 -36.77 21.62
C ASN B 228 -14.42 -36.81 20.35
N GLY B 229 -13.31 -37.52 20.47
CA GLY B 229 -12.36 -37.67 19.37
C GLY B 229 -13.02 -38.18 18.10
N TRP B 230 -13.99 -39.11 18.26
CA TRP B 230 -14.67 -39.75 17.09
C TRP B 230 -15.26 -38.63 16.21
N TRP B 231 -15.80 -37.59 16.87
CA TRP B 231 -16.48 -36.46 16.20
C TRP B 231 -15.44 -35.64 15.37
N THR B 232 -14.27 -35.39 15.92
CA THR B 232 -13.21 -34.66 15.19
C THR B 232 -12.82 -35.43 13.92
N ALA B 233 -12.68 -36.72 14.02
CA ALA B 233 -12.38 -37.56 12.85
C ALA B 233 -13.53 -37.53 11.83
N HIS B 234 -14.75 -37.62 12.34
CA HIS B 234 -15.97 -37.54 11.51
C HIS B 234 -16.09 -36.16 10.82
N ALA B 235 -15.78 -35.06 11.54
CA ALA B 235 -15.86 -33.74 10.92
C ALA B 235 -14.80 -33.68 9.82
N GLU B 236 -13.64 -34.25 10.05
CA GLU B 236 -12.61 -34.24 8.99
C GLU B 236 -13.07 -34.97 7.74
N GLN B 237 -13.67 -36.15 7.92
CA GLN B 237 -14.02 -36.94 6.74
C GLN B 237 -15.27 -36.38 6.07
N MET B 238 -16.23 -35.94 6.88
CA MET B 238 -17.42 -35.26 6.35
C MET B 238 -17.04 -34.10 5.42
N LEU B 239 -16.09 -33.28 5.84
CA LEU B 239 -15.73 -32.14 5.00
C LEU B 239 -14.93 -32.58 3.75
N LYS B 240 -14.09 -33.58 3.89
CA LYS B 240 -13.31 -34.05 2.75
C LYS B 240 -14.24 -34.69 1.71
N GLU B 241 -15.38 -35.18 2.17
CA GLU B 241 -16.32 -35.78 1.18
C GLU B 241 -17.10 -34.70 0.44
N LEU B 242 -17.25 -33.53 1.07
CA LEU B 242 -18.04 -32.44 0.49
C LEU B 242 -17.18 -31.52 -0.32
N VAL B 243 -15.87 -31.46 -0.04
CA VAL B 243 -15.05 -30.48 -0.77
C VAL B 243 -13.81 -31.25 -1.20
N PRO B 244 -13.78 -31.65 -2.45
CA PRO B 244 -12.60 -32.47 -2.88
C PRO B 244 -11.26 -31.78 -2.64
N GLY B 245 -10.34 -32.49 -1.99
CA GLY B 245 -8.95 -32.02 -1.83
C GLY B 245 -8.78 -31.01 -0.68
N VAL B 246 -9.86 -30.69 0.00
CA VAL B 246 -9.83 -29.74 1.15
C VAL B 246 -8.76 -30.18 2.15
N ALA B 247 -8.10 -29.14 2.74
CA ALA B 247 -7.13 -29.34 3.81
C ALA B 247 -7.81 -29.16 5.17
N ILE B 248 -7.36 -29.90 6.19
CA ILE B 248 -7.95 -29.81 7.52
C ILE B 248 -6.78 -29.74 8.50
N ASN B 249 -6.80 -28.71 9.39
CA ASN B 249 -5.69 -28.51 10.34
C ASN B 249 -5.64 -29.52 11.49
N SER B 250 -4.46 -29.75 12.02
CA SER B 250 -4.30 -30.72 13.14
C SER B 250 -5.02 -30.30 14.41
N ARG B 251 -5.15 -28.98 14.63
CA ARG B 251 -5.78 -28.45 15.81
C ARG B 251 -7.22 -28.95 16.02
N LEU B 252 -7.90 -29.31 14.93
CA LEU B 252 -9.24 -29.93 15.07
C LEU B 252 -9.19 -31.24 15.90
N ARG B 253 -8.14 -32.01 15.67
CA ARG B 253 -8.22 -33.47 15.92
C ARG B 253 -7.83 -33.94 17.30
N ALA B 254 -8.66 -34.82 17.85
CA ALA B 254 -8.32 -35.60 19.01
C ALA B 254 -8.60 -37.09 18.65
N ASP B 255 -7.76 -37.95 19.16
CA ASP B 255 -7.92 -39.39 18.95
C ASP B 255 -8.86 -40.01 20.06
N ASP B 256 -8.95 -41.34 20.06
CA ASP B 256 -9.79 -42.09 21.02
C ASP B 256 -9.47 -41.77 22.49
N LYS B 257 -8.21 -41.40 22.78
CA LYS B 257 -7.76 -41.11 24.13
C LYS B 257 -7.78 -39.64 24.54
N GLY B 258 -8.20 -38.75 23.64
CA GLY B 258 -8.28 -37.32 23.91
C GLY B 258 -6.94 -36.64 23.59
N LYS B 259 -5.98 -37.40 23.02
CA LYS B 259 -4.70 -36.79 22.62
C LYS B 259 -4.89 -35.89 21.32
N ARG B 260 -4.39 -34.64 21.35
CA ARG B 260 -4.66 -33.68 20.29
C ARG B 260 -3.49 -33.47 19.37
N HIS B 261 -3.79 -33.09 18.12
CA HIS B 261 -2.78 -32.78 17.05
C HIS B 261 -2.07 -34.05 16.55
N PHE B 262 -1.28 -34.69 17.40
CA PHE B 262 -0.64 -35.93 17.06
C PHE B 262 -1.34 -37.03 17.92
N ASP B 263 -1.59 -38.20 17.35
CA ASP B 263 -2.40 -39.21 18.13
C ASP B 263 -1.47 -39.91 19.15
N SER B 264 -2.03 -40.92 19.80
CA SER B 264 -1.33 -41.69 20.86
C SER B 264 -0.11 -42.46 20.37
N ASN B 265 -0.06 -42.68 19.07
CA ASN B 265 1.09 -43.32 18.45
C ASN B 265 2.07 -42.30 17.83
N GLY B 266 1.93 -41.03 18.20
CA GLY B 266 2.84 -39.97 17.68
C GLY B 266 2.58 -39.52 16.24
N ARG B 267 1.48 -39.94 15.63
CA ARG B 267 1.27 -39.64 14.22
C ARG B 267 0.37 -38.39 14.08
N LEU B 268 0.70 -37.56 13.13
CA LEU B 268 -0.08 -36.31 12.95
C LEU B 268 -1.44 -36.61 12.43
N MET B 269 -2.44 -35.97 13.03
CA MET B 269 -3.79 -36.08 12.55
C MET B 269 -4.09 -34.82 11.72
N GLY B 270 -5.05 -34.97 10.82
CA GLY B 270 -5.34 -33.92 9.84
C GLY B 270 -4.24 -33.83 8.78
N ASP B 271 -4.20 -32.73 8.02
CA ASP B 271 -3.34 -32.70 6.86
C ASP B 271 -2.08 -31.91 7.07
N TYR B 272 -2.05 -31.11 8.12
CA TYR B 272 -0.84 -30.34 8.44
C TYR B 272 -0.91 -29.92 9.91
N GLU B 273 0.26 -29.74 10.50
CA GLU B 273 0.37 -29.31 11.87
C GLU B 273 0.15 -27.82 11.98
N SER B 274 -0.79 -27.39 12.84
CA SER B 274 -1.00 -25.96 13.02
C SER B 274 -0.56 -25.62 14.42
N GLY B 275 0.38 -24.71 14.51
CA GLY B 275 0.99 -24.32 15.80
C GLY B 275 1.97 -23.18 15.60
N TYR B 276 2.92 -23.12 16.51
CA TYR B 276 3.99 -22.14 16.41
C TYR B 276 3.53 -20.63 16.33
N GLU B 277 2.36 -20.27 16.89
CA GLU B 277 1.94 -18.83 17.02
C GLU B 277 2.95 -18.19 17.95
N ARG B 278 3.52 -17.07 17.59
CA ARG B 278 4.57 -16.52 18.49
C ARG B 278 5.82 -17.35 18.93
N ARG B 279 6.04 -18.60 18.50
CA ARG B 279 7.40 -19.18 18.51
C ARG B 279 7.58 -20.26 17.43
N LEU B 280 8.34 -19.95 16.41
CA LEU B 280 8.59 -20.91 15.31
C LEU B 280 9.52 -22.08 15.70
N PRO B 281 9.54 -23.17 14.92
CA PRO B 281 10.51 -24.24 15.23
C PRO B 281 11.93 -23.83 15.13
N ASP B 282 12.77 -24.44 15.97
CA ASP B 282 14.11 -23.94 16.12
C ASP B 282 14.88 -24.53 14.90
N PRO B 283 15.66 -23.70 14.18
CA PRO B 283 16.28 -24.14 12.92
C PRO B 283 17.36 -25.17 13.08
N VAL B 284 17.79 -25.41 14.30
CA VAL B 284 18.83 -26.40 14.53
C VAL B 284 18.20 -27.61 15.19
N LYS B 285 17.34 -27.37 16.19
CA LYS B 285 16.85 -28.45 17.08
C LYS B 285 15.56 -29.11 16.68
N ASP B 286 14.76 -28.44 15.85
CA ASP B 286 13.44 -28.95 15.57
C ASP B 286 13.28 -29.38 14.12
N LEU B 287 14.31 -29.96 13.51
CA LEU B 287 14.28 -30.41 12.08
C LEU B 287 13.24 -31.52 11.83
N LYS B 288 12.72 -32.10 12.89
CA LYS B 288 11.68 -33.05 12.72
C LYS B 288 10.44 -32.49 11.99
N VAL B 289 10.17 -31.18 12.09
CA VAL B 289 8.96 -30.63 11.51
C VAL B 289 9.03 -30.73 9.99
N THR B 290 10.25 -30.80 9.41
CA THR B 290 10.40 -30.97 7.95
C THR B 290 9.71 -32.24 7.45
N GLN B 291 9.26 -33.12 8.36
CA GLN B 291 8.71 -34.42 7.93
C GLN B 291 7.22 -34.34 7.70
N TRP B 292 6.60 -33.23 8.08
CA TRP B 292 5.17 -33.05 7.75
C TRP B 292 4.82 -31.63 7.28
N ASP B 293 3.66 -31.47 6.62
CA ASP B 293 3.23 -30.12 6.25
C ASP B 293 2.84 -29.36 7.55
N TRP B 294 3.08 -28.07 7.62
CA TRP B 294 2.75 -27.35 8.82
C TRP B 294 2.56 -25.91 8.46
N GLU B 295 1.81 -25.19 9.27
CA GLU B 295 1.50 -23.78 8.96
C GLU B 295 1.59 -23.00 10.28
N ALA B 296 2.43 -21.98 10.33
CA ALA B 296 2.40 -21.02 11.46
C ALA B 296 1.54 -19.78 11.23
N CYS B 297 0.90 -19.24 12.29
CA CYS B 297 0.15 -17.98 12.15
CA CYS B 297 0.10 -18.02 12.16
C CYS B 297 0.70 -17.00 13.17
N MET B 298 0.79 -15.73 12.80
CA MET B 298 1.47 -14.79 13.68
C MET B 298 0.64 -13.48 13.75
N THR B 299 0.75 -12.78 14.85
CA THR B 299 0.15 -11.43 15.02
C THR B 299 1.22 -10.39 14.82
N ILE B 300 0.84 -9.16 14.48
CA ILE B 300 1.79 -8.04 14.38
C ILE B 300 2.22 -7.55 15.78
N PRO B 301 1.24 -7.15 16.64
CA PRO B 301 1.63 -7.00 18.01
C PRO B 301 1.83 -8.37 18.65
N GLU B 302 2.10 -8.39 19.92
CA GLU B 302 2.43 -9.63 20.56
C GLU B 302 1.32 -10.66 20.65
N ASN B 303 0.09 -10.19 20.95
CA ASN B 303 -1.03 -11.11 21.05
C ASN B 303 -2.43 -10.40 20.91
N GLN B 304 -2.64 -9.83 19.72
CA GLN B 304 -3.92 -9.21 19.36
C GLN B 304 -4.28 -9.82 18.01
N TRP B 305 -5.38 -10.60 17.91
CA TRP B 305 -5.84 -11.08 16.61
C TRP B 305 -6.94 -10.20 16.07
N GLY B 306 -8.00 -10.06 16.84
CA GLY B 306 -9.03 -9.09 16.53
C GLY B 306 -8.56 -7.64 16.65
N TYR B 307 -9.34 -6.73 16.12
CA TYR B 307 -9.02 -5.30 16.22
C TYR B 307 -8.94 -4.85 17.65
N HIS B 308 -7.76 -4.38 18.04
CA HIS B 308 -7.54 -3.69 19.33
C HIS B 308 -7.19 -2.23 19.10
N LYS B 309 -7.91 -1.32 19.74
CA LYS B 309 -7.68 0.08 19.43
C LYS B 309 -6.38 0.66 19.92
N ASP B 310 -5.73 0.03 20.92
CA ASP B 310 -4.45 0.53 21.41
C ASP B 310 -3.22 -0.42 21.21
N TRP B 311 -2.45 -0.19 20.17
CA TRP B 311 -1.26 -1.02 19.91
C TRP B 311 -0.05 -0.63 20.72
N SER B 312 -0.10 0.53 21.42
CA SER B 312 0.99 0.91 22.34
C SER B 312 1.14 -0.05 23.56
N LEU B 313 0.16 -0.90 23.82
CA LEU B 313 0.33 -1.79 24.98
C LEU B 313 1.34 -2.95 24.91
N SER B 314 1.82 -3.31 23.72
CA SER B 314 2.81 -4.41 23.63
C SER B 314 3.70 -4.11 22.44
N TYR B 315 4.75 -4.90 22.29
CA TYR B 315 5.66 -4.71 21.17
C TYR B 315 4.99 -5.01 19.81
N VAL B 316 5.22 -4.16 18.78
CA VAL B 316 4.61 -4.27 17.48
C VAL B 316 5.81 -4.61 16.51
N LYS B 317 5.72 -5.76 15.83
CA LYS B 317 6.83 -6.17 14.94
C LYS B 317 7.00 -5.22 13.75
N THR B 318 8.25 -4.98 13.37
CA THR B 318 8.53 -4.25 12.17
C THR B 318 8.38 -5.20 10.94
N PRO B 319 8.28 -4.62 9.75
CA PRO B 319 8.17 -5.46 8.56
C PRO B 319 9.33 -6.41 8.40
N ILE B 320 10.57 -6.00 8.72
CA ILE B 320 11.67 -6.96 8.57
C ILE B 320 11.54 -8.10 9.56
N GLU B 321 11.06 -7.82 10.79
CA GLU B 321 10.87 -8.91 11.75
C GLU B 321 9.82 -9.88 11.20
N VAL B 322 8.78 -9.38 10.53
CA VAL B 322 7.79 -10.27 9.94
C VAL B 322 8.35 -11.09 8.74
N ILE B 323 9.10 -10.45 7.87
CA ILE B 323 9.70 -11.09 6.68
C ILE B 323 10.64 -12.17 7.14
N ASP B 324 11.36 -11.92 8.22
CA ASP B 324 12.26 -12.91 8.79
C ASP B 324 11.52 -14.19 9.23
N ARG B 325 10.36 -14.04 9.90
CA ARG B 325 9.56 -15.17 10.27
C ARG B 325 8.95 -15.88 9.08
N ILE B 326 8.51 -15.14 8.07
CA ILE B 326 7.98 -15.83 6.86
C ILE B 326 9.12 -16.75 6.25
N VAL B 327 10.31 -16.22 6.08
CA VAL B 327 11.39 -16.96 5.44
C VAL B 327 11.78 -18.11 6.34
N HIS B 328 11.86 -17.84 7.64
CA HIS B 328 12.18 -18.90 8.66
C HIS B 328 11.18 -20.06 8.43
N ALA B 329 9.93 -19.79 8.33
CA ALA B 329 8.95 -20.87 8.18
C ALA B 329 9.19 -21.68 6.89
N VAL B 330 9.30 -20.99 5.76
CA VAL B 330 9.52 -21.67 4.51
C VAL B 330 10.83 -22.46 4.55
N SER B 331 11.85 -21.96 5.21
CA SER B 331 13.14 -22.66 5.27
C SER B 331 13.05 -23.99 6.05
N MET B 332 12.02 -24.14 6.84
CA MET B 332 11.72 -25.38 7.58
C MET B 332 10.53 -26.14 7.05
N GLY B 333 10.16 -25.85 5.81
CA GLY B 333 9.09 -26.63 5.15
C GLY B 333 7.68 -26.26 5.59
N GLY B 334 7.50 -25.04 6.10
CA GLY B 334 6.14 -24.62 6.60
C GLY B 334 5.59 -23.36 5.94
N ASN B 335 4.29 -23.14 6.09
CA ASN B 335 3.60 -21.91 5.62
C ASN B 335 3.60 -20.90 6.71
N MET B 336 3.50 -19.61 6.34
CA MET B 336 3.40 -18.55 7.38
C MET B 336 2.20 -17.68 7.02
N VAL B 337 1.37 -17.38 8.02
CA VAL B 337 0.19 -16.58 7.84
C VAL B 337 0.28 -15.33 8.71
N VAL B 338 0.12 -14.13 8.11
CA VAL B 338 0.23 -12.87 8.87
C VAL B 338 -1.20 -12.41 9.13
N ASN B 339 -1.51 -12.13 10.38
CA ASN B 339 -2.85 -11.75 10.79
C ASN B 339 -3.12 -10.24 10.60
N PHE B 340 -4.37 -9.93 10.27
CA PHE B 340 -4.95 -8.58 10.21
C PHE B 340 -6.25 -8.62 11.01
N GLY B 341 -6.53 -7.61 11.85
CA GLY B 341 -7.86 -7.48 12.53
C GLY B 341 -8.54 -6.16 12.04
N PRO B 342 -9.36 -6.20 10.97
CA PRO B 342 -9.98 -5.00 10.40
C PRO B 342 -10.78 -4.23 11.44
N GLN B 343 -10.86 -2.92 11.19
CA GLN B 343 -11.68 -2.00 12.05
C GLN B 343 -13.16 -2.35 11.92
N ALA B 344 -13.97 -1.84 12.87
CA ALA B 344 -15.40 -2.05 12.87
C ALA B 344 -16.02 -1.42 11.63
N ASP B 345 -15.42 -0.38 11.11
CA ASP B 345 -16.00 0.22 9.92
C ASP B 345 -15.72 -0.55 8.64
N GLY B 346 -14.84 -1.55 8.71
CA GLY B 346 -14.60 -2.29 7.51
C GLY B 346 -13.35 -1.85 6.72
N ASP B 347 -12.55 -0.94 7.28
CA ASP B 347 -11.23 -0.55 6.70
C ASP B 347 -10.14 -1.12 7.58
N PHE B 348 -8.91 -1.11 7.08
CA PHE B 348 -7.77 -1.59 7.88
C PHE B 348 -7.07 -0.40 8.45
N ARG B 349 -6.61 -0.53 9.69
CA ARG B 349 -5.79 0.51 10.33
C ARG B 349 -4.48 0.75 9.55
N PRO B 350 -3.88 1.94 9.77
CA PRO B 350 -2.73 2.33 8.93
C PRO B 350 -1.51 1.44 9.15
N GLU B 351 -1.31 0.96 10.38
CA GLU B 351 -0.17 0.09 10.69
C GLU B 351 -0.21 -1.18 9.84
N GLU B 352 -1.41 -1.65 9.56
CA GLU B 352 -1.62 -2.90 8.77
C GLU B 352 -1.45 -2.60 7.31
N LYS B 353 -1.96 -1.44 6.86
CA LYS B 353 -1.69 -1.04 5.47
C LYS B 353 -0.17 -0.92 5.20
N ALA B 354 0.57 -0.30 6.14
CA ALA B 354 2.03 -0.12 5.95
C ALA B 354 2.69 -1.50 5.90
N MET B 355 2.21 -2.41 6.77
CA MET B 355 2.79 -3.77 6.82
C MET B 355 2.56 -4.48 5.55
N ALA B 356 1.33 -4.46 5.03
CA ALA B 356 1.07 -5.29 3.86
C ALA B 356 1.88 -4.70 2.71
N THR B 357 1.92 -3.38 2.63
CA THR B 357 2.68 -2.79 1.53
C THR B 357 4.17 -3.15 1.62
N ALA B 358 4.75 -3.09 2.83
CA ALA B 358 6.20 -3.38 2.93
C ALA B 358 6.48 -4.87 2.59
N ILE B 359 5.64 -5.75 3.11
CA ILE B 359 5.77 -7.21 2.78
C ILE B 359 5.64 -7.39 1.28
N GLY B 360 4.65 -6.72 0.66
CA GLY B 360 4.53 -6.85 -0.77
C GLY B 360 5.77 -6.42 -1.60
N LYS B 361 6.37 -5.30 -1.20
CA LYS B 361 7.54 -4.80 -1.88
C LYS B 361 8.67 -5.84 -1.88
N TRP B 362 8.87 -6.44 -0.72
CA TRP B 362 9.97 -7.39 -0.55
C TRP B 362 9.66 -8.69 -1.29
N MET B 363 8.41 -9.17 -1.19
CA MET B 363 8.01 -10.37 -1.88
C MET B 363 8.11 -10.17 -3.40
N ASN B 364 7.76 -8.97 -3.89
CA ASN B 364 7.79 -8.72 -5.31
C ASN B 364 9.23 -8.88 -5.78
N ARG B 365 10.17 -8.53 -4.90
CA ARG B 365 11.52 -8.60 -5.34
C ARG B 365 12.22 -9.96 -5.11
N TYR B 366 11.89 -10.59 -4.00
CA TYR B 366 12.63 -11.77 -3.54
C TYR B 366 11.75 -13.02 -3.42
N GLY B 367 10.50 -12.92 -3.82
CA GLY B 367 9.56 -14.06 -3.56
C GLY B 367 9.85 -15.37 -4.22
N LYS B 368 10.76 -15.37 -5.21
CA LYS B 368 11.17 -16.61 -5.90
C LYS B 368 11.81 -17.55 -4.88
N ALA B 369 12.29 -17.01 -3.76
CA ALA B 369 12.90 -17.79 -2.66
C ALA B 369 11.87 -18.17 -1.61
N VAL B 370 10.61 -17.79 -1.82
CA VAL B 370 9.56 -18.14 -0.86
C VAL B 370 8.51 -19.02 -1.50
N TYR B 371 7.83 -18.53 -2.55
CA TYR B 371 6.75 -19.32 -3.14
C TYR B 371 7.26 -20.67 -3.69
N ALA B 372 6.54 -21.78 -3.40
CA ALA B 372 6.84 -23.09 -3.88
C ALA B 372 8.26 -23.47 -3.43
N CYS B 373 8.78 -22.91 -2.31
CA CYS B 373 10.07 -23.30 -1.82
C CYS B 373 9.89 -24.23 -0.58
N ASP B 374 10.99 -24.80 -0.08
CA ASP B 374 10.90 -25.83 0.93
C ASP B 374 12.24 -25.92 1.66
N TYR B 375 12.29 -26.79 2.67
CA TYR B 375 13.53 -27.00 3.44
C TYR B 375 14.66 -27.48 2.48
N ALA B 376 15.88 -26.96 2.64
CA ALA B 376 17.00 -27.26 1.73
C ALA B 376 17.95 -28.36 2.24
N GLY B 377 17.82 -28.80 3.48
CA GLY B 377 18.67 -29.91 3.89
C GLY B 377 20.08 -29.48 4.23
N PHE B 378 20.33 -28.16 4.35
CA PHE B 378 21.70 -27.68 4.66
C PHE B 378 21.79 -27.30 6.11
N GLU B 379 22.99 -27.34 6.65
CA GLU B 379 23.16 -26.95 8.07
C GLU B 379 22.92 -25.41 8.25
N LYS B 380 22.19 -24.99 9.28
CA LYS B 380 21.88 -23.53 9.49
C LYS B 380 23.13 -22.69 9.70
N GLN B 381 23.23 -21.52 9.07
CA GLN B 381 24.31 -20.61 9.33
C GLN B 381 23.68 -19.30 9.85
N ASP B 382 24.53 -18.45 10.43
CA ASP B 382 24.05 -17.25 11.16
C ASP B 382 23.58 -16.15 10.24
N TRP B 383 24.02 -16.14 8.98
CA TRP B 383 23.65 -15.04 8.10
C TRP B 383 22.17 -15.02 7.72
N GLY B 384 21.46 -16.14 7.90
CA GLY B 384 20.05 -16.19 7.47
C GLY B 384 19.64 -17.61 7.15
N TYR B 385 18.81 -17.83 6.12
CA TYR B 385 18.11 -19.10 5.96
C TYR B 385 18.35 -19.54 4.50
N TYR B 386 18.49 -20.85 4.31
CA TYR B 386 18.36 -21.43 3.00
C TYR B 386 16.89 -21.71 2.69
N THR B 387 16.52 -21.59 1.41
CA THR B 387 15.32 -22.31 0.95
C THR B 387 15.63 -23.05 -0.37
N ARG B 388 14.81 -24.07 -0.68
CA ARG B 388 15.04 -24.86 -1.90
C ARG B 388 13.88 -24.72 -2.83
N GLY B 389 14.20 -24.44 -4.09
CA GLY B 389 13.13 -24.24 -5.06
C GLY B 389 12.67 -25.60 -5.59
N LYS B 390 11.63 -25.55 -6.41
CA LYS B 390 10.98 -26.71 -6.94
C LYS B 390 11.89 -27.53 -7.81
N ASN B 391 12.88 -26.87 -8.38
CA ASN B 391 13.81 -27.54 -9.27
C ASN B 391 15.24 -27.45 -8.79
N ASP B 392 15.37 -27.62 -7.49
CA ASP B 392 16.69 -27.67 -6.84
C ASP B 392 17.52 -26.40 -6.90
N GLU B 393 16.89 -25.26 -7.16
CA GLU B 393 17.59 -23.99 -6.88
C GLU B 393 17.83 -23.92 -5.34
N VAL B 394 18.95 -23.39 -4.87
CA VAL B 394 19.10 -23.24 -3.42
C VAL B 394 19.28 -21.75 -3.17
N TYR B 395 18.39 -21.14 -2.37
CA TYR B 395 18.49 -19.72 -2.15
C TYR B 395 19.05 -19.42 -0.77
N MET B 396 19.99 -18.47 -0.71
CA MET B 396 20.51 -17.96 0.55
C MET B 396 19.76 -16.68 0.83
N VAL B 397 18.96 -16.65 1.91
CA VAL B 397 18.25 -15.41 2.24
C VAL B 397 18.99 -14.78 3.43
N VAL B 398 19.67 -13.66 3.15
CA VAL B 398 20.64 -13.09 4.08
C VAL B 398 19.96 -11.98 4.88
N PHE B 399 19.89 -12.18 6.20
CA PHE B 399 19.27 -11.21 7.12
C PHE B 399 20.30 -10.52 8.01
N ASN B 400 21.45 -11.18 8.16
CA ASN B 400 22.50 -10.69 9.09
C ASN B 400 23.77 -10.65 8.29
N GLN B 401 24.30 -9.47 8.03
CA GLN B 401 25.42 -9.28 7.08
C GLN B 401 26.78 -9.40 7.83
N PRO B 402 27.63 -10.35 7.42
CA PRO B 402 28.92 -10.54 8.14
C PRO B 402 29.92 -9.42 7.84
N TYR B 403 30.50 -8.86 8.89
CA TYR B 403 31.66 -8.00 8.73
C TYR B 403 32.76 -8.70 7.98
N SER B 404 32.83 -10.04 8.04
CA SER B 404 33.93 -10.70 7.32
C SER B 404 33.73 -10.62 5.79
N GLU B 405 32.55 -10.18 5.35
CA GLU B 405 32.15 -10.10 3.88
C GLU B 405 32.11 -11.46 3.21
N ARG B 406 31.97 -12.52 4.02
CA ARG B 406 32.01 -13.90 3.53
C ARG B 406 30.81 -14.61 4.17
N LEU B 407 29.98 -15.28 3.35
CA LEU B 407 28.79 -16.01 3.86
C LEU B 407 29.17 -17.48 3.84
N ILE B 408 29.22 -18.10 5.00
CA ILE B 408 29.69 -19.47 5.11
C ILE B 408 28.60 -20.42 4.58
N VAL B 409 28.97 -21.35 3.69
CA VAL B 409 28.01 -22.36 3.24
C VAL B 409 28.64 -23.73 3.42
N LYS B 410 28.09 -24.55 4.31
CA LYS B 410 28.56 -25.92 4.51
C LYS B 410 27.55 -26.82 3.82
N THR B 411 28.01 -27.58 2.84
CA THR B 411 27.14 -28.42 2.01
C THR B 411 26.98 -29.81 2.53
N PRO B 412 25.83 -30.45 2.24
CA PRO B 412 25.64 -31.81 2.66
C PRO B 412 26.62 -32.71 1.83
N LYS B 413 26.82 -33.96 2.26
CA LYS B 413 27.75 -34.90 1.61
C LYS B 413 27.29 -35.03 0.17
N GLY B 414 28.26 -34.95 -0.74
CA GLY B 414 27.94 -35.13 -2.14
C GLY B 414 27.59 -33.87 -2.90
N ILE B 415 27.42 -32.73 -2.21
CA ILE B 415 26.83 -31.60 -2.90
C ILE B 415 27.94 -30.59 -3.07
N THR B 416 28.10 -30.01 -4.26
CA THR B 416 29.05 -28.95 -4.51
C THR B 416 28.25 -27.75 -4.93
N VAL B 417 28.84 -26.56 -4.74
CA VAL B 417 28.32 -25.29 -5.21
C VAL B 417 29.05 -24.93 -6.51
N GLU B 418 28.33 -24.80 -7.61
CA GLU B 418 28.97 -24.49 -8.91
C GLU B 418 28.83 -23.05 -9.25
N LYS B 419 27.84 -22.32 -8.71
CA LYS B 419 27.75 -20.91 -9.06
C LYS B 419 26.91 -20.19 -8.01
N ALA B 420 27.15 -18.91 -7.84
CA ALA B 420 26.27 -18.07 -7.02
C ALA B 420 25.88 -16.87 -7.80
N THR B 421 24.63 -16.39 -7.62
CA THR B 421 24.10 -15.26 -8.40
C THR B 421 23.23 -14.37 -7.52
N LEU B 422 23.41 -13.08 -7.61
CA LEU B 422 22.57 -12.22 -6.82
C LEU B 422 21.21 -12.20 -7.50
N LEU B 423 20.21 -12.58 -6.75
CA LEU B 423 18.87 -12.71 -7.34
C LEU B 423 18.33 -11.48 -8.06
N THR B 424 18.46 -10.30 -7.50
CA THR B 424 17.83 -9.13 -8.09
C THR B 424 18.54 -8.71 -9.41
N THR B 425 19.85 -8.91 -9.53
CA THR B 425 20.57 -8.25 -10.63
C THR B 425 21.12 -9.26 -11.60
N GLY B 426 21.19 -10.52 -11.19
CA GLY B 426 21.77 -11.56 -12.02
C GLY B 426 23.30 -11.54 -12.02
N GLU B 427 23.89 -10.64 -11.24
CA GLU B 427 25.36 -10.52 -11.17
C GLU B 427 26.01 -11.76 -10.51
N ASP B 428 27.21 -12.10 -10.97
CA ASP B 428 27.91 -13.25 -10.51
C ASP B 428 28.55 -12.95 -9.17
N ILE B 429 28.52 -13.93 -8.27
CA ILE B 429 29.08 -13.76 -6.91
C ILE B 429 30.19 -14.82 -6.68
N THR B 430 31.36 -14.39 -6.23
CA THR B 430 32.49 -15.30 -6.02
C THR B 430 32.20 -16.35 -4.97
N VAL B 431 32.55 -17.57 -5.30
CA VAL B 431 32.45 -18.71 -4.41
C VAL B 431 33.86 -19.32 -4.21
N VAL B 432 34.34 -19.39 -2.95
CA VAL B 432 35.70 -19.85 -2.68
C VAL B 432 35.57 -21.04 -1.77
N GLU B 433 36.18 -22.14 -2.15
CA GLU B 433 36.16 -23.28 -1.33
C GLU B 433 37.16 -23.09 -0.15
N THR B 434 36.77 -23.39 1.06
CA THR B 434 37.68 -23.18 2.20
C THR B 434 38.10 -24.53 2.75
N THR B 435 37.22 -25.48 2.61
CA THR B 435 37.46 -26.86 3.00
C THR B 435 36.61 -27.80 2.11
N ARG B 436 36.89 -29.10 2.11
CA ARG B 436 35.96 -30.06 1.48
C ARG B 436 34.51 -29.78 2.02
N ASN B 437 33.53 -29.55 1.18
CA ASN B 437 32.16 -29.25 1.73
C ASN B 437 31.93 -27.92 2.48
N GLU B 438 32.90 -27.01 2.46
CA GLU B 438 32.61 -25.66 2.90
C GLU B 438 33.14 -24.62 1.94
N TYR B 439 32.37 -23.58 1.78
CA TYR B 439 32.69 -22.46 0.91
C TYR B 439 32.45 -21.16 1.63
N ASN B 440 33.15 -20.15 1.18
CA ASN B 440 32.81 -18.77 1.48
C ASN B 440 32.10 -18.22 0.23
N VAL B 441 30.88 -17.75 0.35
CA VAL B 441 30.23 -17.04 -0.74
C VAL B 441 30.39 -15.57 -0.41
N SER B 442 30.95 -14.79 -1.35
CA SER B 442 31.17 -13.36 -1.11
CA SER B 442 31.17 -13.35 -1.13
C SER B 442 29.84 -12.62 -0.97
N VAL B 443 29.79 -11.60 -0.09
CA VAL B 443 28.64 -10.70 -0.09
C VAL B 443 28.71 -9.88 -1.37
N PRO B 444 27.60 -9.30 -1.80
CA PRO B 444 27.70 -8.50 -3.01
C PRO B 444 28.61 -7.30 -2.88
N LYS B 445 29.15 -6.84 -4.00
CA LYS B 445 30.09 -5.70 -4.04
C LYS B 445 29.42 -4.48 -3.44
N LYS B 446 28.16 -4.28 -3.73
CA LYS B 446 27.38 -3.21 -3.09
C LYS B 446 26.38 -3.79 -2.16
N ASN B 447 26.43 -3.28 -0.93
CA ASN B 447 25.56 -3.78 0.13
C ASN B 447 24.07 -3.59 -0.26
N PRO B 448 23.27 -4.66 -0.36
CA PRO B 448 21.87 -4.48 -0.81
C PRO B 448 21.03 -3.60 0.12
N GLY B 449 21.49 -3.43 1.34
CA GLY B 449 20.81 -2.53 2.30
C GLY B 449 19.47 -3.05 2.84
N GLU B 450 19.15 -4.34 2.66
CA GLU B 450 17.86 -4.94 3.11
C GLU B 450 18.14 -6.45 3.03
N PRO B 451 17.27 -7.29 3.63
CA PRO B 451 17.53 -8.71 3.53
C PRO B 451 17.48 -9.14 2.04
N TYR B 452 18.42 -9.95 1.60
CA TYR B 452 18.53 -10.18 0.14
C TYR B 452 18.79 -11.63 -0.22
N VAL B 453 18.83 -12.00 -1.52
CA VAL B 453 18.85 -13.42 -1.83
C VAL B 453 20.02 -13.63 -2.80
N ILE B 454 20.80 -14.63 -2.51
CA ILE B 454 21.80 -15.14 -3.48
C ILE B 454 21.32 -16.54 -3.83
N GLN B 455 21.24 -16.81 -5.14
CA GLN B 455 20.80 -18.11 -5.62
C GLN B 455 22.03 -18.93 -5.93
N LEU B 456 22.05 -20.18 -5.44
CA LEU B 456 23.17 -21.08 -5.72
C LEU B 456 22.71 -22.11 -6.77
N LYS B 457 23.64 -22.53 -7.60
CA LYS B 457 23.43 -23.69 -8.43
C LYS B 457 24.28 -24.75 -7.80
N VAL B 458 23.66 -25.87 -7.43
CA VAL B 458 24.38 -26.94 -6.72
C VAL B 458 24.43 -28.17 -7.59
N ARG B 459 25.35 -29.07 -7.32
CA ARG B 459 25.40 -30.30 -8.11
C ARG B 459 25.51 -31.43 -7.12
N ALA B 460 24.78 -32.50 -7.34
CA ALA B 460 24.91 -33.67 -6.43
C ALA B 460 25.72 -34.82 -7.11
N ALA B 461 26.73 -35.37 -6.45
CA ALA B 461 27.58 -36.42 -7.02
C ALA B 461 26.75 -37.66 -7.27
N LYS B 462 26.97 -38.33 -8.41
CA LYS B 462 26.23 -39.63 -8.63
C LYS B 462 26.63 -40.69 -7.61
N GLY B 463 25.64 -41.48 -7.19
CA GLY B 463 25.88 -42.55 -6.21
C GLY B 463 26.23 -42.14 -4.78
N THR B 464 25.98 -40.90 -4.39
CA THR B 464 25.98 -40.53 -2.98
C THR B 464 24.54 -40.26 -2.61
N LYS B 465 24.06 -40.91 -1.56
CA LYS B 465 22.71 -40.67 -1.06
C LYS B 465 22.65 -39.17 -0.71
N SER B 466 21.66 -38.48 -1.25
CA SER B 466 21.31 -37.10 -0.85
C SER B 466 19.87 -36.79 -1.25
N ILE B 467 19.30 -35.79 -0.60
CA ILE B 467 17.92 -35.34 -0.91
C ILE B 467 17.85 -34.66 -2.29
N TYR B 468 19.04 -34.34 -2.88
CA TYR B 468 19.16 -33.78 -4.27
C TYR B 468 19.29 -34.91 -5.34
N ARG B 469 18.94 -36.15 -4.97
CA ARG B 469 19.32 -37.45 -5.62
C ARG B 469 20.41 -37.35 -6.69
N ALA C 23 -13.87 55.32 -12.78
CA ALA C 23 -13.11 55.97 -11.67
C ALA C 23 -12.03 55.03 -11.09
N GLU C 24 -10.79 55.17 -11.55
CA GLU C 24 -9.66 54.43 -10.95
C GLU C 24 -9.42 55.06 -9.59
N ILE C 25 -9.44 54.26 -8.53
CA ILE C 25 -9.00 54.71 -7.20
C ILE C 25 -7.47 54.75 -7.23
N PRO C 26 -6.84 55.85 -6.73
CA PRO C 26 -5.39 55.82 -6.95
C PRO C 26 -4.72 55.06 -5.79
N LEU C 27 -3.67 54.30 -6.12
CA LEU C 27 -3.07 53.39 -5.16
C LEU C 27 -1.58 53.42 -5.36
N LYS C 28 -0.84 53.41 -4.26
CA LYS C 28 0.60 53.21 -4.38
C LYS C 28 1.03 51.77 -4.10
N TYR C 29 0.17 50.99 -3.45
CA TYR C 29 0.49 49.61 -3.09
C TYR C 29 -0.43 48.55 -3.71
N GLY C 30 -1.15 48.91 -4.80
CA GLY C 30 -1.93 47.93 -5.59
C GLY C 30 -1.14 47.15 -6.65
N ALA C 31 -1.85 46.68 -7.67
CA ALA C 31 -1.32 45.64 -8.54
C ALA C 31 -0.18 46.19 -9.39
N THR C 32 0.72 45.30 -9.80
CA THR C 32 1.90 45.75 -10.53
C THR C 32 1.98 45.13 -11.94
N ASN C 33 1.74 43.81 -12.06
CA ASN C 33 1.49 43.16 -13.36
C ASN C 33 0.14 43.62 -13.98
N GLU C 34 0.15 43.87 -15.30
CA GLU C 34 -1.07 44.27 -16.04
C GLU C 34 -1.92 43.00 -16.34
N GLY C 35 -1.29 41.97 -16.88
CA GLY C 35 -1.93 40.65 -17.00
C GLY C 35 -0.97 39.55 -16.54
N LYS C 36 -0.95 38.42 -17.24
CA LYS C 36 -0.06 37.30 -16.87
C LYS C 36 1.39 37.61 -17.21
N ARG C 37 2.33 37.40 -16.29
CA ARG C 37 3.75 37.42 -16.70
C ARG C 37 4.04 36.32 -17.75
N GLN C 38 4.88 36.65 -18.72
CA GLN C 38 5.20 35.67 -19.76
C GLN C 38 6.69 35.40 -19.89
N ASP C 39 7.47 35.93 -18.96
CA ASP C 39 8.88 35.58 -18.84
C ASP C 39 9.02 34.06 -18.66
N PRO C 40 10.19 33.48 -19.04
CA PRO C 40 10.35 32.04 -18.99
C PRO C 40 10.19 31.45 -17.56
N ALA C 41 10.56 32.19 -16.53
CA ALA C 41 10.40 31.71 -15.10
C ALA C 41 8.92 31.59 -14.78
N MET C 42 8.11 32.61 -15.13
CA MET C 42 6.69 32.45 -14.95
C MET C 42 6.14 31.34 -15.81
N GLN C 43 6.69 31.17 -17.01
CA GLN C 43 6.18 30.09 -17.85
C GLN C 43 6.50 28.73 -17.25
N LYS C 44 7.64 28.61 -16.63
CA LYS C 44 8.09 27.37 -15.98
C LYS C 44 7.15 27.10 -14.77
N PHE C 45 6.91 28.14 -13.97
CA PHE C 45 5.98 28.00 -12.79
C PHE C 45 4.65 27.41 -13.25
N ARG C 46 4.11 27.99 -14.32
CA ARG C 46 2.88 27.51 -14.88
C ARG C 46 2.96 26.11 -15.51
N ASP C 47 3.96 25.85 -16.36
CA ASP C 47 3.97 24.57 -17.05
C ASP C 47 4.23 23.37 -16.11
N ASN C 48 4.93 23.59 -15.00
CA ASN C 48 4.99 22.58 -13.91
C ASN C 48 3.65 21.95 -13.65
N ARG C 49 2.62 22.82 -13.54
CA ARG C 49 1.24 22.50 -13.18
C ARG C 49 0.99 21.76 -11.84
N LEU C 50 1.70 20.63 -11.62
CA LEU C 50 1.47 19.76 -10.46
C LEU C 50 2.60 19.90 -9.45
N GLY C 51 2.22 20.25 -8.23
CA GLY C 51 3.17 20.42 -7.14
C GLY C 51 2.81 19.57 -5.90
N ALA C 52 3.75 19.47 -4.96
CA ALA C 52 3.41 18.88 -3.66
C ALA C 52 3.64 19.91 -2.65
N PHE C 53 2.85 19.91 -1.57
CA PHE C 53 3.18 20.84 -0.49
C PHE C 53 3.75 19.97 0.68
N ILE C 54 4.72 20.50 1.42
CA ILE C 54 5.22 19.86 2.67
C ILE C 54 4.97 20.81 3.83
N HIS C 55 4.12 20.39 4.77
CA HIS C 55 3.95 21.06 6.04
C HIS C 55 4.67 20.22 7.08
N TRP C 56 5.78 20.74 7.62
CA TRP C 56 6.59 20.00 8.60
C TRP C 56 7.06 20.98 9.59
N GLY C 57 6.76 20.73 10.86
CA GLY C 57 7.13 21.63 11.88
C GLY C 57 6.95 20.92 13.23
N LEU C 58 7.09 21.65 14.32
CA LEU C 58 7.09 21.01 15.68
C LEU C 58 5.75 20.28 15.89
N TYR C 59 4.66 20.86 15.31
CA TYR C 59 3.29 20.26 15.37
C TYR C 59 3.23 18.82 14.96
N ALA C 60 4.23 18.38 14.24
CA ALA C 60 4.25 16.98 13.85
C ALA C 60 4.44 16.01 15.07
N ILE C 61 5.05 16.52 16.13
CA ILE C 61 5.37 15.69 17.31
C ILE C 61 4.06 15.35 18.08
N PRO C 62 3.29 16.35 18.58
CA PRO C 62 2.02 15.99 19.20
C PRO C 62 1.02 15.37 18.20
N GLY C 63 1.09 15.79 16.93
CA GLY C 63 0.17 15.25 15.90
C GLY C 63 -1.29 15.42 16.24
N GLY C 64 -1.68 16.57 16.74
CA GLY C 64 -3.09 16.84 16.91
C GLY C 64 -3.58 16.60 18.34
N GLU C 65 -2.67 16.09 19.15
CA GLU C 65 -3.01 15.64 20.51
C GLU C 65 -2.19 16.44 21.51
N TRP C 66 -2.86 17.17 22.40
CA TRP C 66 -2.13 17.83 23.47
C TRP C 66 -2.45 17.21 24.84
N ASN C 67 -1.43 16.63 25.51
CA ASN C 67 -1.57 16.14 26.87
C ASN C 67 -2.78 15.18 27.00
N GLY C 68 -2.83 14.11 26.21
CA GLY C 68 -3.92 13.12 26.30
C GLY C 68 -5.26 13.51 25.69
N LYS C 69 -5.35 14.71 25.12
CA LYS C 69 -6.53 15.10 24.40
C LYS C 69 -6.29 15.33 22.85
N VAL C 70 -7.11 14.68 22.00
CA VAL C 70 -7.06 14.81 20.55
C VAL C 70 -7.98 15.95 20.09
N TYR C 71 -7.44 16.94 19.36
CA TYR C 71 -8.26 18.08 18.91
C TYR C 71 -8.58 17.82 17.42
N GLY C 72 -9.82 18.12 17.03
CA GLY C 72 -10.30 17.87 15.65
C GLY C 72 -9.81 18.97 14.68
N GLY C 73 -9.43 20.16 15.17
CA GLY C 73 -8.92 21.26 14.31
C GLY C 73 -7.57 20.88 13.65
N ALA C 74 -7.13 21.65 12.63
CA ALA C 74 -5.86 21.39 11.94
C ALA C 74 -4.70 21.20 12.96
N ALA C 75 -3.94 20.15 12.78
CA ALA C 75 -2.87 19.78 13.72
C ALA C 75 -1.79 20.86 13.78
N GLU C 76 -1.58 21.55 12.65
CA GLU C 76 -0.59 22.63 12.69
C GLU C 76 -1.02 23.83 13.52
N TRP C 77 -2.31 23.92 13.84
CA TRP C 77 -2.81 24.95 14.76
C TRP C 77 -3.01 24.45 16.25
N LEU C 78 -2.49 23.28 16.60
CA LEU C 78 -2.71 22.72 17.92
C LEU C 78 -2.35 23.72 19.05
N LYS C 79 -1.26 24.49 18.83
CA LYS C 79 -0.81 25.49 19.83
C LYS C 79 -1.96 26.40 20.19
N SER C 80 -2.69 26.80 19.19
CA SER C 80 -3.87 27.63 19.44
C SER C 80 -5.04 26.78 20.03
N TRP C 81 -5.34 25.59 19.52
CA TRP C 81 -6.53 24.82 20.00
C TRP C 81 -6.37 24.49 21.48
N ALA C 82 -5.17 24.07 21.81
CA ALA C 82 -4.90 23.65 23.19
C ALA C 82 -4.40 24.79 24.08
N LYS C 83 -4.31 26.02 23.53
CA LYS C 83 -3.95 27.22 24.27
C LYS C 83 -2.56 27.04 24.92
N VAL C 84 -1.60 26.49 24.18
CA VAL C 84 -0.24 26.30 24.73
C VAL C 84 0.52 27.62 24.61
N PRO C 85 1.06 28.14 25.75
CA PRO C 85 1.99 29.30 25.61
C PRO C 85 3.19 28.96 24.70
N ALA C 86 3.71 30.03 24.07
CA ALA C 86 4.90 29.93 23.26
C ALA C 86 6.06 29.13 23.90
N ASP C 87 6.44 29.43 25.16
CA ASP C 87 7.64 28.82 25.75
C ASP C 87 7.47 27.33 25.79
N GLU C 88 6.29 26.86 26.22
CA GLU C 88 6.03 25.42 26.30
C GLU C 88 5.93 24.83 24.90
N TRP C 89 5.22 25.53 24.00
CA TRP C 89 5.12 24.96 22.66
C TRP C 89 6.54 24.72 22.10
N LEU C 90 7.39 25.74 22.28
CA LEU C 90 8.75 25.67 21.68
C LEU C 90 9.67 24.61 22.33
N LYS C 91 9.33 24.14 23.55
CA LYS C 91 10.15 23.04 24.12
C LYS C 91 10.03 21.78 23.34
N LEU C 92 9.06 21.73 22.41
CA LEU C 92 8.99 20.57 21.51
C LEU C 92 10.29 20.46 20.72
N MET C 93 11.02 21.57 20.61
CA MET C 93 12.33 21.52 19.92
C MET C 93 13.27 20.46 20.54
N ASP C 94 13.16 20.30 21.86
CA ASP C 94 13.96 19.25 22.54
C ASP C 94 13.61 17.86 22.10
N GLN C 95 12.42 17.68 21.50
CA GLN C 95 12.01 16.38 20.96
C GLN C 95 12.25 16.18 19.50
N TRP C 96 12.75 17.21 18.83
CA TRP C 96 12.89 17.16 17.39
C TRP C 96 14.07 16.35 16.88
N ASN C 97 13.80 15.14 16.39
CA ASN C 97 14.87 14.23 15.96
C ASN C 97 14.40 13.21 14.93
N PRO C 98 14.09 13.68 13.70
CA PRO C 98 13.56 12.82 12.67
C PRO C 98 14.60 11.83 12.13
N THR C 99 14.84 10.72 12.85
CA THR C 99 15.91 9.81 12.44
C THR C 99 15.62 9.16 11.12
N LYS C 100 14.32 8.96 10.80
CA LYS C 100 14.01 8.37 9.52
C LYS C 100 14.09 9.41 8.35
N PHE C 101 14.27 10.68 8.66
CA PHE C 101 14.37 11.70 7.58
C PHE C 101 15.47 11.42 6.60
N ASP C 102 15.12 11.33 5.32
CA ASP C 102 16.14 11.22 4.28
C ASP C 102 15.77 12.05 3.00
N ALA C 103 16.37 13.23 2.87
CA ALA C 103 16.03 14.16 1.77
C ALA C 103 16.04 13.50 0.38
N LYS C 104 17.01 12.61 0.12
CA LYS C 104 17.01 11.87 -1.15
C LYS C 104 15.76 11.02 -1.37
N LYS C 105 15.32 10.34 -0.31
CA LYS C 105 14.10 9.57 -0.39
C LYS C 105 12.86 10.48 -0.56
N TRP C 106 12.82 11.61 0.13
CA TRP C 106 11.71 12.55 -0.10
C TRP C 106 11.62 13.01 -1.57
N ALA C 107 12.77 13.30 -2.14
CA ALA C 107 12.86 13.74 -3.51
C ALA C 107 12.46 12.65 -4.48
N LYS C 108 12.82 11.39 -4.19
CA LYS C 108 12.38 10.26 -5.02
C LYS C 108 10.85 10.06 -5.02
N MET C 109 10.25 10.17 -3.83
CA MET C 109 8.79 10.08 -3.65
C MET C 109 8.08 11.18 -4.51
N ALA C 110 8.58 12.43 -4.45
CA ALA C 110 8.02 13.54 -5.22
C ALA C 110 8.23 13.29 -6.73
N LYS C 111 9.45 12.89 -7.15
CA LYS C 111 9.70 12.41 -8.56
C LYS C 111 8.73 11.29 -9.00
N GLU C 112 8.56 10.27 -8.15
CA GLU C 112 7.66 9.11 -8.44
C GLU C 112 6.20 9.52 -8.62
N MET C 113 5.76 10.44 -7.76
CA MET C 113 4.43 11.02 -7.83
C MET C 113 4.20 11.88 -9.08
N GLY C 114 5.25 12.42 -9.65
CA GLY C 114 5.08 13.20 -10.86
C GLY C 114 4.97 14.71 -10.59
N THR C 115 5.27 15.14 -9.38
CA THR C 115 5.33 16.56 -9.07
C THR C 115 6.51 17.22 -9.77
N LYS C 116 6.33 18.42 -10.29
CA LYS C 116 7.41 19.16 -10.90
C LYS C 116 8.00 20.21 -9.96
N TYR C 117 7.33 20.35 -8.82
CA TYR C 117 7.73 21.31 -7.81
C TYR C 117 7.22 20.95 -6.42
N VAL C 118 7.89 21.47 -5.41
CA VAL C 118 7.50 21.26 -4.01
C VAL C 118 7.58 22.57 -3.28
N LYS C 119 6.50 22.88 -2.54
CA LYS C 119 6.37 24.03 -1.69
C LYS C 119 6.61 23.54 -0.26
N ILE C 120 7.49 24.21 0.48
CA ILE C 120 7.95 23.70 1.80
C ILE C 120 7.68 24.76 2.82
N THR C 121 7.02 24.38 3.93
CA THR C 121 6.88 25.33 5.05
C THR C 121 8.26 25.65 5.68
N THR C 122 8.82 26.80 5.38
CA THR C 122 10.10 27.20 5.97
C THR C 122 9.92 27.57 7.45
N LYS C 123 8.80 28.22 7.72
CA LYS C 123 8.42 28.68 9.00
C LYS C 123 6.87 28.83 9.03
N HIS C 124 6.21 27.99 9.88
CA HIS C 124 4.73 28.07 9.98
C HIS C 124 4.38 29.08 11.10
N HIS C 125 3.11 29.21 11.46
CA HIS C 125 2.71 30.14 12.54
C HIS C 125 3.45 29.94 13.88
N GLU C 126 3.77 28.69 14.22
CA GLU C 126 4.51 28.33 15.44
C GLU C 126 5.89 29.10 15.50
N GLY C 127 6.51 29.41 14.34
CA GLY C 127 7.72 30.24 14.40
C GLY C 127 9.00 29.44 14.34
N PHE C 128 8.90 28.11 14.40
CA PHE C 128 10.07 27.24 14.28
C PHE C 128 10.60 27.23 12.83
N CYS C 129 11.89 27.54 12.64
CA CYS C 129 12.41 27.57 11.26
C CYS C 129 13.08 26.31 10.91
N LEU C 130 12.75 25.77 9.75
CA LEU C 130 13.42 24.57 9.28
CA LEU C 130 13.38 24.56 9.22
C LEU C 130 14.81 24.84 8.67
N TRP C 131 15.30 26.08 8.81
CA TRP C 131 16.67 26.44 8.41
C TRP C 131 17.27 27.16 9.57
N PRO C 132 18.63 27.15 9.64
CA PRO C 132 19.23 27.68 10.85
C PRO C 132 19.30 29.17 10.82
N SER C 133 18.17 29.85 10.99
CA SER C 133 18.12 31.29 10.90
C SER C 133 18.99 31.98 11.95
N LYS C 134 19.58 33.10 11.56
CA LYS C 134 20.47 33.82 12.40
C LYS C 134 19.66 34.80 13.23
N TYR C 135 18.34 34.93 12.97
CA TYR C 135 17.55 35.97 13.63
C TYR C 135 16.60 35.49 14.74
N THR C 136 16.64 34.21 15.00
CA THR C 136 15.93 33.66 16.18
C THR C 136 16.61 32.40 16.69
N LYS C 137 16.42 32.05 17.97
CA LYS C 137 16.90 30.70 18.46
C LYS C 137 15.99 29.57 18.08
N TYR C 138 14.77 29.96 17.73
CA TYR C 138 13.80 28.96 17.33
C TYR C 138 13.98 28.23 16.00
N THR C 139 15.03 27.40 15.85
CA THR C 139 15.41 26.73 14.58
C THR C 139 15.89 25.27 14.69
N VAL C 140 15.95 24.55 13.55
CA VAL C 140 16.45 23.17 13.50
C VAL C 140 17.83 23.05 14.23
N ALA C 141 18.55 24.16 14.25
CA ALA C 141 19.92 24.19 14.79
C ALA C 141 19.92 23.94 16.29
N ASN C 142 18.86 24.41 16.95
CA ASN C 142 18.72 24.28 18.38
C ASN C 142 17.85 23.08 18.78
N THR C 143 18.09 21.94 18.16
CA THR C 143 17.30 20.76 18.46
C THR C 143 18.27 19.61 18.45
N PRO C 144 17.85 18.43 18.97
CA PRO C 144 18.78 17.32 18.88
C PRO C 144 19.27 17.10 17.44
N TYR C 145 18.40 17.35 16.47
CA TYR C 145 18.69 17.00 15.10
C TYR C 145 19.79 17.91 14.51
N LYS C 146 19.84 19.18 14.91
CA LYS C 146 20.86 20.15 14.44
C LYS C 146 20.89 20.51 12.96
N ARG C 147 20.60 19.57 12.07
CA ARG C 147 20.91 19.76 10.66
C ARG C 147 19.89 20.62 9.90
N ASP C 148 20.31 21.11 8.74
CA ASP C 148 19.56 22.15 8.07
C ASP C 148 18.63 21.43 7.13
N ILE C 149 17.44 21.12 7.64
CA ILE C 149 16.43 20.35 6.90
C ILE C 149 16.14 21.02 5.55
N LEU C 150 15.93 22.33 5.62
CA LEU C 150 15.48 23.06 4.44
C LEU C 150 16.55 22.98 3.35
N GLY C 151 17.76 23.25 3.77
CA GLY C 151 18.96 23.04 2.92
C GLY C 151 19.08 21.66 2.34
N GLU C 152 18.82 20.63 3.13
CA GLU C 152 18.92 19.30 2.58
C GLU C 152 17.84 19.03 1.60
N LEU C 153 16.65 19.62 1.83
CA LEU C 153 15.59 19.36 0.91
C LEU C 153 15.83 20.12 -0.41
N VAL C 154 16.29 21.35 -0.27
CA VAL C 154 16.56 22.17 -1.47
C VAL C 154 17.51 21.41 -2.41
N LYS C 155 18.63 20.95 -1.86
CA LYS C 155 19.55 20.13 -2.65
C LYS C 155 18.89 18.87 -3.28
N ALA C 156 18.12 18.11 -2.49
CA ALA C 156 17.62 16.84 -2.94
C ALA C 156 16.60 16.97 -4.06
N TYR C 157 15.64 17.87 -3.86
CA TYR C 157 14.61 18.10 -4.89
C TYR C 157 15.26 18.60 -6.17
N ASN C 158 16.08 19.63 -6.05
CA ASN C 158 16.75 20.20 -7.21
C ASN C 158 17.53 19.09 -7.98
N ASP C 159 18.13 18.14 -7.27
CA ASP C 159 18.96 17.05 -7.89
C ASP C 159 18.09 16.14 -8.65
N GLU C 160 16.82 16.12 -8.27
CA GLU C 160 15.83 15.41 -9.02
C GLU C 160 15.22 16.26 -10.11
N GLY C 161 15.64 17.53 -10.23
CA GLY C 161 15.11 18.41 -11.28
C GLY C 161 13.72 18.93 -10.91
N ILE C 162 13.51 19.11 -9.61
CA ILE C 162 12.21 19.53 -9.11
C ILE C 162 12.44 20.92 -8.52
N ASP C 163 11.63 21.92 -8.90
CA ASP C 163 11.73 23.29 -8.35
C ASP C 163 11.25 23.34 -6.91
N VAL C 164 11.78 24.27 -6.15
CA VAL C 164 11.42 24.43 -4.76
C VAL C 164 10.79 25.81 -4.53
N HIS C 165 9.69 25.80 -3.82
CA HIS C 165 8.95 27.03 -3.45
C HIS C 165 8.91 27.08 -1.91
N PHE C 166 8.99 28.25 -1.36
CA PHE C 166 9.01 28.48 0.08
C PHE C 166 7.66 29.07 0.57
N TYR C 167 6.95 28.26 1.34
CA TYR C 167 5.89 28.85 2.22
C TYR C 167 6.55 29.62 3.31
N PHE C 168 5.99 30.77 3.68
CA PHE C 168 6.47 31.53 4.80
C PHE C 168 5.31 32.17 5.52
N SER C 169 5.22 31.93 6.84
CA SER C 169 4.21 32.62 7.67
C SER C 169 4.69 33.95 8.21
N VAL C 170 4.02 35.02 7.86
CA VAL C 170 4.34 36.29 8.44
C VAL C 170 3.96 36.28 9.94
N MET C 171 2.72 35.95 10.27
CA MET C 171 2.30 35.80 11.69
C MET C 171 3.25 34.78 12.33
N ASP C 172 3.74 35.15 13.51
CA ASP C 172 4.81 34.37 14.18
C ASP C 172 4.51 34.33 15.67
N TRP C 173 3.95 33.23 16.12
CA TRP C 173 3.55 33.06 17.50
C TRP C 173 4.77 32.97 18.46
N SER C 174 5.99 32.88 17.90
CA SER C 174 7.23 32.69 18.68
C SER C 174 7.87 34.03 19.00
N ASN C 175 7.45 35.08 18.32
CA ASN C 175 8.17 36.32 18.41
C ASN C 175 7.30 37.37 19.10
N PRO C 176 7.69 37.77 20.30
CA PRO C 176 6.77 38.58 21.08
C PRO C 176 6.65 39.98 20.52
N ASP C 177 7.37 40.28 19.43
CA ASP C 177 7.18 41.58 18.80
C ASP C 177 6.00 41.55 17.83
N TYR C 178 5.47 40.36 17.53
CA TYR C 178 4.30 40.33 16.67
C TYR C 178 3.10 41.01 17.36
N ARG C 179 2.26 41.63 16.54
CA ARG C 179 1.00 42.22 16.97
C ARG C 179 -0.12 41.82 15.98
N TYR C 180 -1.34 41.57 16.50
CA TYR C 180 -2.56 41.23 15.67
C TYR C 180 -3.20 42.49 15.14
N ASP C 181 -3.00 43.57 15.87
CA ASP C 181 -3.49 44.87 15.51
C ASP C 181 -2.62 45.88 16.27
N ILE C 182 -2.55 47.08 15.72
CA ILE C 182 -1.79 48.16 16.34
C ILE C 182 -2.75 49.09 17.08
N LYS C 183 -2.66 49.11 18.41
CA LYS C 183 -3.61 49.84 19.26
C LYS C 183 -2.94 50.99 20.07
N SER C 184 -1.62 51.12 19.97
CA SER C 184 -0.87 52.05 20.81
C SER C 184 0.50 52.29 20.15
N LYS C 185 1.15 53.36 20.59
CA LYS C 185 2.48 53.70 20.15
C LYS C 185 3.40 52.50 20.41
N GLU C 186 3.16 51.80 21.53
CA GLU C 186 4.00 50.63 21.90
C GLU C 186 3.84 49.51 20.87
N ASP C 187 2.59 49.27 20.45
CA ASP C 187 2.37 48.26 19.40
C ASP C 187 3.13 48.61 18.11
N SER C 188 3.14 49.90 17.75
CA SER C 188 3.80 50.35 16.54
CA SER C 188 3.81 50.33 16.52
C SER C 188 5.32 50.11 16.59
N ILE C 189 5.90 50.36 17.75
CA ILE C 189 7.35 50.12 17.92
C ILE C 189 7.71 48.66 17.76
N ALA C 190 6.99 47.79 18.45
CA ALA C 190 7.26 46.35 18.35
C ALA C 190 7.02 45.85 16.93
N PHE C 191 5.91 46.29 16.32
CA PHE C 191 5.59 45.76 15.01
C PHE C 191 6.59 46.19 13.94
N SER C 192 7.08 47.44 13.99
CA SER C 192 8.10 47.90 13.04
C SER C 192 9.32 47.02 13.21
N ARG C 193 9.66 46.77 14.48
CA ARG C 193 10.77 45.90 14.69
C ARG C 193 10.47 44.51 14.11
N PHE C 194 9.25 44.04 14.35
CA PHE C 194 8.81 42.76 13.79
C PHE C 194 8.93 42.61 12.23
N LEU C 195 8.41 43.60 11.51
CA LEU C 195 8.58 43.70 10.06
C LEU C 195 10.05 43.69 9.62
N GLU C 196 10.92 44.37 10.36
CA GLU C 196 12.32 44.28 9.98
C GLU C 196 12.88 42.88 10.18
N PHE C 197 12.53 42.24 11.30
CA PHE C 197 12.91 40.83 11.56
C PHE C 197 12.43 39.97 10.41
N THR C 198 11.20 40.24 9.97
CA THR C 198 10.62 39.46 8.87
C THR C 198 11.41 39.65 7.57
N ASP C 199 11.68 40.90 7.25
CA ASP C 199 12.55 41.19 6.14
C ASP C 199 13.88 40.47 6.23
N ASN C 200 14.44 40.52 7.43
CA ASN C 200 15.67 39.80 7.67
C ASN C 200 15.65 38.33 7.32
N GLN C 201 14.62 37.61 7.77
CA GLN C 201 14.51 36.19 7.41
C GLN C 201 14.25 35.98 5.93
N LEU C 202 13.42 36.82 5.33
CA LEU C 202 13.17 36.59 3.91
C LEU C 202 14.47 36.74 3.06
N LYS C 203 15.23 37.77 3.41
CA LYS C 203 16.49 38.01 2.73
C LYS C 203 17.47 36.87 3.01
N GLU C 204 17.48 36.43 4.25
CA GLU C 204 18.32 35.27 4.57
C GLU C 204 17.96 34.02 3.76
N LEU C 205 16.66 33.74 3.66
CA LEU C 205 16.19 32.68 2.84
C LEU C 205 16.61 32.81 1.35
N ALA C 206 16.42 33.99 0.82
CA ALA C 206 16.67 34.28 -0.60
C ALA C 206 18.15 34.18 -0.93
N THR C 207 18.99 34.53 0.02
CA THR C 207 20.44 34.48 -0.21
C THR C 207 21.05 33.13 0.18
N ARG C 208 20.54 32.44 1.23
CA ARG C 208 21.05 31.07 1.50
C ARG C 208 20.65 30.07 0.43
N TYR C 209 19.47 30.26 -0.13
CA TYR C 209 18.88 29.26 -1.00
C TYR C 209 18.47 29.93 -2.32
N PRO C 210 19.46 30.30 -3.17
CA PRO C 210 19.12 31.09 -4.36
C PRO C 210 18.33 30.37 -5.47
N THR C 211 18.20 29.05 -5.43
CA THR C 211 17.40 28.32 -6.44
C THR C 211 15.87 28.37 -6.13
N VAL C 212 15.49 29.04 -5.05
CA VAL C 212 14.05 29.24 -4.77
C VAL C 212 13.32 29.86 -5.95
N LYS C 213 12.16 29.29 -6.33
CA LYS C 213 11.36 29.78 -7.48
C LYS C 213 10.15 30.60 -7.10
N ASP C 214 9.79 30.65 -5.82
CA ASP C 214 8.45 31.16 -5.39
C ASP C 214 8.44 31.37 -3.88
N PHE C 215 7.81 32.45 -3.42
CA PHE C 215 7.51 32.65 -1.99
C PHE C 215 6.01 32.66 -1.84
N TRP C 216 5.47 31.79 -1.00
CA TRP C 216 4.01 31.64 -0.87
C TRP C 216 3.70 32.11 0.53
N PHE C 217 3.15 33.28 0.66
CA PHE C 217 2.92 33.86 1.97
C PHE C 217 1.61 33.38 2.62
N ASP C 218 1.63 33.27 3.95
CA ASP C 218 0.40 32.93 4.75
C ASP C 218 0.46 33.71 6.07
N GLY C 219 -0.60 33.70 6.90
CA GLY C 219 -0.60 34.46 8.11
C GLY C 219 -0.45 35.95 7.88
N THR C 220 -1.14 36.44 6.85
CA THR C 220 -1.10 37.86 6.50
C THR C 220 -2.49 38.49 6.60
N TRP C 221 -3.46 37.83 7.26
CA TRP C 221 -4.83 38.44 7.33
C TRP C 221 -4.96 39.39 8.51
N ASP C 222 -4.01 39.41 9.45
CA ASP C 222 -4.33 40.21 10.65
C ASP C 222 -4.45 41.67 10.33
N ALA C 223 -5.21 42.42 11.12
CA ALA C 223 -5.39 43.87 10.96
C ALA C 223 -4.04 44.64 10.88
N SER C 224 -3.07 44.21 11.71
CA SER C 224 -1.73 44.80 11.69
C SER C 224 -1.13 44.76 10.29
N VAL C 225 -1.26 43.63 9.58
CA VAL C 225 -0.71 43.54 8.23
C VAL C 225 -1.58 44.33 7.24
N LYS C 226 -2.89 44.16 7.38
CA LYS C 226 -3.85 44.89 6.52
C LYS C 226 -3.60 46.39 6.56
N LYS C 227 -3.31 46.89 7.74
CA LYS C 227 -3.05 48.31 7.89
C LYS C 227 -1.69 48.70 7.33
N ASN C 228 -0.83 47.74 6.99
CA ASN C 228 0.53 48.04 6.50
C ASN C 228 0.78 47.51 5.11
N GLY C 229 -0.09 47.95 4.17
CA GLY C 229 -0.10 47.39 2.83
C GLY C 229 1.23 47.62 2.17
N TRP C 230 1.82 48.75 2.48
CA TRP C 230 3.09 49.22 1.89
C TRP C 230 4.13 48.17 2.14
N TRP C 231 4.05 47.50 3.30
CA TRP C 231 5.06 46.53 3.66
C TRP C 231 4.95 45.30 2.72
N THR C 232 3.70 44.85 2.52
CA THR C 232 3.45 43.74 1.60
C THR C 232 4.00 44.00 0.18
N ALA C 233 3.75 45.22 -0.32
CA ALA C 233 4.26 45.62 -1.66
C ALA C 233 5.80 45.64 -1.65
N HIS C 234 6.34 46.09 -0.54
CA HIS C 234 7.79 46.15 -0.37
C HIS C 234 8.41 44.76 -0.36
N ALA C 235 7.74 43.80 0.29
CA ALA C 235 8.32 42.49 0.51
C ALA C 235 8.39 41.87 -0.86
N GLU C 236 7.34 42.13 -1.64
CA GLU C 236 7.28 41.57 -2.99
C GLU C 236 8.46 42.11 -3.85
N GLN C 237 8.62 43.44 -3.86
CA GLN C 237 9.67 44.07 -4.64
C GLN C 237 11.05 43.65 -4.12
N MET C 238 11.23 43.66 -2.79
CA MET C 238 12.51 43.25 -2.24
C MET C 238 12.94 41.83 -2.69
N LEU C 239 12.02 40.88 -2.68
CA LEU C 239 12.37 39.56 -3.10
C LEU C 239 12.61 39.45 -4.62
N LYS C 240 11.82 40.15 -5.42
CA LYS C 240 11.98 40.13 -6.87
C LYS C 240 13.35 40.69 -7.27
N GLU C 241 13.84 41.64 -6.49
CA GLU C 241 15.19 42.18 -6.72
C GLU C 241 16.28 41.21 -6.30
N LEU C 242 16.01 40.36 -5.30
CA LEU C 242 17.00 39.37 -4.86
C LEU C 242 17.02 38.09 -5.66
N VAL C 243 15.88 37.69 -6.20
CA VAL C 243 15.75 36.39 -6.83
C VAL C 243 15.13 36.62 -8.20
N PRO C 244 15.97 36.68 -9.29
CA PRO C 244 15.43 36.95 -10.62
C PRO C 244 14.32 35.96 -11.01
N GLY C 245 13.16 36.47 -11.45
CA GLY C 245 12.07 35.60 -11.95
C GLY C 245 11.20 34.95 -10.85
N VAL C 246 11.54 35.20 -9.60
CA VAL C 246 10.74 34.65 -8.45
C VAL C 246 9.25 35.05 -8.56
N ALA C 247 8.38 34.11 -8.24
CA ALA C 247 6.95 34.38 -8.16
C ALA C 247 6.55 34.65 -6.71
N ILE C 248 5.45 35.38 -6.57
CA ILE C 248 4.93 35.80 -5.29
C ILE C 248 3.42 35.69 -5.28
N ASN C 249 2.86 34.96 -4.30
CA ASN C 249 1.44 34.70 -4.27
C ASN C 249 0.62 35.93 -3.84
N SER C 250 -0.64 35.94 -4.26
CA SER C 250 -1.56 37.04 -4.00
C SER C 250 -1.85 37.18 -2.49
N ARG C 251 -1.88 36.07 -1.75
CA ARG C 251 -2.18 36.06 -0.31
C ARG C 251 -1.29 36.97 0.53
N LEU C 252 -0.06 37.21 0.05
CA LEU C 252 0.83 38.19 0.67
C LEU C 252 0.19 39.56 0.78
N ARG C 253 -0.51 39.98 -0.26
CA ARG C 253 -0.59 41.40 -0.57
C ARG C 253 -1.85 42.07 -0.12
N ALA C 254 -1.68 43.27 0.46
CA ALA C 254 -2.76 44.21 0.79
C ALA C 254 -2.42 45.56 0.16
N ASP C 255 -3.45 46.25 -0.35
CA ASP C 255 -3.19 47.55 -0.95
C ASP C 255 -3.32 48.64 0.14
N ASP C 256 -3.38 49.89 -0.34
CA ASP C 256 -3.41 51.10 0.48
C ASP C 256 -4.62 51.06 1.39
N LYS C 257 -5.69 50.42 0.94
CA LYS C 257 -6.95 50.44 1.68
C LYS C 257 -7.11 49.26 2.58
N GLY C 258 -6.15 48.33 2.52
CA GLY C 258 -6.26 47.10 3.27
C GLY C 258 -6.97 45.96 2.56
N LYS C 259 -7.33 46.14 1.31
CA LYS C 259 -7.89 45.05 0.48
C LYS C 259 -6.83 44.02 0.06
N ARG C 260 -7.13 42.76 0.31
CA ARG C 260 -6.16 41.68 0.10
C ARG C 260 -6.37 40.88 -1.19
N HIS C 261 -5.31 40.27 -1.69
CA HIS C 261 -5.35 39.49 -2.95
C HIS C 261 -5.57 40.35 -4.23
N PHE C 262 -6.75 40.90 -4.38
CA PHE C 262 -7.06 41.80 -5.49
C PHE C 262 -7.26 43.18 -4.93
N ASP C 263 -6.73 44.19 -5.64
CA ASP C 263 -6.71 45.51 -4.99
C ASP C 263 -8.10 46.18 -5.12
N SER C 264 -8.19 47.42 -4.66
CA SER C 264 -9.40 48.19 -4.64
C SER C 264 -9.91 48.51 -6.02
N ASN C 265 -9.05 48.38 -7.02
CA ASN C 265 -9.52 48.48 -8.38
C ASN C 265 -9.84 47.11 -8.99
N GLY C 266 -9.84 46.06 -8.18
CA GLY C 266 -10.04 44.68 -8.66
C GLY C 266 -8.89 44.03 -9.44
N ARG C 267 -7.66 44.59 -9.40
CA ARG C 267 -6.53 44.00 -10.09
C ARG C 267 -5.81 43.01 -9.18
N LEU C 268 -5.49 41.85 -9.74
CA LEU C 268 -4.69 40.85 -9.03
C LEU C 268 -3.33 41.41 -8.57
N MET C 269 -3.03 41.30 -7.27
CA MET C 269 -1.71 41.65 -6.71
C MET C 269 -0.83 40.40 -6.61
N GLY C 270 0.47 40.55 -6.72
CA GLY C 270 1.30 39.33 -6.82
C GLY C 270 1.20 38.67 -8.19
N ASP C 271 1.88 37.54 -8.38
CA ASP C 271 2.04 36.96 -9.74
C ASP C 271 0.95 35.98 -10.06
N TYR C 272 0.24 35.51 -9.04
CA TYR C 272 -0.77 34.47 -9.28
C TYR C 272 -1.76 34.48 -8.10
N GLU C 273 -3.00 34.08 -8.36
CA GLU C 273 -3.98 34.06 -7.30
C GLU C 273 -3.80 32.75 -6.54
N SER C 274 -3.66 32.85 -5.24
CA SER C 274 -3.71 31.66 -4.38
C SER C 274 -5.02 31.62 -3.57
N GLY C 275 -5.72 30.49 -3.69
CA GLY C 275 -6.99 30.33 -3.05
C GLY C 275 -7.47 28.95 -3.38
N TYR C 276 -8.78 28.81 -3.32
CA TYR C 276 -9.45 27.61 -3.76
C TYR C 276 -9.02 26.36 -2.98
N GLU C 277 -8.62 26.52 -1.73
CA GLU C 277 -8.28 25.33 -0.93
C GLU C 277 -9.68 24.89 -0.55
N ARG C 278 -9.98 23.61 -0.55
CA ARG C 278 -11.39 23.24 -0.22
C ARG C 278 -12.54 23.71 -1.15
N ARG C 279 -12.26 24.36 -2.29
CA ARG C 279 -13.24 24.46 -3.41
C ARG C 279 -12.66 25.13 -4.72
N LEU C 280 -12.55 24.37 -5.79
CA LEU C 280 -12.00 24.89 -7.04
C LEU C 280 -13.04 25.82 -7.76
N PRO C 281 -12.57 26.70 -8.64
CA PRO C 281 -13.48 27.55 -9.42
C PRO C 281 -14.50 26.71 -10.18
N ASP C 282 -15.74 27.17 -10.26
CA ASP C 282 -16.76 26.44 -11.00
C ASP C 282 -16.44 26.46 -12.50
N PRO C 283 -16.46 25.29 -13.13
CA PRO C 283 -16.01 25.13 -14.53
C PRO C 283 -16.95 25.85 -15.53
N VAL C 284 -18.17 26.15 -15.10
CA VAL C 284 -19.13 26.94 -15.90
C VAL C 284 -19.18 28.39 -15.48
N LYS C 285 -19.30 28.65 -14.17
CA LYS C 285 -19.59 30.02 -13.72
C LYS C 285 -18.36 30.85 -13.41
N ASP C 286 -17.19 30.20 -13.30
CA ASP C 286 -16.03 30.92 -12.83
C ASP C 286 -14.91 31.00 -13.85
N LEU C 287 -15.24 31.16 -15.14
CA LEU C 287 -14.22 31.30 -16.21
C LEU C 287 -13.30 32.50 -16.17
N LYS C 288 -13.69 33.57 -15.49
CA LYS C 288 -12.79 34.64 -15.20
C LYS C 288 -11.39 34.21 -14.72
N VAL C 289 -11.26 33.11 -13.94
CA VAL C 289 -9.95 32.74 -13.40
C VAL C 289 -9.01 32.40 -14.54
N THR C 290 -9.53 32.12 -15.72
CA THR C 290 -8.67 31.85 -16.87
C THR C 290 -7.87 33.06 -17.32
N GLN C 291 -8.22 34.26 -16.82
CA GLN C 291 -7.48 35.46 -17.18
C GLN C 291 -6.19 35.70 -16.40
N TRP C 292 -6.00 34.99 -15.28
CA TRP C 292 -4.75 35.17 -14.56
C TRP C 292 -4.14 33.82 -14.16
N ASP C 293 -2.87 33.81 -13.81
CA ASP C 293 -2.30 32.58 -13.21
C ASP C 293 -2.87 32.37 -11.83
N TRP C 294 -2.98 31.10 -11.45
CA TRP C 294 -3.50 30.83 -10.15
C TRP C 294 -3.07 29.43 -9.77
N GLU C 295 -3.17 29.15 -8.47
CA GLU C 295 -2.75 27.86 -7.92
C GLU C 295 -3.61 27.52 -6.74
N ALA C 296 -4.18 26.32 -6.77
CA ALA C 296 -4.94 25.83 -5.66
C ALA C 296 -4.05 24.90 -4.84
N CYS C 297 -4.22 24.90 -3.52
CA CYS C 297 -3.51 23.91 -2.73
CA CYS C 297 -3.50 23.92 -2.73
C CYS C 297 -4.55 23.12 -1.97
N MET C 298 -4.37 21.78 -1.87
CA MET C 298 -5.41 20.98 -1.26
C MET C 298 -4.84 20.02 -0.23
N THR C 299 -5.69 19.71 0.76
CA THR C 299 -5.35 18.69 1.73
C THR C 299 -5.97 17.34 1.32
N ILE C 300 -5.39 16.23 1.79
CA ILE C 300 -5.99 14.94 1.58
C ILE C 300 -7.26 14.66 2.47
N PRO C 301 -7.16 14.85 3.79
CA PRO C 301 -8.34 14.90 4.65
C PRO C 301 -9.01 16.25 4.41
N GLU C 302 -10.11 16.50 5.09
CA GLU C 302 -10.87 17.70 4.82
C GLU C 302 -10.10 19.00 5.18
N ASN C 303 -9.39 19.00 6.31
CA ASN C 303 -8.59 20.19 6.71
C ASN C 303 -7.54 19.91 7.77
N GLN C 304 -6.49 19.21 7.33
CA GLN C 304 -5.32 18.93 8.15
C GLN C 304 -4.15 19.16 7.18
N TRP C 305 -3.30 20.13 7.50
CA TRP C 305 -2.07 20.37 6.71
C TRP C 305 -0.82 19.72 7.37
N GLY C 306 -0.58 20.03 8.64
CA GLY C 306 0.52 19.32 9.31
C GLY C 306 0.01 17.94 9.75
N TYR C 307 0.91 17.12 10.29
CA TYR C 307 0.62 15.73 10.61
C TYR C 307 -0.40 15.65 11.72
N HIS C 308 -1.51 14.96 11.47
CA HIS C 308 -2.52 14.66 12.50
C HIS C 308 -2.59 13.13 12.63
N LYS C 309 -2.39 12.62 13.85
CA LYS C 309 -2.32 11.17 14.07
C LYS C 309 -3.63 10.40 13.75
N ASP C 310 -4.75 11.09 13.71
CA ASP C 310 -6.03 10.40 13.51
C ASP C 310 -6.82 10.91 12.26
N TRP C 311 -6.63 10.25 11.13
CA TRP C 311 -7.40 10.68 9.95
C TRP C 311 -8.83 10.13 9.89
N SER C 312 -9.26 9.32 10.87
CA SER C 312 -10.64 8.80 10.85
C SER C 312 -11.59 9.96 11.21
N LEU C 313 -11.04 11.12 11.56
CA LEU C 313 -11.94 12.20 12.02
C LEU C 313 -12.73 13.03 10.94
N SER C 314 -12.28 13.01 9.68
CA SER C 314 -12.98 13.67 8.58
C SER C 314 -12.74 12.85 7.31
N TYR C 315 -13.45 13.27 6.25
CA TYR C 315 -13.41 12.56 5.02
C TYR C 315 -11.97 12.61 4.47
N VAL C 316 -11.48 11.47 3.99
CA VAL C 316 -10.19 11.40 3.36
C VAL C 316 -10.33 11.11 1.86
N LYS C 317 -9.78 12.00 1.00
CA LYS C 317 -9.93 11.87 -0.47
C LYS C 317 -9.23 10.66 -1.04
N THR C 318 -9.88 9.98 -1.97
CA THR C 318 -9.24 8.87 -2.69
C THR C 318 -8.37 9.43 -3.81
N PRO C 319 -7.45 8.62 -4.33
CA PRO C 319 -6.59 9.09 -5.39
C PRO C 319 -7.35 9.64 -6.61
N ILE C 320 -8.45 8.99 -7.00
CA ILE C 320 -9.17 9.45 -8.19
C ILE C 320 -9.79 10.85 -7.92
N GLU C 321 -10.23 11.06 -6.68
CA GLU C 321 -10.81 12.33 -6.26
C GLU C 321 -9.75 13.42 -6.35
N VAL C 322 -8.51 13.10 -5.99
CA VAL C 322 -7.44 14.07 -6.08
C VAL C 322 -7.04 14.31 -7.54
N ILE C 323 -6.95 13.24 -8.30
CA ILE C 323 -6.67 13.37 -9.73
C ILE C 323 -7.78 14.20 -10.44
N ASP C 324 -9.04 14.01 -10.05
CA ASP C 324 -10.09 14.86 -10.56
C ASP C 324 -9.79 16.38 -10.33
N ARG C 325 -9.40 16.75 -9.10
CA ARG C 325 -9.04 18.12 -8.80
C ARG C 325 -7.83 18.62 -9.57
N ILE C 326 -6.81 17.77 -9.80
CA ILE C 326 -5.60 18.19 -10.49
C ILE C 326 -5.95 18.57 -11.95
N VAL C 327 -6.67 17.68 -12.62
CA VAL C 327 -7.10 17.92 -13.99
C VAL C 327 -8.08 19.12 -14.07
N HIS C 328 -9.01 19.19 -13.12
CA HIS C 328 -9.91 20.36 -12.98
C HIS C 328 -9.11 21.64 -13.01
N ALA C 329 -8.12 21.76 -12.15
CA ALA C 329 -7.37 23.01 -12.09
C ALA C 329 -6.71 23.34 -13.44
N VAL C 330 -6.05 22.34 -14.05
CA VAL C 330 -5.28 22.62 -15.26
C VAL C 330 -6.30 23.03 -16.39
N SER C 331 -7.43 22.34 -16.43
CA SER C 331 -8.50 22.66 -17.32
C SER C 331 -9.00 24.10 -17.26
N MET C 332 -8.76 24.78 -16.14
CA MET C 332 -9.20 26.17 -15.94
C MET C 332 -8.00 27.05 -15.76
N GLY C 333 -6.87 26.56 -16.24
CA GLY C 333 -5.67 27.39 -16.35
C GLY C 333 -4.91 27.52 -15.04
N GLY C 334 -5.14 26.61 -14.06
CA GLY C 334 -4.37 26.73 -12.83
C GLY C 334 -3.47 25.56 -12.43
N ASN C 335 -2.66 25.80 -11.40
CA ASN C 335 -1.77 24.78 -10.81
C ASN C 335 -2.52 24.09 -9.69
N MET C 336 -2.14 22.85 -9.35
CA MET C 336 -2.74 22.14 -8.23
C MET C 336 -1.60 21.57 -7.39
N VAL C 337 -1.65 21.79 -6.07
CA VAL C 337 -0.56 21.37 -5.15
C VAL C 337 -1.24 20.39 -4.14
N VAL C 338 -0.69 19.18 -4.00
CA VAL C 338 -1.26 18.21 -3.09
C VAL C 338 -0.38 18.30 -1.82
N ASN C 339 -1.03 18.51 -0.68
CA ASN C 339 -0.32 18.59 0.57
C ASN C 339 0.02 17.25 1.24
N PHE C 340 1.20 17.18 1.87
CA PHE C 340 1.70 16.01 2.66
C PHE C 340 2.12 16.58 3.98
N GLY C 341 1.78 15.91 5.11
CA GLY C 341 2.28 16.39 6.42
C GLY C 341 3.15 15.30 7.06
N PRO C 342 4.48 15.33 6.85
CA PRO C 342 5.30 14.15 7.27
C PRO C 342 5.24 13.89 8.79
N GLN C 343 5.43 12.61 9.16
CA GLN C 343 5.46 12.21 10.61
C GLN C 343 6.67 12.85 11.29
N ALA C 344 6.61 13.06 12.63
CA ALA C 344 7.78 13.58 13.36
C ALA C 344 9.09 12.77 13.10
N ASP C 345 8.97 11.48 12.80
CA ASP C 345 10.20 10.68 12.54
C ASP C 345 10.83 11.02 11.18
N GLY C 346 10.11 11.80 10.37
CA GLY C 346 10.60 12.24 9.05
C GLY C 346 10.32 11.21 7.98
N ASP C 347 9.41 10.29 8.28
CA ASP C 347 8.85 9.38 7.30
C ASP C 347 7.42 9.87 6.95
N PHE C 348 6.80 9.23 5.95
CA PHE C 348 5.43 9.59 5.57
C PHE C 348 4.50 8.45 5.94
N ARG C 349 3.32 8.80 6.45
CA ARG C 349 2.21 7.88 6.71
C ARG C 349 1.80 7.07 5.48
N PRO C 350 1.13 5.91 5.70
CA PRO C 350 0.88 5.06 4.55
C PRO C 350 -0.14 5.61 3.58
N GLU C 351 -1.10 6.39 4.10
CA GLU C 351 -2.12 6.97 3.17
C GLU C 351 -1.44 7.92 2.16
N GLU C 352 -0.40 8.59 2.63
CA GLU C 352 0.33 9.50 1.78
C GLU C 352 1.24 8.81 0.81
N LYS C 353 1.96 7.77 1.25
CA LYS C 353 2.79 7.01 0.28
C LYS C 353 1.91 6.39 -0.77
N ALA C 354 0.79 5.84 -0.36
CA ALA C 354 -0.11 5.31 -1.35
C ALA C 354 -0.68 6.36 -2.31
N MET C 355 -1.07 7.52 -1.77
CA MET C 355 -1.56 8.67 -2.66
C MET C 355 -0.53 9.04 -3.77
N ALA C 356 0.68 9.34 -3.35
CA ALA C 356 1.81 9.62 -4.22
C ALA C 356 1.99 8.56 -5.29
N THR C 357 1.99 7.28 -4.88
CA THR C 357 2.15 6.22 -5.81
C THR C 357 1.02 6.18 -6.80
N ALA C 358 -0.23 6.27 -6.34
CA ALA C 358 -1.38 6.22 -7.21
C ALA C 358 -1.33 7.41 -8.22
N ILE C 359 -1.02 8.60 -7.71
CA ILE C 359 -1.01 9.75 -8.61
C ILE C 359 0.12 9.63 -9.61
N GLY C 360 1.29 9.18 -9.16
CA GLY C 360 2.40 8.81 -10.06
C GLY C 360 2.04 7.87 -11.21
N LYS C 361 1.32 6.80 -10.89
CA LYS C 361 0.96 5.79 -11.85
C LYS C 361 0.05 6.36 -12.96
N TRP C 362 -0.91 7.18 -12.53
CA TRP C 362 -1.84 7.88 -13.44
C TRP C 362 -1.13 8.92 -14.28
N MET C 363 -0.29 9.75 -13.64
CA MET C 363 0.42 10.82 -14.36
C MET C 363 1.36 10.21 -15.40
N ASN C 364 1.82 9.02 -15.11
CA ASN C 364 2.75 8.37 -15.98
C ASN C 364 2.07 7.98 -17.29
N ARG C 365 0.84 7.51 -17.21
CA ARG C 365 0.12 7.09 -18.37
C ARG C 365 -0.51 8.30 -19.09
N TYR C 366 -0.91 9.33 -18.31
CA TYR C 366 -1.78 10.39 -18.88
C TYR C 366 -1.26 11.83 -18.74
N GLY C 367 -0.07 12.00 -18.23
CA GLY C 367 0.37 13.30 -17.87
C GLY C 367 0.57 14.27 -19.00
N LYS C 368 0.56 13.76 -20.24
CA LYS C 368 0.66 14.64 -21.39
C LYS C 368 -0.54 15.60 -21.40
N ALA C 369 -1.62 15.21 -20.75
CA ALA C 369 -2.83 16.03 -20.73
C ALA C 369 -2.80 17.02 -19.56
N VAL C 370 -1.70 17.00 -18.79
CA VAL C 370 -1.64 17.82 -17.60
C VAL C 370 -0.46 18.75 -17.69
N TYR C 371 0.75 18.19 -17.77
CA TYR C 371 1.95 19.05 -17.81
C TYR C 371 1.92 19.99 -19.02
N ALA C 372 2.22 21.26 -18.76
CA ALA C 372 2.30 22.28 -19.80
C ALA C 372 0.97 22.47 -20.54
N CYS C 373 -0.15 22.08 -19.93
CA CYS C 373 -1.43 22.25 -20.57
C CYS C 373 -2.15 23.45 -19.96
N ASP C 374 -3.25 23.83 -20.58
CA ASP C 374 -3.98 25.02 -20.21
C ASP C 374 -5.48 24.91 -20.54
N TYR C 375 -6.25 25.93 -20.16
CA TYR C 375 -7.64 26.05 -20.54
C TYR C 375 -7.81 25.88 -22.09
N ALA C 376 -8.79 25.11 -22.54
CA ALA C 376 -9.00 24.82 -23.97
C ALA C 376 -10.09 25.67 -24.66
N GLY C 377 -10.82 26.50 -23.91
CA GLY C 377 -11.88 27.35 -24.49
C GLY C 377 -13.13 26.61 -24.97
N PHE C 378 -13.30 25.34 -24.55
CA PHE C 378 -14.53 24.56 -24.91
C PHE C 378 -15.58 24.66 -23.84
N GLU C 379 -16.84 24.60 -24.23
CA GLU C 379 -17.90 24.47 -23.25
C GLU C 379 -17.74 23.17 -22.44
N LYS C 380 -17.93 23.27 -21.13
CA LYS C 380 -17.72 22.12 -20.25
C LYS C 380 -18.70 21.03 -20.58
N GLN C 381 -18.30 19.75 -20.53
CA GLN C 381 -19.24 18.65 -20.68
C GLN C 381 -19.24 17.69 -19.46
N ASP C 382 -20.23 16.85 -19.28
CA ASP C 382 -20.41 16.08 -18.05
C ASP C 382 -19.41 14.95 -17.86
N TRP C 383 -18.79 14.58 -18.97
CA TRP C 383 -17.87 13.43 -18.93
C TRP C 383 -16.52 13.74 -18.27
N GLY C 384 -16.16 14.98 -18.14
CA GLY C 384 -14.80 15.27 -17.70
C GLY C 384 -14.42 16.66 -18.08
N TYR C 385 -13.13 16.82 -18.34
CA TYR C 385 -12.54 18.11 -18.57
C TYR C 385 -11.77 18.09 -19.90
N TYR C 386 -11.68 19.27 -20.55
CA TYR C 386 -10.68 19.41 -21.64
C TYR C 386 -9.46 20.09 -21.13
N THR C 387 -8.27 19.69 -21.62
CA THR C 387 -7.12 20.56 -21.53
C THR C 387 -6.49 20.76 -22.93
N ARG C 388 -5.68 21.79 -23.05
CA ARG C 388 -5.08 22.17 -24.30
C ARG C 388 -3.57 22.14 -24.14
N GLY C 389 -2.90 21.50 -25.08
CA GLY C 389 -1.47 21.31 -25.05
C GLY C 389 -0.78 22.42 -25.79
N LYS C 390 0.56 22.40 -25.79
CA LYS C 390 1.33 23.46 -26.42
C LYS C 390 1.14 23.52 -27.95
N ASN C 391 0.80 22.40 -28.57
CA ASN C 391 0.62 22.37 -30.01
C ASN C 391 -0.82 22.30 -30.41
N ASP C 392 -1.66 22.90 -29.59
CA ASP C 392 -3.10 22.89 -29.79
C ASP C 392 -3.77 21.52 -29.89
N GLU C 393 -3.12 20.50 -29.31
CA GLU C 393 -3.84 19.28 -28.95
C GLU C 393 -4.92 19.68 -27.97
N VAL C 394 -6.05 18.99 -28.01
CA VAL C 394 -7.13 19.21 -27.08
C VAL C 394 -7.36 17.85 -26.50
N TYR C 395 -7.22 17.69 -25.19
CA TYR C 395 -7.38 16.33 -24.58
C TYR C 395 -8.69 16.27 -23.83
N MET C 396 -9.41 15.13 -23.92
CA MET C 396 -10.66 14.93 -23.26
C MET C 396 -10.28 13.97 -22.15
N VAL C 397 -10.33 14.44 -20.90
CA VAL C 397 -9.98 13.58 -19.75
C VAL C 397 -11.29 13.17 -19.16
N VAL C 398 -11.59 11.87 -19.24
CA VAL C 398 -12.91 11.36 -18.97
C VAL C 398 -12.97 10.73 -17.61
N PHE C 399 -13.89 11.20 -16.78
CA PHE C 399 -13.99 10.74 -15.39
C PHE C 399 -15.33 10.14 -15.17
N ASN C 400 -16.29 10.51 -16.04
CA ASN C 400 -17.65 10.03 -15.90
C ASN C 400 -18.13 9.36 -17.17
N GLN C 401 -18.21 8.03 -17.18
CA GLN C 401 -18.44 7.25 -18.40
C GLN C 401 -19.94 7.18 -18.73
N PRO C 402 -20.33 7.72 -19.92
CA PRO C 402 -21.76 7.74 -20.24
C PRO C 402 -22.26 6.35 -20.65
N TYR C 403 -23.44 5.98 -20.20
CA TYR C 403 -24.07 4.73 -20.64
C TYR C 403 -24.43 4.80 -22.13
N SER C 404 -24.59 6.01 -22.67
CA SER C 404 -24.91 6.24 -24.07
C SER C 404 -23.77 5.79 -24.98
N GLU C 405 -22.57 5.78 -24.40
CA GLU C 405 -21.36 5.37 -25.08
C GLU C 405 -20.91 6.43 -26.04
N ARG C 406 -21.43 7.63 -25.84
CA ARG C 406 -21.02 8.78 -26.64
C ARG C 406 -20.61 9.95 -25.72
N LEU C 407 -19.44 10.47 -26.01
CA LEU C 407 -18.89 11.71 -25.44
C LEU C 407 -19.15 12.99 -26.21
N ILE C 408 -20.04 13.81 -25.66
CA ILE C 408 -20.40 15.02 -26.38
C ILE C 408 -19.31 16.03 -26.45
N VAL C 409 -19.00 16.49 -27.67
CA VAL C 409 -18.02 17.52 -27.86
C VAL C 409 -18.66 18.66 -28.63
N LYS C 410 -18.83 19.81 -27.99
CA LYS C 410 -19.31 21.00 -28.67
C LYS C 410 -18.16 21.94 -28.86
N THR C 411 -17.87 22.27 -30.12
CA THR C 411 -16.68 23.07 -30.47
C THR C 411 -17.03 24.57 -30.48
N PRO C 412 -16.08 25.43 -30.14
CA PRO C 412 -16.32 26.87 -30.30
C PRO C 412 -16.45 27.20 -31.80
N LYS C 413 -16.91 28.41 -32.12
CA LYS C 413 -17.08 28.84 -33.51
C LYS C 413 -15.75 28.72 -34.23
N GLY C 414 -15.76 28.11 -35.40
CA GLY C 414 -14.54 28.12 -36.21
C GLY C 414 -13.69 26.89 -36.03
N ILE C 415 -13.97 26.13 -34.98
CA ILE C 415 -13.19 24.94 -34.69
C ILE C 415 -13.90 23.67 -35.11
N THR C 416 -13.18 22.77 -35.77
CA THR C 416 -13.67 21.45 -36.19
C THR C 416 -12.75 20.39 -35.63
N VAL C 417 -13.30 19.21 -35.37
CA VAL C 417 -12.51 18.07 -34.91
C VAL C 417 -12.14 17.27 -36.15
N GLU C 418 -10.86 17.20 -36.50
CA GLU C 418 -10.38 16.25 -37.54
C GLU C 418 -10.20 14.77 -37.14
N LYS C 419 -9.73 14.50 -35.92
CA LYS C 419 -9.44 13.13 -35.48
C LYS C 419 -9.57 13.03 -33.95
N ALA C 420 -9.94 11.84 -33.48
CA ALA C 420 -9.81 11.51 -32.08
C ALA C 420 -9.00 10.24 -32.02
N THR C 421 -8.20 10.18 -30.94
CA THR C 421 -7.25 9.13 -30.66
C THR C 421 -7.23 8.74 -29.18
N LEU C 422 -7.40 7.46 -28.86
CA LEU C 422 -7.06 7.00 -27.50
C LEU C 422 -5.56 7.20 -27.23
N LEU C 423 -5.27 8.04 -26.24
CA LEU C 423 -3.89 8.48 -26.00
C LEU C 423 -2.87 7.36 -25.76
N THR C 424 -3.22 6.41 -24.92
CA THR C 424 -2.30 5.33 -24.60
C THR C 424 -2.08 4.34 -25.75
N THR C 425 -3.13 3.99 -26.49
CA THR C 425 -2.99 2.98 -27.55
C THR C 425 -2.76 3.56 -28.97
N GLY C 426 -2.99 4.85 -29.21
CA GLY C 426 -2.96 5.38 -30.58
C GLY C 426 -4.18 4.93 -31.39
N GLU C 427 -5.08 4.16 -30.78
CA GLU C 427 -6.27 3.65 -31.47
C GLU C 427 -7.23 4.77 -31.88
N ASP C 428 -7.80 4.64 -33.07
CA ASP C 428 -8.58 5.70 -33.64
C ASP C 428 -9.98 5.65 -33.08
N ILE C 429 -10.58 6.82 -32.88
CA ILE C 429 -11.89 6.86 -32.21
C ILE C 429 -12.90 7.50 -33.15
N THR C 430 -14.03 6.82 -33.39
CA THR C 430 -15.10 7.33 -34.24
C THR C 430 -15.62 8.68 -33.71
N VAL C 431 -15.62 9.69 -34.59
CA VAL C 431 -16.22 10.98 -34.37
C VAL C 431 -17.40 11.13 -35.31
N VAL C 432 -18.64 11.17 -34.81
CA VAL C 432 -19.84 11.42 -35.63
C VAL C 432 -20.32 12.87 -35.41
N GLU C 433 -20.59 13.62 -36.47
CA GLU C 433 -21.09 14.99 -36.36
C GLU C 433 -22.58 14.87 -36.02
N THR C 434 -23.11 15.72 -35.16
CA THR C 434 -24.50 15.44 -34.71
C THR C 434 -25.31 16.68 -35.00
N THR C 435 -24.60 17.79 -35.09
CA THR C 435 -25.19 19.08 -35.28
C THR C 435 -24.06 20.04 -35.72
N ARG C 436 -24.42 21.27 -36.08
CA ARG C 436 -23.45 22.36 -36.31
C ARG C 436 -22.67 22.57 -35.00
N ASN C 437 -21.39 22.32 -35.05
CA ASN C 437 -20.60 22.54 -33.84
C ASN C 437 -20.73 21.50 -32.74
N GLU C 438 -21.37 20.36 -33.01
CA GLU C 438 -21.36 19.30 -32.02
C GLU C 438 -21.03 17.96 -32.63
N TYR C 439 -20.22 17.20 -31.91
CA TYR C 439 -19.95 15.79 -32.20
C TYR C 439 -20.30 14.82 -31.04
N ASN C 440 -20.59 13.57 -31.36
CA ASN C 440 -20.49 12.43 -30.49
C ASN C 440 -19.12 11.77 -30.72
N VAL C 441 -18.24 11.80 -29.72
CA VAL C 441 -17.00 10.99 -29.78
C VAL C 441 -17.21 9.70 -29.04
N SER C 442 -16.94 8.56 -29.70
CA SER C 442 -17.26 7.26 -29.08
C SER C 442 -16.34 6.96 -27.92
N VAL C 443 -16.86 6.22 -26.94
CA VAL C 443 -16.01 5.74 -25.84
C VAL C 443 -15.14 4.64 -26.48
N PRO C 444 -13.96 4.32 -25.92
CA PRO C 444 -13.12 3.29 -26.57
C PRO C 444 -13.81 1.94 -26.65
N LYS C 445 -13.39 1.08 -27.59
CA LYS C 445 -14.04 -0.25 -27.73
C LYS C 445 -13.98 -1.05 -26.42
N LYS C 446 -12.85 -0.99 -25.72
CA LYS C 446 -12.71 -1.56 -24.37
C LYS C 446 -12.66 -0.47 -23.27
N ASN C 447 -13.47 -0.65 -22.24
CA ASN C 447 -13.55 0.34 -21.18
C ASN C 447 -12.19 0.46 -20.49
N PRO C 448 -11.57 1.66 -20.50
CA PRO C 448 -10.26 1.80 -19.82
C PRO C 448 -10.28 1.48 -18.34
N GLY C 449 -11.48 1.46 -17.74
CA GLY C 449 -11.61 1.09 -16.27
C GLY C 449 -11.00 2.10 -15.28
N GLU C 450 -10.69 3.32 -15.74
CA GLU C 450 -10.11 4.33 -14.89
C GLU C 450 -10.22 5.62 -15.70
N PRO C 451 -10.02 6.81 -15.06
CA PRO C 451 -10.14 8.04 -15.87
C PRO C 451 -9.15 7.98 -16.98
N TYR C 452 -9.55 8.38 -18.19
CA TYR C 452 -8.73 8.12 -19.41
C TYR C 452 -8.71 9.33 -20.35
N VAL C 453 -7.82 9.33 -21.34
CA VAL C 453 -7.68 10.49 -22.17
C VAL C 453 -7.87 10.14 -23.65
N ILE C 454 -8.77 10.89 -24.30
CA ILE C 454 -8.84 10.88 -25.75
C ILE C 454 -8.27 12.18 -26.23
N GLN C 455 -7.32 12.08 -27.15
CA GLN C 455 -6.73 13.27 -27.68
C GLN C 455 -7.34 13.65 -29.03
N LEU C 456 -7.61 14.93 -29.18
CA LEU C 456 -8.24 15.45 -30.38
C LEU C 456 -7.27 16.23 -31.21
N LYS C 457 -7.37 16.08 -32.53
CA LYS C 457 -6.70 16.97 -33.47
C LYS C 457 -7.77 17.91 -33.99
N VAL C 458 -7.61 19.20 -33.81
CA VAL C 458 -8.68 20.12 -34.22
C VAL C 458 -8.17 21.12 -35.27
N ARG C 459 -9.05 21.71 -36.09
CA ARG C 459 -8.57 22.79 -36.98
C ARG C 459 -9.30 24.10 -36.70
N ALA C 460 -8.54 25.20 -36.75
CA ALA C 460 -9.01 26.55 -36.51
C ALA C 460 -9.10 27.34 -37.81
N ALA C 461 -10.30 27.78 -38.14
CA ALA C 461 -10.54 28.46 -39.41
C ALA C 461 -9.71 29.76 -39.51
N LYS C 462 -8.90 29.92 -40.58
CA LYS C 462 -8.37 31.26 -40.92
C LYS C 462 -9.66 32.10 -41.06
N GLY C 463 -9.78 33.21 -40.34
CA GLY C 463 -11.04 33.96 -40.39
C GLY C 463 -11.83 34.17 -39.10
N THR C 464 -12.23 33.11 -38.40
CA THR C 464 -13.00 33.25 -37.13
C THR C 464 -12.08 33.59 -35.95
N LYS C 465 -12.26 34.76 -35.34
CA LYS C 465 -11.51 35.10 -34.15
C LYS C 465 -11.80 34.02 -33.10
N SER C 466 -10.74 33.34 -32.67
CA SER C 466 -10.78 32.38 -31.57
C SER C 466 -9.39 32.22 -30.96
N ILE C 467 -9.29 31.42 -29.92
CA ILE C 467 -8.11 31.39 -29.04
C ILE C 467 -6.90 30.63 -29.61
N TYR C 468 -7.03 30.05 -30.82
CA TYR C 468 -6.04 29.13 -31.39
C TYR C 468 -5.23 29.76 -32.52
N GLU D 24 49.79 53.64 14.74
CA GLU D 24 48.48 53.13 15.23
C GLU D 24 47.28 53.50 14.33
N ILE D 25 47.26 52.94 13.11
CA ILE D 25 46.32 53.27 11.99
C ILE D 25 44.84 52.77 12.14
N PRO D 26 43.83 53.61 11.81
CA PRO D 26 42.49 53.03 11.99
C PRO D 26 42.10 52.18 10.79
N LEU D 27 41.46 51.03 11.02
CA LEU D 27 41.11 50.17 9.90
C LEU D 27 39.69 49.65 9.96
N LYS D 28 39.06 49.60 8.80
CA LYS D 28 37.73 49.02 8.59
C LYS D 28 37.85 47.52 8.31
N TYR D 29 38.91 47.13 7.59
CA TYR D 29 39.08 45.75 7.14
C TYR D 29 40.38 45.12 7.67
N GLY D 30 40.84 45.60 8.83
CA GLY D 30 41.96 44.98 9.56
C GLY D 30 41.57 43.74 10.38
N ALA D 31 42.45 43.33 11.32
CA ALA D 31 42.19 42.13 12.11
C ALA D 31 40.91 42.27 12.91
N THR D 32 40.29 41.13 13.15
CA THR D 32 39.05 41.00 13.89
C THR D 32 39.32 40.34 15.29
N ASN D 33 40.05 39.22 15.29
CA ASN D 33 40.60 38.61 16.50
C ASN D 33 41.71 39.46 17.13
N GLU D 34 41.73 39.50 18.46
CA GLU D 34 42.94 39.83 19.22
C GLU D 34 43.35 38.50 19.89
N GLY D 35 44.48 37.94 19.46
CA GLY D 35 44.93 36.63 19.94
C GLY D 35 44.22 35.40 19.35
N LYS D 36 44.48 34.24 19.95
CA LYS D 36 44.00 32.96 19.40
C LYS D 36 42.58 32.76 19.77
N ARG D 37 41.81 32.24 18.81
CA ARG D 37 40.48 31.75 19.11
C ARG D 37 40.62 30.54 20.02
N GLN D 38 39.69 30.42 20.97
CA GLN D 38 39.69 29.26 21.87
C GLN D 38 38.33 28.51 21.95
N ASP D 39 37.41 28.85 21.04
CA ASP D 39 36.19 28.06 20.85
C ASP D 39 36.60 26.65 20.48
N PRO D 40 35.68 25.68 20.68
CA PRO D 40 35.95 24.27 20.44
C PRO D 40 36.33 23.92 19.02
N ALA D 41 35.64 24.52 18.03
CA ALA D 41 36.00 24.31 16.60
C ALA D 41 37.46 24.72 16.31
N MET D 42 37.88 25.88 16.80
CA MET D 42 39.32 26.23 16.66
C MET D 42 40.34 25.30 17.38
N GLN D 43 40.08 25.03 18.65
CA GLN D 43 40.86 24.01 19.40
C GLN D 43 40.92 22.68 18.65
N LYS D 44 39.84 22.27 18.01
CA LYS D 44 39.88 21.06 17.22
C LYS D 44 40.74 21.24 15.97
N PHE D 45 40.63 22.39 15.29
CA PHE D 45 41.49 22.67 14.08
C PHE D 45 42.96 22.50 14.49
N ARG D 46 43.30 23.10 15.62
CA ARG D 46 44.60 23.10 16.25
C ARG D 46 45.04 21.67 16.69
N ASP D 47 44.23 21.00 17.50
CA ASP D 47 44.63 19.68 18.03
C ASP D 47 44.89 18.64 16.94
N ASN D 48 44.17 18.77 15.84
CA ASN D 48 44.35 17.89 14.74
C ASN D 48 45.83 17.72 14.35
N ARG D 49 46.50 18.89 14.25
CA ARG D 49 47.94 19.06 13.96
C ARG D 49 48.41 18.62 12.57
N LEU D 50 48.18 17.34 12.25
CA LEU D 50 48.69 16.80 10.99
C LEU D 50 47.54 16.64 9.94
N GLY D 51 47.65 17.32 8.80
CA GLY D 51 46.66 17.12 7.74
C GLY D 51 47.31 16.61 6.47
N ALA D 52 46.47 16.28 5.48
CA ALA D 52 46.93 15.98 4.11
C ALA D 52 46.32 17.03 3.14
N PHE D 53 47.08 17.40 2.11
CA PHE D 53 46.57 18.28 1.02
C PHE D 53 46.32 17.36 -0.18
N ILE D 54 45.12 17.53 -0.77
CA ILE D 54 44.80 17.01 -2.08
C ILE D 54 44.75 18.12 -3.17
N HIS D 55 45.64 17.98 -4.16
CA HIS D 55 45.64 18.84 -5.35
C HIS D 55 45.17 18.04 -6.56
N TRP D 56 43.93 18.20 -6.94
CA TRP D 56 43.43 17.38 -8.07
C TRP D 56 42.62 18.29 -8.96
N GLY D 57 43.02 18.39 -10.22
CA GLY D 57 42.25 19.13 -11.24
C GLY D 57 42.70 18.68 -12.64
N LEU D 58 42.34 19.45 -13.66
CA LEU D 58 42.63 19.02 -15.07
C LEU D 58 44.11 18.82 -15.34
N TYR D 59 44.93 19.56 -14.61
CA TYR D 59 46.41 19.43 -14.75
C TYR D 59 46.96 18.01 -14.57
N ALA D 60 46.20 17.19 -13.86
CA ALA D 60 46.62 15.83 -13.56
C ALA D 60 46.75 15.08 -14.86
N ILE D 61 46.00 15.51 -15.87
CA ILE D 61 45.88 14.72 -17.11
C ILE D 61 47.21 14.80 -17.86
N PRO D 62 47.62 16.02 -18.31
CA PRO D 62 48.89 16.12 -19.07
C PRO D 62 50.10 15.82 -18.19
N GLY D 63 49.95 16.13 -16.88
CA GLY D 63 50.98 15.87 -15.86
C GLY D 63 52.29 16.57 -16.15
N GLY D 64 52.26 17.87 -16.34
CA GLY D 64 53.50 18.63 -16.66
C GLY D 64 54.09 18.56 -18.08
N GLU D 65 53.46 17.79 -18.98
CA GLU D 65 53.90 17.74 -20.38
C GLU D 65 52.84 18.33 -21.30
N TRP D 66 53.28 19.07 -22.32
CA TRP D 66 52.38 19.69 -23.29
C TRP D 66 53.02 19.79 -24.68
N ASN D 67 52.36 19.19 -25.66
CA ASN D 67 52.83 19.26 -27.05
C ASN D 67 54.28 18.76 -27.14
N GLY D 68 54.55 17.57 -26.62
CA GLY D 68 55.91 17.01 -26.60
C GLY D 68 56.95 17.71 -25.74
N LYS D 69 56.58 18.81 -25.06
CA LYS D 69 57.49 19.54 -24.17
C LYS D 69 57.18 19.34 -22.66
N VAL D 70 58.10 18.73 -21.92
CA VAL D 70 57.97 18.53 -20.44
C VAL D 70 58.48 19.76 -19.69
N TYR D 71 57.56 20.44 -19.00
CA TYR D 71 57.87 21.69 -18.30
C TYR D 71 58.29 21.41 -16.85
N GLY D 72 59.36 22.08 -16.40
CA GLY D 72 59.90 21.87 -15.05
C GLY D 72 59.09 22.54 -13.94
N GLY D 73 58.29 23.52 -14.29
CA GLY D 73 57.46 24.22 -13.32
C GLY D 73 56.40 23.32 -12.67
N ALA D 74 55.72 23.89 -11.68
CA ALA D 74 54.72 23.13 -10.95
C ALA D 74 53.62 22.73 -11.97
N ALA D 75 53.32 21.45 -12.02
CA ALA D 75 52.28 20.87 -12.89
C ALA D 75 50.95 21.58 -12.85
N GLU D 76 50.48 21.94 -11.66
CA GLU D 76 49.17 22.61 -11.59
C GLU D 76 49.19 23.93 -12.29
N TRP D 77 50.38 24.29 -12.79
CA TRP D 77 50.63 25.60 -13.42
C TRP D 77 50.96 25.41 -14.91
N LEU D 78 50.90 24.17 -15.40
CA LEU D 78 51.29 23.84 -16.78
C LEU D 78 50.59 24.72 -17.81
N LYS D 79 49.35 25.15 -17.54
CA LYS D 79 48.64 26.11 -18.41
C LYS D 79 49.45 27.35 -18.60
N SER D 80 50.05 27.82 -17.51
CA SER D 80 50.83 29.04 -17.55
C SER D 80 52.17 28.82 -18.23
N TRP D 81 52.90 27.77 -17.84
CA TRP D 81 54.20 27.44 -18.44
C TRP D 81 54.11 27.22 -19.94
N ALA D 82 53.13 26.44 -20.38
CA ALA D 82 52.96 26.09 -21.78
C ALA D 82 52.16 27.14 -22.57
N LYS D 83 51.80 28.23 -21.91
CA LYS D 83 51.04 29.29 -22.57
C LYS D 83 49.75 28.78 -23.29
N VAL D 84 49.02 27.88 -22.64
CA VAL D 84 47.83 27.30 -23.24
C VAL D 84 46.63 28.20 -23.02
N PRO D 85 45.90 28.52 -24.11
CA PRO D 85 44.71 29.39 -23.95
C PRO D 85 43.57 28.68 -23.15
N ALA D 86 42.78 29.53 -22.51
CA ALA D 86 41.68 29.09 -21.63
C ALA D 86 40.78 28.05 -22.30
N ASP D 87 40.26 28.41 -23.49
CA ASP D 87 39.52 27.49 -24.35
C ASP D 87 40.17 26.12 -24.48
N GLU D 88 41.42 26.10 -24.93
CA GLU D 88 42.07 24.82 -25.07
C GLU D 88 42.37 24.14 -23.74
N TRP D 89 42.73 24.90 -22.72
CA TRP D 89 43.11 24.22 -21.47
C TRP D 89 41.86 23.49 -20.92
N LEU D 90 40.75 24.21 -20.83
CA LEU D 90 39.49 23.59 -20.35
C LEU D 90 38.87 22.41 -21.20
N LYS D 91 39.25 22.27 -22.48
CA LYS D 91 38.92 21.08 -23.30
C LYS D 91 39.35 19.79 -22.63
N LEU D 92 40.30 19.90 -21.67
CA LEU D 92 40.70 18.71 -20.93
C LEU D 92 39.50 18.11 -20.15
N MET D 93 38.45 18.91 -19.87
CA MET D 93 37.22 18.35 -19.28
C MET D 93 36.76 17.08 -19.99
N ASP D 94 36.99 17.01 -21.30
CA ASP D 94 36.61 15.84 -22.09
C ASP D 94 37.39 14.58 -21.76
N GLN D 95 38.66 14.67 -21.40
CA GLN D 95 39.36 13.48 -20.95
C GLN D 95 39.21 13.26 -19.45
N TRP D 96 38.31 13.99 -18.80
CA TRP D 96 38.12 13.81 -17.35
C TRP D 96 37.17 12.67 -17.00
N ASN D 97 37.75 11.51 -16.74
CA ASN D 97 36.97 10.41 -16.22
C ASN D 97 37.88 9.44 -15.44
N PRO D 98 38.14 9.78 -14.17
CA PRO D 98 39.01 9.02 -13.27
C PRO D 98 38.37 7.71 -12.79
N THR D 99 38.40 6.70 -13.66
CA THR D 99 37.81 5.38 -13.40
C THR D 99 38.32 4.72 -12.08
N LYS D 100 39.62 4.85 -11.77
CA LYS D 100 40.20 4.25 -10.54
C LYS D 100 39.82 4.99 -9.21
N PHE D 101 39.24 6.17 -9.32
CA PHE D 101 38.82 6.93 -8.14
C PHE D 101 37.83 6.22 -7.23
N ASP D 102 38.11 6.23 -5.92
CA ASP D 102 37.24 5.59 -4.95
C ASP D 102 37.39 6.35 -3.66
N ALA D 103 36.40 7.17 -3.30
CA ALA D 103 36.53 8.10 -2.18
C ALA D 103 36.76 7.37 -0.84
N LYS D 104 36.08 6.24 -0.62
CA LYS D 104 36.34 5.35 0.56
C LYS D 104 37.79 4.92 0.71
N LYS D 105 38.46 4.54 -0.39
CA LYS D 105 39.89 4.19 -0.39
C LYS D 105 40.78 5.37 -0.03
N TRP D 106 40.55 6.49 -0.72
CA TRP D 106 41.18 7.79 -0.34
C TRP D 106 41.02 8.10 1.16
N ALA D 107 39.82 7.86 1.69
CA ALA D 107 39.58 8.13 3.11
C ALA D 107 40.37 7.13 4.00
N LYS D 108 40.55 5.88 3.52
CA LYS D 108 41.28 4.84 4.26
C LYS D 108 42.81 5.15 4.20
N MET D 109 43.35 5.44 3.00
CA MET D 109 44.73 5.96 2.87
C MET D 109 45.06 7.16 3.77
N ALA D 110 44.17 8.16 3.86
CA ALA D 110 44.39 9.27 4.77
C ALA D 110 44.30 8.81 6.23
N LYS D 111 43.31 7.98 6.55
CA LYS D 111 43.23 7.39 7.90
C LYS D 111 44.54 6.63 8.36
N GLU D 112 45.03 5.76 7.49
CA GLU D 112 46.21 4.96 7.75
C GLU D 112 47.47 5.86 7.87
N MET D 113 47.50 7.01 7.17
CA MET D 113 48.60 7.99 7.34
C MET D 113 48.68 8.67 8.73
N GLY D 114 47.62 8.61 9.50
CA GLY D 114 47.54 9.30 10.77
C GLY D 114 46.94 10.73 10.58
N THR D 115 46.50 11.07 9.38
CA THR D 115 45.93 12.42 9.22
C THR D 115 44.61 12.64 9.91
N LYS D 116 44.42 13.81 10.49
CA LYS D 116 43.17 14.14 11.19
C LYS D 116 42.30 15.06 10.35
N TYR D 117 42.85 15.48 9.20
CA TYR D 117 42.08 16.27 8.26
C TYR D 117 42.74 16.32 6.92
N VAL D 118 41.89 16.63 5.94
CA VAL D 118 42.26 16.76 4.56
C VAL D 118 41.76 18.14 4.01
N LYS D 119 42.64 18.81 3.27
CA LYS D 119 42.34 20.08 2.57
C LYS D 119 42.22 19.70 1.08
N ILE D 120 41.11 20.09 0.42
CA ILE D 120 40.88 19.65 -0.95
C ILE D 120 40.74 20.90 -1.83
N THR D 121 41.41 20.91 -2.98
CA THR D 121 41.28 21.97 -4.00
C THR D 121 39.88 21.80 -4.63
N THR D 122 38.96 22.63 -4.20
CA THR D 122 37.62 22.68 -4.75
C THR D 122 37.65 23.30 -6.15
N LYS D 123 38.49 24.36 -6.30
CA LYS D 123 38.76 25.01 -7.62
C LYS D 123 40.21 25.56 -7.52
N HIS D 124 41.07 25.11 -8.43
CA HIS D 124 42.42 25.68 -8.60
C HIS D 124 42.38 26.93 -9.53
N HIS D 125 43.55 27.43 -9.94
CA HIS D 125 43.57 28.68 -10.75
C HIS D 125 42.89 28.43 -12.11
N GLU D 126 43.06 27.22 -12.67
CA GLU D 126 42.40 26.79 -13.92
C GLU D 126 40.86 27.03 -13.93
N GLY D 127 40.23 27.12 -12.73
CA GLY D 127 38.78 27.43 -12.62
C GLY D 127 37.85 26.23 -12.70
N PHE D 128 38.40 25.03 -12.95
CA PHE D 128 37.69 23.73 -13.03
C PHE D 128 37.21 23.34 -11.61
N CYS D 129 35.90 23.08 -11.51
CA CYS D 129 35.25 22.82 -10.22
C CYS D 129 35.05 21.33 -9.97
N LEU D 130 35.49 20.88 -8.79
CA LEU D 130 35.34 19.50 -8.37
C LEU D 130 33.93 19.17 -7.81
N TRP D 131 33.09 20.19 -7.66
CA TRP D 131 31.68 19.99 -7.36
C TRP D 131 30.88 20.59 -8.54
N PRO D 132 29.58 20.21 -8.70
CA PRO D 132 28.83 20.65 -9.90
C PRO D 132 28.28 22.04 -9.64
N SER D 133 29.13 23.07 -9.72
CA SER D 133 28.70 24.42 -9.42
C SER D 133 27.59 24.91 -10.36
N LYS D 134 26.67 25.69 -9.82
CA LYS D 134 25.62 26.23 -10.64
C LYS D 134 26.11 27.49 -11.37
N TYR D 135 27.34 27.94 -11.11
CA TYR D 135 27.77 29.24 -11.63
C TYR D 135 28.80 29.24 -12.78
N THR D 136 29.12 28.08 -13.33
CA THR D 136 30.02 28.01 -14.45
C THR D 136 29.75 26.67 -14.97
N LYS D 137 30.08 26.49 -16.27
CA LYS D 137 30.00 25.21 -16.91
C LYS D 137 31.26 24.31 -16.71
N TYR D 138 32.31 24.91 -16.13
CA TYR D 138 33.60 24.28 -16.03
C TYR D 138 33.69 23.49 -14.74
N THR D 139 32.95 22.39 -14.70
CA THR D 139 32.82 21.62 -13.50
C THR D 139 32.81 20.11 -13.82
N VAL D 140 32.90 19.29 -12.77
CA VAL D 140 32.84 17.86 -12.89
C VAL D 140 31.55 17.42 -13.64
N ALA D 141 30.47 18.18 -13.49
CA ALA D 141 29.18 17.78 -14.08
C ALA D 141 29.26 17.74 -15.62
N ASN D 142 30.14 18.53 -16.20
CA ASN D 142 30.26 18.57 -17.64
C ASN D 142 31.41 17.72 -18.22
N THR D 143 31.89 16.77 -17.40
CA THR D 143 32.94 15.85 -17.76
C THR D 143 32.30 14.48 -18.01
N PRO D 144 32.96 13.61 -18.76
CA PRO D 144 32.35 12.29 -18.92
C PRO D 144 32.03 11.64 -17.55
N TYR D 145 32.80 11.99 -16.52
CA TYR D 145 32.61 11.43 -15.21
C TYR D 145 31.33 11.87 -14.51
N LYS D 146 30.84 13.09 -14.75
CA LYS D 146 29.59 13.66 -14.12
C LYS D 146 29.54 13.82 -12.61
N ARG D 147 30.11 12.90 -11.83
CA ARG D 147 29.83 12.82 -10.38
C ARG D 147 30.41 13.98 -9.58
N ASP D 148 29.73 14.27 -8.44
CA ASP D 148 30.17 15.26 -7.46
C ASP D 148 31.35 14.70 -6.60
N ILE D 149 32.53 14.65 -7.22
CA ILE D 149 33.80 14.27 -6.56
C ILE D 149 34.00 14.89 -5.18
N LEU D 150 33.88 16.22 -5.08
CA LEU D 150 33.96 16.92 -3.81
C LEU D 150 32.97 16.38 -2.78
N GLY D 151 31.67 16.28 -3.11
CA GLY D 151 30.71 15.73 -2.17
C GLY D 151 31.01 14.25 -1.84
N GLU D 152 31.49 13.49 -2.80
CA GLU D 152 31.97 12.09 -2.55
C GLU D 152 33.12 11.99 -1.49
N LEU D 153 34.10 12.88 -1.65
CA LEU D 153 35.18 13.03 -0.68
C LEU D 153 34.72 13.43 0.67
N VAL D 154 33.90 14.47 0.73
CA VAL D 154 33.42 14.96 2.03
C VAL D 154 32.80 13.82 2.88
N LYS D 155 32.00 12.99 2.19
CA LYS D 155 31.22 11.91 2.81
C LYS D 155 32.22 10.88 3.40
N ALA D 156 33.15 10.46 2.55
CA ALA D 156 34.10 9.42 2.83
C ALA D 156 35.05 9.82 3.94
N TYR D 157 35.58 11.03 3.86
CA TYR D 157 36.45 11.51 4.93
C TYR D 157 35.69 11.65 6.23
N ASN D 158 34.52 12.26 6.16
CA ASN D 158 33.76 12.52 7.35
C ASN D 158 33.40 11.19 8.01
N ASP D 159 33.13 10.15 7.18
CA ASP D 159 32.79 8.78 7.69
C ASP D 159 33.98 8.17 8.41
N GLU D 160 35.20 8.49 7.97
CA GLU D 160 36.42 8.03 8.63
C GLU D 160 36.84 8.92 9.83
N GLY D 161 35.99 9.89 10.20
CA GLY D 161 36.23 10.83 11.28
C GLY D 161 37.35 11.86 10.99
N ILE D 162 37.52 12.23 9.71
CA ILE D 162 38.59 13.18 9.25
C ILE D 162 37.90 14.49 8.83
N ASP D 163 38.34 15.61 9.40
CA ASP D 163 37.70 16.93 9.10
C ASP D 163 38.00 17.25 7.62
N VAL D 164 37.18 18.11 7.02
CA VAL D 164 37.47 18.54 5.64
C VAL D 164 37.56 20.04 5.56
N HIS D 165 38.59 20.51 4.86
CA HIS D 165 38.88 21.94 4.69
C HIS D 165 38.84 22.17 3.20
N PHE D 166 38.40 23.37 2.80
CA PHE D 166 38.23 23.61 1.32
C PHE D 166 39.30 24.59 0.82
N TYR D 167 40.22 24.12 0.00
CA TYR D 167 41.07 25.09 -0.71
C TYR D 167 40.22 25.75 -1.82
N PHE D 168 40.39 27.05 -2.00
CA PHE D 168 39.64 27.73 -3.08
C PHE D 168 40.52 28.84 -3.73
N SER D 169 40.71 28.80 -5.04
CA SER D 169 41.50 29.84 -5.73
C SER D 169 40.61 31.03 -6.14
N VAL D 170 40.88 32.21 -5.63
CA VAL D 170 40.17 33.45 -6.05
C VAL D 170 40.55 33.72 -7.52
N MET D 171 41.85 33.84 -7.83
CA MET D 171 42.30 33.82 -9.23
C MET D 171 41.73 32.63 -10.02
N ASP D 172 41.13 32.98 -11.16
CA ASP D 172 40.41 32.01 -11.98
C ASP D 172 40.71 32.26 -13.47
N TRP D 173 41.48 31.37 -14.09
CA TRP D 173 41.88 31.51 -15.47
C TRP D 173 40.73 31.20 -16.44
N SER D 174 39.64 30.64 -15.94
CA SER D 174 38.50 30.23 -16.81
C SER D 174 37.48 31.35 -17.02
N ASN D 175 37.48 32.34 -16.14
CA ASN D 175 36.52 33.38 -16.20
C ASN D 175 37.11 34.70 -16.72
N PRO D 176 36.70 35.13 -17.94
CA PRO D 176 37.22 36.37 -18.52
C PRO D 176 36.89 37.67 -17.75
N ASP D 177 35.98 37.63 -16.77
CA ASP D 177 35.82 38.78 -15.84
C ASP D 177 37.01 38.93 -14.84
N TYR D 178 37.82 37.88 -14.68
CA TYR D 178 38.97 38.03 -13.80
C TYR D 178 39.91 39.15 -14.29
N ARG D 179 40.29 40.06 -13.37
CA ARG D 179 41.35 41.08 -13.61
C ARG D 179 42.57 40.91 -12.68
N TYR D 180 43.76 41.10 -13.26
CA TYR D 180 45.05 41.03 -12.54
C TYR D 180 45.28 42.34 -11.81
N ASP D 181 44.63 43.39 -12.32
CA ASP D 181 44.67 44.74 -11.75
C ASP D 181 43.54 45.58 -12.34
N ILE D 182 43.16 46.65 -11.65
CA ILE D 182 42.08 47.56 -12.11
C ILE D 182 42.68 48.84 -12.80
N LYS D 183 42.72 48.85 -14.13
CA LYS D 183 43.29 50.02 -14.83
C LYS D 183 42.22 50.95 -15.45
N SER D 184 40.97 50.51 -15.55
CA SER D 184 39.91 51.25 -16.23
C SER D 184 38.54 50.93 -15.66
N LYS D 185 37.51 51.66 -16.11
CA LYS D 185 36.13 51.29 -15.77
C LYS D 185 35.77 49.92 -16.33
N GLU D 186 36.28 49.61 -17.53
CA GLU D 186 36.03 48.31 -18.18
C GLU D 186 36.57 47.16 -17.28
N ASP D 187 37.80 47.36 -16.79
CA ASP D 187 38.48 46.45 -15.88
C ASP D 187 37.63 46.32 -14.59
N SER D 188 37.36 47.45 -13.96
CA SER D 188 36.58 47.51 -12.72
C SER D 188 35.20 46.86 -12.83
N ILE D 189 34.50 47.07 -13.94
CA ILE D 189 33.18 46.45 -14.15
C ILE D 189 33.24 44.91 -14.18
N ALA D 190 34.15 44.36 -15.00
CA ALA D 190 34.38 42.93 -15.13
C ALA D 190 34.68 42.35 -13.74
N PHE D 191 35.49 43.09 -12.97
CA PHE D 191 35.92 42.60 -11.68
C PHE D 191 34.79 42.56 -10.65
N SER D 192 33.93 43.56 -10.68
CA SER D 192 32.84 43.53 -9.72
C SER D 192 31.88 42.36 -10.01
N ARG D 193 31.73 41.96 -11.26
CA ARG D 193 30.96 40.75 -11.55
C ARG D 193 31.69 39.49 -11.10
N PHE D 194 33.00 39.45 -11.36
CA PHE D 194 33.87 38.39 -10.91
C PHE D 194 33.76 38.12 -9.40
N LEU D 195 33.76 39.18 -8.60
CA LEU D 195 33.61 39.06 -7.15
C LEU D 195 32.24 38.50 -6.76
N GLU D 196 31.19 38.89 -7.48
CA GLU D 196 29.83 38.34 -7.26
C GLU D 196 29.81 36.82 -7.54
N PHE D 197 30.33 36.42 -8.71
CA PHE D 197 30.53 35.02 -9.02
C PHE D 197 31.33 34.26 -7.94
N THR D 198 32.33 34.95 -7.39
CA THR D 198 33.19 34.35 -6.37
C THR D 198 32.35 34.15 -5.13
N ASP D 199 31.65 35.20 -4.69
CA ASP D 199 30.65 35.09 -3.62
C ASP D 199 29.68 33.93 -3.80
N ASN D 200 29.10 33.88 -5.02
CA ASN D 200 28.18 32.85 -5.41
C ASN D 200 28.75 31.47 -5.25
N GLN D 201 30.01 31.23 -5.65
CA GLN D 201 30.53 29.88 -5.48
C GLN D 201 30.78 29.60 -4.00
N LEU D 202 31.26 30.62 -3.29
CA LEU D 202 31.63 30.46 -1.86
C LEU D 202 30.40 30.12 -1.00
N LYS D 203 29.32 30.89 -1.15
CA LYS D 203 28.03 30.50 -0.52
C LYS D 203 27.55 29.12 -0.86
N GLU D 204 27.59 28.76 -2.14
CA GLU D 204 27.20 27.47 -2.59
C GLU D 204 27.93 26.32 -1.93
N LEU D 205 29.27 26.40 -1.90
CA LEU D 205 30.09 25.40 -1.20
C LEU D 205 29.72 25.33 0.30
N ALA D 206 29.62 26.51 0.95
CA ALA D 206 29.30 26.57 2.38
C ALA D 206 27.90 25.96 2.75
N THR D 207 26.91 26.16 1.90
CA THR D 207 25.56 25.64 2.18
C THR D 207 25.39 24.27 1.61
N ARG D 208 26.10 23.96 0.54
CA ARG D 208 26.04 22.65 0.01
C ARG D 208 26.83 21.60 0.83
N TYR D 209 27.93 21.93 1.49
CA TYR D 209 28.76 20.93 2.26
C TYR D 209 28.94 21.54 3.65
N PRO D 210 27.87 21.48 4.48
CA PRO D 210 27.87 22.33 5.67
C PRO D 210 28.84 21.78 6.82
N THR D 211 29.35 20.57 6.66
CA THR D 211 30.36 20.06 7.63
C THR D 211 31.79 20.56 7.35
N VAL D 212 31.95 21.35 6.27
CA VAL D 212 33.25 22.05 6.01
C VAL D 212 33.77 22.78 7.25
N LYS D 213 35.07 22.65 7.56
CA LYS D 213 35.66 23.22 8.77
C LYS D 213 36.63 24.40 8.52
N ASP D 214 37.06 24.59 7.27
CA ASP D 214 38.04 25.64 6.93
C ASP D 214 37.89 26.02 5.47
N PHE D 215 38.04 27.31 5.16
CA PHE D 215 38.34 27.73 3.79
C PHE D 215 39.79 28.26 3.67
N TRP D 216 40.55 27.66 2.77
CA TRP D 216 41.99 28.10 2.58
C TRP D 216 42.14 28.69 1.18
N PHE D 217 42.22 30.00 1.18
CA PHE D 217 42.21 30.74 -0.06
C PHE D 217 43.62 30.84 -0.61
N ASP D 218 43.69 30.80 -1.94
CA ASP D 218 44.94 30.93 -2.74
C ASP D 218 44.56 31.89 -3.91
N GLY D 219 45.54 32.24 -4.74
CA GLY D 219 45.37 33.24 -5.83
C GLY D 219 44.74 34.57 -5.40
N THR D 220 45.23 35.20 -4.34
CA THR D 220 44.64 36.41 -3.84
C THR D 220 45.68 37.52 -3.86
N TRP D 221 46.80 37.19 -4.48
CA TRP D 221 48.00 38.04 -4.42
C TRP D 221 47.94 39.16 -5.47
N ASP D 222 47.02 39.06 -6.44
CA ASP D 222 47.02 40.09 -7.56
C ASP D 222 46.57 41.44 -7.02
N ALA D 223 47.04 42.52 -7.65
CA ALA D 223 46.68 43.87 -7.26
C ALA D 223 45.14 44.13 -7.19
N SER D 224 44.34 43.42 -7.97
CA SER D 224 42.87 43.58 -7.93
C SER D 224 42.28 43.34 -6.56
N VAL D 225 42.67 42.19 -6.00
CA VAL D 225 42.19 41.76 -4.68
C VAL D 225 42.78 42.73 -3.66
N LYS D 226 44.08 43.01 -3.78
CA LYS D 226 44.75 43.99 -2.88
C LYS D 226 44.06 45.37 -2.88
N LYS D 227 43.59 45.83 -4.07
CA LYS D 227 42.86 47.11 -4.18
C LYS D 227 41.49 46.99 -3.49
N ASN D 228 41.06 45.74 -3.27
CA ASN D 228 39.72 45.41 -2.77
C ASN D 228 39.66 44.69 -1.42
N GLY D 229 40.45 45.18 -0.46
CA GLY D 229 40.60 44.57 0.86
C GLY D 229 39.25 44.33 1.52
N TRP D 230 38.34 45.27 1.31
CA TRP D 230 36.98 45.15 1.80
C TRP D 230 36.33 43.80 1.39
N TRP D 231 36.69 43.27 0.21
CA TRP D 231 36.01 42.05 -0.22
C TRP D 231 36.45 40.86 0.62
N THR D 232 37.77 40.82 0.84
CA THR D 232 38.37 39.75 1.66
C THR D 232 37.76 39.70 3.07
N ALA D 233 37.57 40.84 3.73
CA ALA D 233 36.89 40.87 5.04
C ALA D 233 35.42 40.43 4.95
N HIS D 234 34.74 40.88 3.86
CA HIS D 234 33.37 40.44 3.51
C HIS D 234 33.29 38.88 3.34
N ALA D 235 34.17 38.30 2.52
CA ALA D 235 34.14 36.85 2.30
C ALA D 235 34.29 36.10 3.65
N GLU D 236 35.22 36.55 4.48
CA GLU D 236 35.43 35.97 5.82
C GLU D 236 34.21 36.02 6.70
N GLN D 237 33.66 37.23 6.86
CA GLN D 237 32.39 37.45 7.54
C GLN D 237 31.24 36.64 6.99
N MET D 238 31.10 36.64 5.66
CA MET D 238 30.03 35.93 4.99
C MET D 238 30.10 34.43 5.29
N LEU D 239 31.29 33.83 5.15
CA LEU D 239 31.42 32.38 5.34
C LEU D 239 31.17 31.97 6.81
N LYS D 240 31.61 32.83 7.72
CA LYS D 240 31.49 32.54 9.13
C LYS D 240 30.01 32.53 9.49
N GLU D 241 29.21 33.33 8.78
CA GLU D 241 27.74 33.32 9.02
C GLU D 241 27.07 32.06 8.49
N LEU D 242 27.63 31.46 7.46
CA LEU D 242 27.04 30.25 6.93
C LEU D 242 27.51 28.94 7.61
N VAL D 243 28.71 28.98 8.21
CA VAL D 243 29.39 27.80 8.77
C VAL D 243 29.89 28.16 10.18
N PRO D 244 29.09 27.78 11.21
CA PRO D 244 29.44 28.11 12.60
C PRO D 244 30.83 27.57 12.96
N GLY D 245 31.71 28.42 13.49
CA GLY D 245 33.09 28.05 13.90
C GLY D 245 34.12 27.71 12.78
N VAL D 246 33.72 27.83 11.50
CA VAL D 246 34.63 27.68 10.35
C VAL D 246 35.90 28.53 10.51
N ALA D 247 37.02 27.98 10.02
CA ALA D 247 38.28 28.70 10.00
C ALA D 247 38.57 29.24 8.63
N ILE D 248 39.25 30.37 8.63
CA ILE D 248 39.59 31.16 7.43
C ILE D 248 41.07 31.55 7.50
N ASN D 249 41.85 31.14 6.48
CA ASN D 249 43.33 31.36 6.46
C ASN D 249 43.82 32.80 6.27
N SER D 250 45.07 33.10 6.64
CA SER D 250 45.47 34.54 6.54
C SER D 250 45.66 35.03 5.06
N ARG D 251 45.93 34.07 4.15
CA ARG D 251 46.29 34.30 2.72
C ARG D 251 45.12 34.99 1.97
N LEU D 252 43.89 34.72 2.41
CA LEU D 252 42.73 35.45 1.87
C LEU D 252 42.88 36.98 2.03
N ARG D 253 43.37 37.41 3.18
CA ARG D 253 42.96 38.71 3.67
C ARG D 253 43.89 39.88 3.35
N ALA D 254 43.26 41.00 2.96
CA ALA D 254 43.96 42.27 2.80
C ALA D 254 43.15 43.35 3.48
N ASP D 255 43.86 44.28 4.11
CA ASP D 255 43.18 45.35 4.80
C ASP D 255 42.92 46.55 3.85
N ASP D 256 42.51 47.65 4.46
CA ASP D 256 42.24 48.93 3.78
C ASP D 256 43.40 49.40 2.91
N LYS D 257 44.64 49.02 3.21
CA LYS D 257 45.80 49.53 2.45
C LYS D 257 46.41 48.57 1.45
N GLY D 258 45.74 47.42 1.24
CA GLY D 258 46.29 46.36 0.40
C GLY D 258 47.38 45.49 1.08
N LYS D 259 47.61 45.71 2.39
CA LYS D 259 48.57 44.88 3.17
C LYS D 259 47.97 43.48 3.45
N ARG D 260 48.69 42.42 3.07
CA ARG D 260 48.13 41.05 3.16
C ARG D 260 48.58 40.19 4.39
N HIS D 261 47.79 39.18 4.79
CA HIS D 261 48.08 38.27 5.98
C HIS D 261 47.97 38.99 7.34
N PHE D 262 48.85 39.97 7.54
CA PHE D 262 48.84 40.81 8.75
C PHE D 262 48.49 42.24 8.33
N ASP D 263 47.57 42.84 9.07
CA ASP D 263 47.09 44.17 8.76
C ASP D 263 48.15 45.26 9.06
N SER D 264 47.81 46.50 8.68
CA SER D 264 48.71 47.66 8.82
C SER D 264 49.22 47.94 10.24
N ASN D 265 48.59 47.35 11.23
CA ASN D 265 49.07 47.45 12.62
C ASN D 265 49.80 46.20 13.06
N GLY D 266 50.23 45.38 12.10
CA GLY D 266 50.89 44.09 12.38
C GLY D 266 49.99 43.02 12.99
N ARG D 267 48.68 43.19 12.87
CA ARG D 267 47.77 42.26 13.51
C ARG D 267 47.35 41.17 12.48
N LEU D 268 47.30 39.92 12.93
CA LEU D 268 46.97 38.80 12.06
C LEU D 268 45.52 38.83 11.65
N MET D 269 45.28 38.73 10.37
CA MET D 269 43.92 38.61 9.84
C MET D 269 43.58 37.15 9.55
N GLY D 270 42.30 36.82 9.60
CA GLY D 270 41.89 35.42 9.44
C GLY D 270 42.16 34.71 10.75
N ASP D 271 41.98 33.40 10.74
CA ASP D 271 42.01 32.63 12.00
C ASP D 271 43.38 32.03 12.32
N TYR D 272 44.28 32.03 11.32
CA TYR D 272 45.63 31.48 11.49
C TYR D 272 46.51 31.92 10.32
N GLU D 273 47.82 32.01 10.56
CA GLU D 273 48.74 32.28 9.46
C GLU D 273 48.99 31.05 8.59
N SER D 274 48.76 31.19 7.27
CA SER D 274 49.10 30.15 6.31
C SER D 274 50.34 30.62 5.53
N GLY D 275 51.23 29.69 5.20
CA GLY D 275 52.55 29.99 4.65
C GLY D 275 53.53 28.91 5.02
N TYR D 276 54.78 29.28 5.23
CA TYR D 276 55.84 28.28 5.48
C TYR D 276 55.98 27.11 4.53
N GLU D 277 55.55 27.25 3.26
CA GLU D 277 55.82 26.14 2.29
C GLU D 277 57.25 26.27 1.96
N ARG D 278 57.97 25.19 1.77
CA ARG D 278 59.41 25.42 1.46
C ARG D 278 60.29 25.75 2.70
N ARG D 279 60.01 26.81 3.49
CA ARG D 279 60.79 27.01 4.74
C ARG D 279 59.96 27.20 6.04
N LEU D 280 60.17 26.33 7.04
CA LEU D 280 59.43 26.47 8.30
C LEU D 280 60.02 27.56 9.19
N PRO D 281 59.25 28.13 10.18
CA PRO D 281 59.85 29.09 11.10
C PRO D 281 61.13 28.58 11.77
N ASP D 282 62.06 29.50 11.90
CA ASP D 282 63.32 29.20 12.56
C ASP D 282 63.03 28.92 14.04
N PRO D 283 63.49 27.76 14.55
CA PRO D 283 63.20 27.36 15.96
C PRO D 283 63.81 28.26 17.03
N VAL D 284 64.82 29.04 16.64
CA VAL D 284 65.50 29.97 17.53
C VAL D 284 64.99 31.38 17.26
N LYS D 285 64.88 31.77 15.99
CA LYS D 285 64.68 33.17 15.67
C LYS D 285 63.21 33.60 15.37
N ASP D 286 62.32 32.65 15.17
CA ASP D 286 60.97 32.94 14.79
C ASP D 286 59.96 32.51 15.83
N LEU D 287 60.31 32.64 17.11
CA LEU D 287 59.41 32.21 18.18
C LEU D 287 58.10 33.04 18.23
N LYS D 288 58.10 34.21 17.59
CA LYS D 288 56.90 35.05 17.46
C LYS D 288 55.71 34.21 16.98
N VAL D 289 55.97 33.21 16.10
CA VAL D 289 54.88 32.37 15.58
C VAL D 289 54.11 31.63 16.65
N THR D 290 54.65 31.50 17.87
CA THR D 290 53.91 30.70 18.85
C THR D 290 52.74 31.53 19.39
N GLN D 291 52.71 32.84 19.11
CA GLN D 291 51.63 33.67 19.63
C GLN D 291 50.32 33.60 18.84
N TRP D 292 50.35 32.95 17.67
CA TRP D 292 49.14 32.78 16.89
C TRP D 292 49.05 31.36 16.37
N ASP D 293 47.86 30.97 15.94
CA ASP D 293 47.73 29.69 15.25
C ASP D 293 48.27 29.90 13.84
N TRP D 294 48.75 28.80 13.23
CA TRP D 294 49.42 28.83 11.94
C TRP D 294 49.53 27.41 11.42
N GLU D 295 49.60 27.29 10.10
CA GLU D 295 49.59 25.99 9.45
C GLU D 295 50.57 26.05 8.25
N ALA D 296 51.45 25.06 8.13
CA ALA D 296 52.35 25.09 6.98
C ALA D 296 51.88 23.96 6.09
N CYS D 297 52.03 24.10 4.78
CA CYS D 297 51.74 23.02 3.86
C CYS D 297 53.00 22.78 3.04
N MET D 298 53.27 21.53 2.74
CA MET D 298 54.53 21.17 2.06
C MET D 298 54.33 20.15 0.95
N THR D 299 55.22 20.18 -0.03
CA THR D 299 55.21 19.27 -1.18
C THR D 299 56.27 18.20 -0.96
N ILE D 300 56.07 17.05 -1.59
CA ILE D 300 57.02 15.92 -1.45
C ILE D 300 58.27 16.17 -2.30
N PRO D 301 58.09 16.47 -3.62
CA PRO D 301 59.29 17.00 -4.31
C PRO D 301 59.44 18.46 -3.95
N GLU D 302 60.35 19.16 -4.60
CA GLU D 302 60.62 20.52 -4.23
C GLU D 302 59.48 21.48 -4.49
N ASN D 303 58.91 21.42 -5.69
CA ASN D 303 57.77 22.27 -6.03
C ASN D 303 56.75 21.64 -7.02
N GLN D 304 56.03 20.62 -6.59
CA GLN D 304 54.99 19.93 -7.43
C GLN D 304 53.80 19.67 -6.51
N TRP D 305 52.68 20.38 -6.74
CA TRP D 305 51.48 20.20 -5.92
C TRP D 305 50.50 19.30 -6.63
N GLY D 306 50.12 19.69 -7.86
CA GLY D 306 49.37 18.76 -8.76
C GLY D 306 50.36 17.71 -9.27
N TYR D 307 49.82 16.65 -9.87
CA TYR D 307 50.59 15.52 -10.36
C TYR D 307 51.49 15.88 -11.53
N HIS D 308 52.73 15.37 -11.44
CA HIS D 308 53.74 15.54 -12.46
C HIS D 308 54.27 14.19 -12.75
N LYS D 309 54.26 13.81 -14.05
CA LYS D 309 54.77 12.52 -14.55
C LYS D 309 56.22 12.22 -14.15
N ASP D 310 57.04 13.25 -14.06
CA ASP D 310 58.50 13.10 -13.82
C ASP D 310 59.03 13.76 -12.50
N TRP D 311 59.09 12.97 -11.43
CA TRP D 311 59.64 13.42 -10.12
C TRP D 311 61.21 13.45 -10.04
N SER D 312 61.88 12.96 -11.11
CA SER D 312 63.33 12.88 -11.09
C SER D 312 63.94 14.26 -11.29
N LEU D 313 63.09 15.24 -11.56
CA LEU D 313 63.56 16.56 -11.91
C LEU D 313 64.04 17.43 -10.75
N SER D 314 63.59 17.15 -9.51
CA SER D 314 63.95 17.99 -8.33
C SER D 314 64.07 17.06 -7.17
N TYR D 315 64.61 17.57 -6.07
CA TYR D 315 64.77 16.70 -4.92
C TYR D 315 63.36 16.26 -4.39
N VAL D 316 63.24 14.98 -4.10
CA VAL D 316 62.07 14.42 -3.48
C VAL D 316 62.39 14.04 -2.03
N LYS D 317 61.52 14.42 -1.11
CA LYS D 317 61.91 14.30 0.32
C LYS D 317 61.73 12.87 0.74
N THR D 318 62.57 12.40 1.67
CA THR D 318 62.36 11.08 2.21
C THR D 318 61.39 11.21 3.38
N PRO D 319 60.87 10.08 3.85
CA PRO D 319 59.85 10.06 4.88
C PRO D 319 60.38 10.67 6.20
N ILE D 320 61.62 10.35 6.55
CA ILE D 320 62.14 10.96 7.79
C ILE D 320 62.27 12.51 7.65
N GLU D 321 62.58 13.00 6.43
CA GLU D 321 62.64 14.45 6.17
C GLU D 321 61.26 15.07 6.29
N VAL D 322 60.21 14.27 6.05
CA VAL D 322 58.87 14.80 6.15
C VAL D 322 58.45 14.84 7.64
N ILE D 323 58.73 13.72 8.32
CA ILE D 323 58.46 13.59 9.74
C ILE D 323 59.15 14.69 10.55
N ASP D 324 60.39 14.98 10.18
CA ASP D 324 61.09 16.14 10.74
C ASP D 324 60.25 17.44 10.65
N ARG D 325 59.66 17.71 9.48
CA ARG D 325 58.99 18.98 9.27
C ARG D 325 57.70 19.02 10.05
N ILE D 326 57.02 17.88 10.11
CA ILE D 326 55.80 17.78 10.85
C ILE D 326 56.07 18.12 12.31
N VAL D 327 57.11 17.48 12.86
CA VAL D 327 57.45 17.67 14.30
C VAL D 327 57.92 19.09 14.61
N HIS D 328 58.75 19.61 13.68
CA HIS D 328 59.19 20.98 13.72
C HIS D 328 57.94 21.88 13.83
N ALA D 329 56.90 21.61 13.03
CA ALA D 329 55.75 22.55 13.00
C ALA D 329 55.08 22.53 14.37
N VAL D 330 54.74 21.34 14.81
CA VAL D 330 54.09 21.14 16.13
C VAL D 330 54.92 21.75 17.25
N SER D 331 56.25 21.60 17.19
CA SER D 331 57.12 22.10 18.23
C SER D 331 57.04 23.58 18.32
N MET D 332 56.56 24.24 17.24
CA MET D 332 56.42 25.68 17.26
C MET D 332 54.95 26.16 17.24
N GLY D 333 54.06 25.22 17.57
CA GLY D 333 52.64 25.52 17.82
C GLY D 333 51.81 25.68 16.55
N GLY D 334 52.22 25.00 15.46
CA GLY D 334 51.49 25.08 14.22
C GLY D 334 51.20 23.71 13.68
N ASN D 335 50.29 23.68 12.71
CA ASN D 335 49.98 22.49 11.98
C ASN D 335 50.86 22.32 10.81
N MET D 336 50.92 21.09 10.32
CA MET D 336 51.64 20.78 9.11
C MET D 336 50.74 19.94 8.17
N VAL D 337 50.64 20.31 6.89
CA VAL D 337 49.79 19.55 5.97
C VAL D 337 50.68 19.04 4.81
N VAL D 338 50.72 17.73 4.62
CA VAL D 338 51.63 17.14 3.61
C VAL D 338 50.79 17.02 2.33
N ASN D 339 51.31 17.54 1.22
CA ASN D 339 50.57 17.50 -0.05
C ASN D 339 50.63 16.19 -0.83
N PHE D 340 49.45 15.84 -1.36
CA PHE D 340 49.29 14.80 -2.40
C PHE D 340 48.71 15.30 -3.75
N GLY D 341 49.31 14.89 -4.87
CA GLY D 341 48.72 15.17 -6.23
C GLY D 341 48.30 13.90 -6.99
N PRO D 342 47.08 13.43 -6.76
CA PRO D 342 46.64 12.13 -7.32
C PRO D 342 46.74 12.05 -8.87
N GLN D 343 46.91 10.84 -9.41
CA GLN D 343 46.91 10.71 -10.89
C GLN D 343 45.54 11.05 -11.52
N ALA D 344 45.60 11.25 -12.85
CA ALA D 344 44.43 11.42 -13.73
C ALA D 344 43.37 10.32 -13.50
N ASP D 345 43.83 9.07 -13.38
CA ASP D 345 42.90 7.94 -13.17
C ASP D 345 42.21 7.86 -11.81
N GLY D 346 42.68 8.66 -10.81
CA GLY D 346 42.12 8.72 -9.43
C GLY D 346 42.76 7.82 -8.38
N ASP D 347 43.93 7.30 -8.73
CA ASP D 347 44.78 6.55 -7.85
C ASP D 347 45.97 7.47 -7.49
N PHE D 348 46.77 7.05 -6.49
CA PHE D 348 48.03 7.72 -6.07
C PHE D 348 49.24 7.03 -6.62
N ARG D 349 50.19 7.82 -7.11
CA ARG D 349 51.49 7.31 -7.56
C ARG D 349 52.18 6.52 -6.41
N PRO D 350 53.14 5.59 -6.75
CA PRO D 350 53.82 4.68 -5.78
C PRO D 350 54.55 5.39 -4.61
N GLU D 351 55.22 6.47 -4.95
CA GLU D 351 55.95 7.27 -3.98
C GLU D 351 55.01 7.82 -2.91
N GLU D 352 53.83 8.28 -3.31
CA GLU D 352 52.91 8.91 -2.37
C GLU D 352 52.31 7.87 -1.43
N LYS D 353 52.10 6.66 -1.96
CA LYS D 353 51.52 5.60 -1.17
C LYS D 353 52.59 5.18 -0.15
N ALA D 354 53.84 5.11 -0.60
CA ALA D 354 54.96 4.77 0.29
C ALA D 354 55.12 5.85 1.39
N MET D 355 55.09 7.12 0.98
CA MET D 355 55.05 8.25 1.93
C MET D 355 53.97 8.16 3.04
N ALA D 356 52.70 8.06 2.68
CA ALA D 356 51.63 8.09 3.64
C ALA D 356 51.81 6.91 4.58
N THR D 357 52.22 5.77 4.01
CA THR D 357 52.45 4.57 4.78
C THR D 357 53.58 4.75 5.83
N ALA D 358 54.71 5.32 5.42
CA ALA D 358 55.84 5.53 6.38
C ALA D 358 55.52 6.57 7.46
N ILE D 359 54.95 7.70 7.05
CA ILE D 359 54.30 8.58 8.02
C ILE D 359 53.32 7.88 9.01
N GLY D 360 52.37 7.06 8.49
CA GLY D 360 51.34 6.44 9.34
C GLY D 360 52.02 5.46 10.35
N LYS D 361 53.11 4.79 9.90
CA LYS D 361 53.87 3.81 10.71
C LYS D 361 54.50 4.54 11.91
N TRP D 362 55.14 5.67 11.59
CA TRP D 362 55.85 6.44 12.59
C TRP D 362 54.80 7.11 13.49
N MET D 363 53.71 7.59 12.91
CA MET D 363 52.76 8.30 13.75
C MET D 363 52.03 7.38 14.73
N ASN D 364 51.81 6.16 14.29
CA ASN D 364 51.13 5.19 15.15
C ASN D 364 51.93 4.96 16.43
N ARG D 365 53.25 4.87 16.27
CA ARG D 365 54.15 4.67 17.41
C ARG D 365 54.38 5.93 18.28
N TYR D 366 54.54 7.07 17.59
CA TYR D 366 55.03 8.21 18.30
C TYR D 366 54.09 9.39 18.31
N GLY D 367 52.91 9.23 17.72
CA GLY D 367 51.98 10.35 17.62
C GLY D 367 51.46 11.00 18.90
N LYS D 368 51.56 10.35 20.06
CA LYS D 368 51.24 11.08 21.32
C LYS D 368 52.02 12.42 21.51
N ALA D 369 53.16 12.51 20.86
CA ALA D 369 54.00 13.72 20.91
C ALA D 369 53.63 14.69 19.82
N VAL D 370 52.69 14.31 18.96
CA VAL D 370 52.28 15.17 17.83
C VAL D 370 50.85 15.69 18.07
N TYR D 371 49.89 14.76 18.11
CA TYR D 371 48.51 15.12 18.20
C TYR D 371 48.22 15.86 19.45
N ALA D 372 47.48 16.95 19.29
CA ALA D 372 47.06 17.75 20.45
C ALA D 372 48.26 18.29 21.25
N CYS D 373 49.44 18.33 20.62
CA CYS D 373 50.59 18.94 21.26
C CYS D 373 50.83 20.40 20.80
N ASP D 374 51.78 21.06 21.43
CA ASP D 374 52.04 22.51 21.19
C ASP D 374 53.48 22.86 21.59
N TYR D 375 53.84 24.16 21.51
CA TYR D 375 55.12 24.65 21.86
C TYR D 375 55.40 24.38 23.34
N ALA D 376 56.63 23.97 23.67
CA ALA D 376 56.96 23.57 25.05
C ALA D 376 57.63 24.69 25.85
N GLY D 377 58.08 25.75 25.17
CA GLY D 377 58.69 26.89 25.84
C GLY D 377 60.12 26.61 26.31
N PHE D 378 60.74 25.53 25.82
CA PHE D 378 62.19 25.26 26.15
C PHE D 378 63.11 25.76 25.02
N GLU D 379 64.32 26.18 25.36
CA GLU D 379 65.35 26.53 24.38
C GLU D 379 65.68 25.32 23.48
N LYS D 380 65.76 25.53 22.18
CA LYS D 380 66.02 24.47 21.18
C LYS D 380 67.38 23.85 21.35
N GLN D 381 67.47 22.56 21.11
CA GLN D 381 68.72 21.82 21.27
C GLN D 381 68.93 21.05 20.00
N ASP D 382 70.19 20.64 19.77
CA ASP D 382 70.62 20.11 18.47
C ASP D 382 70.02 18.73 18.09
N TRP D 383 69.61 17.97 19.11
CA TRP D 383 69.18 16.63 18.86
C TRP D 383 67.77 16.57 18.23
N GLY D 384 66.98 17.64 18.24
CA GLY D 384 65.59 17.46 17.86
C GLY D 384 64.71 18.52 18.43
N TYR D 385 63.45 18.16 18.72
CA TYR D 385 62.42 19.12 19.10
C TYR D 385 61.74 18.66 20.34
N TYR D 386 61.25 19.64 21.12
CA TYR D 386 60.34 19.38 22.22
C TYR D 386 58.90 19.61 21.75
N THR D 387 57.98 18.79 22.25
CA THR D 387 56.55 19.16 22.16
C THR D 387 55.89 19.03 23.53
N ARG D 388 54.81 19.79 23.76
CA ARG D 388 54.13 19.78 25.04
C ARG D 388 52.73 19.18 24.89
N GLY D 389 52.42 18.14 25.69
CA GLY D 389 51.14 17.43 25.68
C GLY D 389 50.11 18.19 26.50
N LYS D 390 48.84 17.76 26.41
CA LYS D 390 47.71 18.43 27.09
C LYS D 390 47.85 18.44 28.62
N ASN D 391 48.60 17.48 29.15
CA ASN D 391 48.76 17.37 30.61
C ASN D 391 50.17 17.68 31.06
N ASP D 392 50.80 18.59 30.34
CA ASP D 392 52.12 19.03 30.67
C ASP D 392 53.21 18.03 30.54
N GLU D 393 52.97 16.93 29.82
CA GLU D 393 54.04 16.03 29.37
C GLU D 393 54.93 16.83 28.45
N VAL D 394 56.26 16.66 28.55
CA VAL D 394 57.19 17.35 27.69
C VAL D 394 57.91 16.23 26.95
N TYR D 395 57.75 16.18 25.63
CA TYR D 395 58.31 15.14 24.77
C TYR D 395 59.58 15.67 24.15
N MET D 396 60.60 14.84 24.15
CA MET D 396 61.77 15.17 23.39
C MET D 396 61.72 14.28 22.21
N VAL D 397 61.72 14.87 21.01
CA VAL D 397 61.70 14.03 19.83
C VAL D 397 63.04 14.06 19.15
N VAL D 398 63.75 12.95 19.18
CA VAL D 398 65.13 12.93 18.79
C VAL D 398 65.36 12.55 17.36
N PHE D 399 65.95 13.45 16.57
CA PHE D 399 66.24 13.17 15.16
C PHE D 399 67.73 13.06 14.92
N ASN D 400 68.56 13.62 15.79
CA ASN D 400 70.03 13.66 15.56
C ASN D 400 70.73 13.13 16.79
N GLN D 401 71.38 11.98 16.66
CA GLN D 401 71.76 11.19 17.84
C GLN D 401 73.19 11.60 18.24
N PRO D 402 73.38 12.17 19.47
CA PRO D 402 74.75 12.63 19.82
C PRO D 402 75.70 11.51 20.14
N TYR D 403 76.91 11.56 19.58
CA TYR D 403 77.96 10.60 19.97
C TYR D 403 78.33 10.61 21.48
N SER D 404 78.17 11.79 22.12
CA SER D 404 78.37 11.96 23.56
C SER D 404 77.42 11.06 24.36
N GLU D 405 76.40 10.56 23.70
CA GLU D 405 75.36 9.73 24.38
C GLU D 405 74.51 10.46 25.38
N ARG D 406 74.57 11.80 25.31
CA ARG D 406 73.84 12.63 26.23
C ARG D 406 73.03 13.69 25.46
N LEU D 407 71.85 14.00 25.96
CA LEU D 407 70.91 14.85 25.28
C LEU D 407 70.70 16.01 26.22
N ILE D 408 71.12 17.18 25.81
CA ILE D 408 71.23 18.27 26.74
C ILE D 408 69.85 18.83 26.86
N VAL D 409 69.43 19.06 28.10
CA VAL D 409 68.10 19.64 28.29
C VAL D 409 68.27 20.86 29.16
N LYS D 410 68.08 22.05 28.57
CA LYS D 410 68.11 23.24 29.38
C LYS D 410 66.68 23.66 29.71
N THR D 411 66.34 23.78 30.98
CA THR D 411 64.93 23.97 31.44
C THR D 411 64.69 25.46 31.64
N PRO D 412 63.44 25.94 31.50
CA PRO D 412 63.19 27.37 31.82
C PRO D 412 63.32 27.58 33.36
N LYS D 413 63.42 28.84 33.80
CA LYS D 413 63.48 29.21 35.22
C LYS D 413 62.30 28.56 35.92
N GLY D 414 62.56 27.83 37.01
CA GLY D 414 61.47 27.21 37.79
C GLY D 414 61.13 25.79 37.41
N ILE D 415 61.66 25.32 36.29
CA ILE D 415 61.26 24.03 35.80
C ILE D 415 62.33 23.01 36.12
N THR D 416 61.96 21.85 36.64
CA THR D 416 62.92 20.78 36.82
C THR D 416 62.38 19.56 36.13
N VAL D 417 63.27 18.66 35.76
CA VAL D 417 62.89 17.40 35.18
C VAL D 417 62.89 16.34 36.28
N GLU D 418 61.76 15.68 36.51
CA GLU D 418 61.64 14.68 37.56
C GLU D 418 61.94 13.30 37.03
N LYS D 419 61.57 13.02 35.81
CA LYS D 419 61.80 11.67 35.31
C LYS D 419 61.89 11.74 33.81
N ALA D 420 62.60 10.78 33.23
CA ALA D 420 62.62 10.57 31.81
C ALA D 420 62.28 9.12 31.52
N THR D 421 61.40 8.95 30.53
CA THR D 421 60.92 7.62 30.14
C THR D 421 60.95 7.47 28.62
N LEU D 422 61.47 6.34 28.16
CA LEU D 422 61.40 6.02 26.74
C LEU D 422 59.94 5.72 26.34
N LEU D 423 59.41 6.44 25.35
CA LEU D 423 57.94 6.44 25.12
C LEU D 423 57.37 5.07 24.82
N THR D 424 58.05 4.40 23.88
CA THR D 424 57.63 3.11 23.37
C THR D 424 57.67 1.97 24.38
N THR D 425 58.72 1.89 25.21
CA THR D 425 58.90 0.73 26.14
C THR D 425 58.55 1.08 27.59
N GLY D 426 58.41 2.36 27.89
CA GLY D 426 58.13 2.76 29.25
C GLY D 426 59.34 2.67 30.18
N GLU D 427 60.47 2.21 29.63
CA GLU D 427 61.67 2.12 30.41
C GLU D 427 62.16 3.50 30.94
N ASP D 428 62.66 3.52 32.16
CA ASP D 428 63.23 4.71 32.74
C ASP D 428 64.58 5.09 32.10
N ILE D 429 64.80 6.39 31.94
CA ILE D 429 66.01 6.89 31.26
C ILE D 429 66.78 7.78 32.23
N THR D 430 68.11 7.63 32.32
CA THR D 430 68.91 8.42 33.31
C THR D 430 68.90 9.91 33.02
N VAL D 431 68.71 10.73 34.06
CA VAL D 431 68.77 12.17 33.96
C VAL D 431 69.83 12.63 34.93
N VAL D 432 70.82 13.41 34.48
CA VAL D 432 71.91 13.85 35.38
C VAL D 432 71.94 15.36 35.29
N GLU D 433 71.95 16.02 36.42
CA GLU D 433 72.02 17.47 36.42
C GLU D 433 73.43 17.94 36.06
N THR D 434 73.57 18.89 35.13
CA THR D 434 74.93 19.31 34.80
C THR D 434 75.24 20.71 35.39
N THR D 435 74.23 21.54 35.58
CA THR D 435 74.39 22.94 35.96
C THR D 435 73.01 23.28 36.52
N ARG D 436 72.82 24.52 37.00
CA ARG D 436 71.49 24.96 37.47
C ARG D 436 70.69 25.10 36.19
N ASN D 437 69.56 24.45 36.07
CA ASN D 437 68.81 24.62 34.83
C ASN D 437 69.30 23.83 33.66
N GLU D 438 70.22 22.90 33.87
CA GLU D 438 70.63 22.02 32.77
C GLU D 438 70.89 20.58 33.16
N TYR D 439 70.51 19.65 32.29
CA TYR D 439 70.61 18.24 32.51
C TYR D 439 71.20 17.57 31.31
N ASN D 440 71.84 16.42 31.53
CA ASN D 440 72.07 15.49 30.47
C ASN D 440 71.03 14.41 30.58
N VAL D 441 70.18 14.26 29.57
CA VAL D 441 69.31 13.11 29.54
C VAL D 441 70.01 12.06 28.68
N SER D 442 70.15 10.84 29.20
CA SER D 442 70.94 9.78 28.52
C SER D 442 70.22 9.26 27.25
N VAL D 443 70.94 8.81 26.23
CA VAL D 443 70.25 8.15 25.09
C VAL D 443 69.83 6.76 25.58
N PRO D 444 68.84 6.12 24.93
CA PRO D 444 68.52 4.80 25.51
C PRO D 444 69.68 3.81 25.35
N LYS D 445 69.70 2.73 26.16
CA LYS D 445 70.81 1.75 26.12
C LYS D 445 70.83 1.10 24.75
N LYS D 446 69.64 0.78 24.24
CA LYS D 446 69.45 0.33 22.86
C LYS D 446 69.10 1.48 21.89
N ASN D 447 69.92 1.71 20.88
CA ASN D 447 69.63 2.76 19.91
C ASN D 447 68.32 2.48 19.15
N PRO D 448 67.35 3.43 19.22
CA PRO D 448 66.04 3.06 18.66
C PRO D 448 66.08 2.91 17.13
N GLY D 449 67.14 3.43 16.50
CA GLY D 449 67.36 3.32 15.07
C GLY D 449 66.43 4.19 14.22
N GLU D 450 65.65 5.05 14.85
CA GLU D 450 64.70 5.92 14.18
C GLU D 450 64.42 7.16 15.05
N PRO D 451 63.90 8.24 14.46
CA PRO D 451 63.52 9.32 15.35
C PRO D 451 62.66 8.82 16.47
N TYR D 452 63.00 9.16 17.71
CA TYR D 452 62.26 8.61 18.84
C TYR D 452 61.87 9.62 19.89
N VAL D 453 61.04 9.19 20.84
CA VAL D 453 60.51 10.09 21.81
C VAL D 453 60.88 9.66 23.22
N ILE D 454 61.47 10.60 23.97
CA ILE D 454 61.61 10.44 25.39
C ILE D 454 60.66 11.38 26.07
N GLN D 455 59.85 10.85 26.97
CA GLN D 455 58.86 11.70 27.65
C GLN D 455 59.40 12.13 29.00
N LEU D 456 59.26 13.42 29.34
CA LEU D 456 59.78 13.97 30.57
C LEU D 456 58.64 14.27 31.47
N LYS D 457 58.82 14.01 32.76
CA LYS D 457 57.91 14.59 33.69
C LYS D 457 58.59 15.81 34.22
N VAL D 458 57.95 16.97 34.10
CA VAL D 458 58.52 18.19 34.62
C VAL D 458 57.67 18.72 35.77
N ARG D 459 58.22 19.67 36.52
CA ARG D 459 57.53 20.26 37.62
C ARG D 459 57.89 21.70 37.58
N ALA D 460 56.95 22.55 37.97
CA ALA D 460 57.22 23.96 38.06
C ALA D 460 57.17 24.39 39.53
N ALA D 461 58.10 25.23 39.97
CA ALA D 461 57.99 25.77 41.33
C ALA D 461 56.76 26.67 41.48
N LYS D 462 56.12 26.61 42.66
CA LYS D 462 55.06 27.54 43.04
C LYS D 462 55.59 28.98 42.98
N GLY D 463 54.80 29.91 42.45
CA GLY D 463 55.25 31.28 42.35
C GLY D 463 55.78 31.59 40.96
N THR D 464 56.79 30.82 40.50
CA THR D 464 57.38 30.93 39.14
C THR D 464 56.30 31.14 38.09
N LYS D 465 56.15 32.38 37.63
CA LYS D 465 55.25 32.66 36.52
C LYS D 465 55.82 31.83 35.38
N SER D 466 54.97 30.98 34.83
CA SER D 466 55.40 29.91 33.96
C SER D 466 54.18 29.46 33.17
N ILE D 467 54.41 28.73 32.08
CA ILE D 467 53.33 28.22 31.26
C ILE D 467 52.88 26.83 31.76
N TYR D 468 53.59 26.31 32.75
CA TYR D 468 53.21 25.10 33.44
C TYR D 468 52.65 25.54 34.78
#